data_5IZ7
#
_entry.id   5IZ7
#
_cell.length_a   1.0
_cell.length_b   1.0
_cell.length_c   1.0
_cell.angle_alpha   90.0
_cell.angle_beta   90.0
_cell.angle_gamma   90.0
#
_symmetry.space_group_name_H-M   'P 1'
#
loop_
_entity.id
_entity.type
_entity.pdbx_description
1 polymer 'structural protein E'
2 polymer 'structural protein M'
3 non-polymer 2-acetamido-2-deoxy-beta-D-glucopyranose
#
loop_
_entity_poly.entity_id
_entity_poly.type
_entity_poly.pdbx_seq_one_letter_code
_entity_poly.pdbx_strand_id
1 'polypeptide(L)'
;IRCIGVSNRDFVEGMSGGTWVDVVLEHGGCVTVMAQDKPTVDIELVTTTVSNMAEVRSYCYEASISDMASDSRCPTQGEA
YLDKQSDTQYVCKRTLVDRGWGNGCGLFGKGSLVTCAKFACSKKMTGKSIQPENLEYRIMLSVHGSQHSGMIVNDTGHET
DENRAKVEITPNSPRAEATLGGFGSLGLDCEPRTGLDFSDLYYLTMNNKHWLVHKEWFHDIPLPWHAGADTGTPHWNNKE
ALVEFKDAHAKRQTVVVLGSQEGAVHTALAGALEAEMDGAKGRLSSGHLKCRLKMDKLRLKGVSYSLCTAAFTFTKIPAE
TLHGTVTVEVQYAGTDGPCKVPAQMAVDMQTLTPVGRLITANPVITESTENSKMMLELDPPFGDSYIVIGVGEKKITHHW
HRSGSTIGKAFEATVRGAKRMAVLGDTAWDFGSVGGALNSLGKGIHQIFGAAFKSLFGGMSWFSQILIGTLLMWLGLNTK
NGSISLMCLALGGVLIFLSTAVSA
;
A,C,B
2 'polypeptide(L)' AVTLPSHSTRKLQTRSQTWLESREYTKHLIRVENWIFRNPGFALAAAAIAWLLGSSTSQKVIYLVMILLIAPAYS D,E,F
#
# COMPACT_ATOMS: atom_id res chain seq x y z
N ILE A 1 22.38 32.26 49.89
CA ILE A 1 21.83 31.29 50.88
C ILE A 1 21.01 30.20 50.19
N ARG A 2 19.82 30.54 49.69
CA ARG A 2 18.97 29.54 49.04
C ARG A 2 19.72 28.49 48.24
N CYS A 3 20.76 28.94 47.53
CA CYS A 3 21.54 28.05 46.70
C CYS A 3 22.98 28.02 47.12
N ILE A 4 23.21 27.51 48.33
CA ILE A 4 24.55 27.39 48.84
C ILE A 4 25.15 26.11 48.24
N GLY A 5 25.05 25.94 46.93
CA GLY A 5 25.62 24.75 46.33
C GLY A 5 24.69 23.92 45.51
N VAL A 6 24.57 24.30 44.26
CA VAL A 6 23.75 23.57 43.33
C VAL A 6 24.60 23.58 42.07
N SER A 7 24.71 22.45 41.37
CA SER A 7 25.50 22.40 40.15
C SER A 7 24.91 23.49 39.25
N ASN A 8 25.75 24.43 38.84
CA ASN A 8 25.32 25.51 37.97
C ASN A 8 24.75 26.76 38.64
N ARG A 9 25.20 27.11 39.84
CA ARG A 9 24.74 28.35 40.47
C ARG A 9 25.79 29.40 40.15
N ASP A 10 25.42 30.37 39.32
CA ASP A 10 26.35 31.41 38.92
C ASP A 10 26.07 32.74 39.56
N PHE A 11 27.06 33.62 39.52
CA PHE A 11 26.92 34.92 40.14
C PHE A 11 27.00 36.06 39.15
N VAL A 12 26.54 37.22 39.61
CA VAL A 12 26.54 38.43 38.79
C VAL A 12 26.84 39.70 39.62
N GLU A 13 27.95 39.64 40.38
CA GLU A 13 28.42 40.74 41.25
C GLU A 13 28.41 42.01 40.42
N GLY A 14 28.40 41.80 39.10
CA GLY A 14 28.38 42.89 38.16
C GLY A 14 26.99 43.22 37.68
N MET A 15 26.23 43.90 38.53
CA MET A 15 24.89 44.33 38.17
C MET A 15 25.07 45.27 36.98
N SER A 16 26.18 46.00 37.03
CA SER A 16 26.64 46.96 36.02
C SER A 16 25.61 47.86 35.35
N GLY A 17 24.48 48.08 36.01
CA GLY A 17 23.50 48.93 35.40
C GLY A 17 22.97 49.91 36.41
N GLY A 18 22.19 50.86 35.94
CA GLY A 18 21.59 51.83 36.83
C GLY A 18 20.50 51.12 37.62
N THR A 19 20.90 49.99 38.22
CA THR A 19 20.05 49.10 39.00
C THR A 19 19.34 48.13 38.08
N TRP A 20 19.79 48.09 36.84
CA TRP A 20 19.18 47.19 35.91
C TRP A 20 20.17 46.12 35.50
N VAL A 21 19.79 44.86 35.66
CA VAL A 21 20.62 43.72 35.32
C VAL A 21 19.73 42.50 35.13
N ASP A 22 19.92 41.84 33.99
CA ASP A 22 19.12 40.69 33.59
C ASP A 22 19.61 39.31 34.09
N VAL A 23 19.03 38.22 33.54
CA VAL A 23 19.39 36.85 33.92
C VAL A 23 18.37 35.81 33.44
N VAL A 24 18.85 34.59 33.29
CA VAL A 24 17.99 33.50 32.85
C VAL A 24 17.82 32.44 33.91
N LEU A 25 17.02 32.72 34.93
CA LEU A 25 16.82 31.76 36.01
C LEU A 25 16.03 30.50 35.62
N GLU A 26 16.75 29.44 35.24
CA GLU A 26 16.13 28.18 34.81
C GLU A 26 15.82 27.18 35.91
N HIS A 27 15.11 26.14 35.51
CA HIS A 27 14.73 25.09 36.43
C HIS A 27 16.03 24.42 36.91
N GLY A 28 17.09 24.58 36.10
CA GLY A 28 18.36 24.00 36.46
C GLY A 28 19.20 24.88 37.36
N GLY A 29 19.10 24.65 38.67
CA GLY A 29 19.89 25.43 39.60
C GLY A 29 19.46 26.88 39.77
N CYS A 30 20.37 27.72 40.26
CA CYS A 30 20.04 29.13 40.47
C CYS A 30 21.16 30.13 40.35
N VAL A 31 20.80 31.37 40.59
CA VAL A 31 21.74 32.44 40.49
C VAL A 31 21.66 33.37 41.68
N THR A 32 22.82 33.86 42.07
CA THR A 32 22.99 34.77 43.20
C THR A 32 23.47 36.08 42.63
N VAL A 33 22.86 37.19 42.99
CA VAL A 33 23.39 38.44 42.47
C VAL A 33 23.54 39.42 43.61
N MET A 34 24.64 40.19 43.55
CA MET A 34 24.97 41.19 44.57
C MET A 34 25.63 42.41 43.94
N ALA A 35 24.93 43.54 43.96
CA ALA A 35 25.48 44.75 43.38
C ALA A 35 26.43 45.41 44.39
N GLN A 36 27.29 46.29 43.89
CA GLN A 36 28.27 47.00 44.71
C GLN A 36 27.94 47.20 46.17
N ASP A 37 26.67 47.40 46.46
CA ASP A 37 26.23 47.69 47.81
C ASP A 37 25.04 46.86 48.28
N LYS A 38 24.21 46.45 47.34
CA LYS A 38 22.99 45.70 47.64
C LYS A 38 23.14 44.32 48.27
N PRO A 39 22.23 43.99 49.22
CA PRO A 39 22.27 42.70 49.90
C PRO A 39 22.42 41.69 48.79
N THR A 40 22.81 40.46 49.11
CA THR A 40 22.95 39.49 48.03
C THR A 40 21.76 38.56 48.03
N VAL A 41 21.25 38.25 46.84
CA VAL A 41 20.09 37.39 46.71
C VAL A 41 20.21 36.23 45.78
N ASP A 42 19.42 35.21 46.12
CA ASP A 42 19.35 33.95 45.39
C ASP A 42 17.95 33.69 44.79
N ILE A 43 17.82 33.85 43.46
CA ILE A 43 16.56 33.62 42.76
C ILE A 43 16.66 32.25 42.09
N GLU A 44 15.51 31.65 41.76
CA GLU A 44 15.52 30.33 41.12
C GLU A 44 14.20 29.99 40.49
N LEU A 45 14.22 29.43 39.28
CA LEU A 45 12.96 29.07 38.69
C LEU A 45 12.48 27.77 39.31
N VAL A 46 12.07 27.86 40.57
CA VAL A 46 11.59 26.72 41.30
C VAL A 46 10.63 25.84 40.52
N THR A 47 9.49 26.36 40.09
CA THR A 47 8.51 25.56 39.36
C THR A 47 7.81 26.34 38.28
N THR A 48 6.98 25.67 37.50
CA THR A 48 6.17 26.33 36.49
C THR A 48 4.97 25.47 36.36
N THR A 49 3.83 26.07 36.06
CA THR A 49 2.63 25.26 35.98
C THR A 49 1.61 25.66 34.93
N VAL A 50 1.50 24.91 33.83
CA VAL A 50 0.47 25.24 32.84
C VAL A 50 -0.84 25.09 33.59
N SER A 51 -1.92 25.67 33.10
CA SER A 51 -3.18 25.56 33.84
C SER A 51 -4.27 24.88 33.05
N ASN A 52 -4.76 25.56 32.04
CA ASN A 52 -5.81 24.99 31.22
C ASN A 52 -5.15 24.51 29.97
N MET A 53 -5.57 23.33 29.55
CA MET A 53 -5.00 22.72 28.39
C MET A 53 -6.13 22.01 27.64
N ALA A 54 -6.41 22.47 26.43
CA ALA A 54 -7.47 21.89 25.61
C ALA A 54 -6.90 20.67 24.90
N GLU A 55 -7.44 19.48 25.15
CA GLU A 55 -6.92 18.30 24.49
C GLU A 55 -7.29 18.30 23.03
N VAL A 56 -6.29 18.06 22.20
CA VAL A 56 -6.44 18.05 20.74
C VAL A 56 -6.79 16.65 20.19
N ARG A 57 -5.93 15.68 20.47
CA ARG A 57 -6.18 14.33 20.03
C ARG A 57 -6.23 13.48 21.24
N SER A 58 -6.52 12.22 21.00
CA SER A 58 -6.58 11.24 22.04
C SER A 58 -6.13 9.99 21.31
N TYR A 59 -4.83 9.88 21.11
CA TYR A 59 -4.29 8.72 20.44
C TYR A 59 -4.64 7.49 21.23
N CYS A 60 -4.73 6.37 20.53
CA CYS A 60 -5.05 5.12 21.19
C CYS A 60 -3.90 4.14 20.92
N TYR A 61 -3.27 3.60 21.95
CA TYR A 61 -2.16 2.66 21.70
C TYR A 61 -2.47 1.18 21.92
N GLU A 62 -3.70 0.89 22.34
CA GLU A 62 -4.17 -0.47 22.59
C GLU A 62 -5.50 -0.75 21.99
N ALA A 63 -5.49 -1.46 20.89
CA ALA A 63 -6.73 -1.77 20.21
C ALA A 63 -7.22 -3.15 20.59
N SER A 64 -8.52 -3.26 20.70
CA SER A 64 -9.12 -4.54 21.01
C SER A 64 -10.17 -4.75 19.92
N ILE A 65 -10.17 -5.94 19.31
CA ILE A 65 -11.12 -6.27 18.24
C ILE A 65 -12.19 -7.24 18.71
N SER A 66 -13.18 -7.49 17.86
CA SER A 66 -14.28 -8.40 18.18
C SER A 66 -15.19 -8.49 16.97
N ASP A 67 -16.37 -9.08 17.13
CA ASP A 67 -17.33 -9.19 16.01
C ASP A 67 -16.71 -9.54 14.66
N MET A 68 -15.60 -10.28 14.71
CA MET A 68 -14.94 -10.69 13.47
C MET A 68 -16.08 -11.22 12.62
N ALA A 69 -16.15 -10.75 11.39
CA ALA A 69 -17.19 -11.18 10.49
C ALA A 69 -16.50 -11.17 9.12
N SER A 70 -17.23 -11.46 8.06
CA SER A 70 -16.65 -11.45 6.72
C SER A 70 -17.69 -11.89 5.68
N ASP A 71 -17.36 -11.70 4.41
CA ASP A 71 -18.22 -12.09 3.29
C ASP A 71 -17.37 -12.29 2.04
N SER A 72 -17.89 -13.07 1.09
CA SER A 72 -17.16 -13.33 -0.13
C SER A 72 -18.06 -13.13 -1.33
N ARG A 73 -17.47 -13.18 -2.53
CA ARG A 73 -18.24 -12.97 -3.73
C ARG A 73 -17.57 -13.64 -4.90
N CYS A 74 -18.32 -14.45 -5.64
CA CYS A 74 -17.73 -15.13 -6.79
C CYS A 74 -17.28 -14.09 -7.80
N PRO A 75 -16.18 -14.37 -8.52
CA PRO A 75 -15.56 -13.52 -9.53
C PRO A 75 -16.49 -12.93 -10.57
N THR A 76 -17.78 -13.13 -10.36
CA THR A 76 -18.78 -12.63 -11.28
C THR A 76 -19.67 -11.56 -10.66
N GLN A 77 -20.07 -11.77 -9.40
CA GLN A 77 -20.97 -10.87 -8.66
C GLN A 77 -20.42 -9.50 -8.21
N GLY A 78 -19.31 -9.08 -8.81
CA GLY A 78 -18.74 -7.78 -8.46
C GLY A 78 -18.09 -7.67 -7.10
N GLU A 79 -18.57 -6.74 -6.28
CA GLU A 79 -17.98 -6.49 -4.96
C GLU A 79 -18.54 -7.34 -3.84
N ALA A 80 -18.18 -6.99 -2.62
CA ALA A 80 -18.66 -7.75 -1.50
C ALA A 80 -19.00 -6.79 -0.41
N TYR A 81 -20.23 -6.90 0.03
CA TYR A 81 -20.74 -6.02 1.04
C TYR A 81 -21.09 -6.71 2.35
N LEU A 82 -20.79 -6.00 3.42
CA LEU A 82 -21.08 -6.46 4.76
C LEU A 82 -21.59 -5.27 5.55
N ASP A 83 -22.78 -5.42 6.11
CA ASP A 83 -23.47 -4.37 6.85
C ASP A 83 -22.62 -3.58 7.79
N LYS A 84 -21.71 -4.25 8.47
CA LYS A 84 -20.84 -3.56 9.40
C LYS A 84 -20.03 -2.51 8.64
N GLN A 85 -20.11 -2.51 7.30
CA GLN A 85 -19.36 -1.52 6.53
C GLN A 85 -19.98 -0.15 6.78
N SER A 86 -21.26 -0.15 7.13
CA SER A 86 -22.00 1.07 7.44
C SER A 86 -22.00 1.22 8.97
N ASP A 87 -20.88 0.92 9.62
CA ASP A 87 -20.85 0.98 11.09
C ASP A 87 -19.88 2.01 11.62
N THR A 88 -18.86 2.30 10.82
CA THR A 88 -17.84 3.27 11.20
C THR A 88 -17.14 2.95 12.53
N GLN A 89 -17.60 1.92 13.21
CA GLN A 89 -17.00 1.50 14.46
C GLN A 89 -16.44 0.11 14.22
N TYR A 90 -16.36 -0.25 12.93
CA TYR A 90 -15.83 -1.52 12.46
C TYR A 90 -14.83 -1.26 11.37
N VAL A 91 -13.73 -1.98 11.39
CA VAL A 91 -12.74 -1.80 10.36
C VAL A 91 -12.78 -2.97 9.43
N CYS A 92 -12.52 -2.72 8.15
CA CYS A 92 -12.52 -3.78 7.15
C CYS A 92 -11.53 -3.54 6.02
N LYS A 93 -11.32 -4.59 5.24
CA LYS A 93 -10.42 -4.56 4.11
C LYS A 93 -11.03 -5.55 3.13
N ARG A 94 -11.48 -5.05 1.98
CA ARG A 94 -12.04 -5.93 0.98
C ARG A 94 -10.92 -6.34 0.05
N THR A 95 -10.80 -7.65 -0.16
CA THR A 95 -9.79 -8.22 -1.02
C THR A 95 -10.23 -9.53 -1.64
N LEU A 96 -9.77 -9.70 -2.86
CA LEU A 96 -10.03 -10.86 -3.68
C LEU A 96 -9.29 -12.10 -3.13
N VAL A 97 -10.08 -13.12 -2.77
CA VAL A 97 -9.58 -14.40 -2.25
C VAL A 97 -9.70 -15.35 -3.42
N ASP A 98 -9.91 -16.64 -3.17
CA ASP A 98 -10.07 -17.51 -4.29
C ASP A 98 -11.28 -18.41 -4.14
N ARG A 99 -11.76 -18.95 -5.24
CA ARG A 99 -12.95 -19.74 -5.17
C ARG A 99 -13.37 -20.36 -6.47
N GLY A 100 -14.50 -21.05 -6.38
CA GLY A 100 -15.07 -21.73 -7.53
C GLY A 100 -15.63 -23.06 -7.11
N TRP A 101 -15.74 -23.97 -8.09
CA TRP A 101 -16.23 -25.29 -7.78
C TRP A 101 -15.43 -25.75 -6.60
N GLY A 102 -16.12 -25.82 -5.48
CA GLY A 102 -15.46 -26.23 -4.26
C GLY A 102 -15.82 -25.22 -3.23
N ASN A 103 -16.20 -24.03 -3.67
CA ASN A 103 -16.55 -23.04 -2.68
C ASN A 103 -17.85 -22.30 -2.91
N GLY A 104 -18.04 -21.73 -4.08
CA GLY A 104 -19.28 -21.03 -4.28
C GLY A 104 -19.96 -21.40 -5.57
N CYS A 105 -20.06 -20.42 -6.48
CA CYS A 105 -20.68 -20.57 -7.78
C CYS A 105 -20.13 -21.66 -8.64
N GLY A 106 -18.82 -21.63 -8.82
CA GLY A 106 -18.18 -22.62 -9.65
C GLY A 106 -17.36 -21.91 -10.70
N LEU A 107 -17.86 -20.80 -11.22
CA LEU A 107 -17.08 -20.06 -12.20
C LEU A 107 -15.74 -19.72 -11.53
N PHE A 108 -14.65 -20.34 -11.99
CA PHE A 108 -13.36 -20.12 -11.37
C PHE A 108 -12.80 -18.74 -11.39
N GLY A 109 -11.76 -18.54 -10.60
CA GLY A 109 -11.16 -17.24 -10.54
C GLY A 109 -11.21 -16.65 -9.16
N LYS A 110 -10.38 -15.62 -9.02
CA LYS A 110 -10.19 -14.88 -7.79
C LYS A 110 -11.26 -13.83 -7.56
N GLY A 111 -12.42 -14.26 -7.07
CA GLY A 111 -13.51 -13.32 -6.79
C GLY A 111 -13.15 -12.39 -5.63
N SER A 112 -14.11 -11.59 -5.15
CA SER A 112 -13.84 -10.65 -4.05
C SER A 112 -14.40 -11.06 -2.70
N LEU A 113 -13.77 -10.52 -1.66
CA LEU A 113 -14.15 -10.77 -0.27
C LEU A 113 -13.71 -9.67 0.69
N VAL A 114 -14.51 -9.47 1.75
CA VAL A 114 -14.23 -8.46 2.75
C VAL A 114 -14.56 -8.98 4.11
N THR A 115 -13.85 -8.47 5.10
CA THR A 115 -14.06 -8.88 6.48
C THR A 115 -14.03 -7.68 7.43
N CYS A 116 -15.00 -7.62 8.34
CA CYS A 116 -15.09 -6.52 9.28
C CYS A 116 -15.03 -6.85 10.75
N ALA A 117 -13.96 -6.36 11.38
CA ALA A 117 -13.77 -6.55 12.79
C ALA A 117 -14.36 -5.32 13.46
N LYS A 118 -14.66 -5.43 14.75
CA LYS A 118 -15.18 -4.29 15.49
C LYS A 118 -13.97 -3.56 16.03
N PHE A 119 -14.17 -2.48 16.77
CA PHE A 119 -13.04 -1.75 17.31
C PHE A 119 -13.33 -1.17 18.68
N ALA A 120 -12.28 -0.75 19.36
CA ALA A 120 -12.44 -0.17 20.68
C ALA A 120 -11.06 0.04 21.22
N CYS A 121 -10.92 0.97 22.16
CA CYS A 121 -9.61 1.22 22.77
C CYS A 121 -9.58 0.91 24.26
N SER A 122 -8.58 0.11 24.63
CA SER A 122 -8.37 -0.32 26.00
C SER A 122 -7.63 0.74 26.79
N LYS A 123 -6.72 1.46 26.14
CA LYS A 123 -5.96 2.53 26.80
C LYS A 123 -5.54 3.58 25.79
N LYS A 124 -6.02 4.78 26.02
CA LYS A 124 -5.72 5.86 25.13
C LYS A 124 -4.61 6.71 25.69
N MET A 125 -4.39 7.82 25.02
CA MET A 125 -3.32 8.69 25.41
C MET A 125 -3.54 10.08 24.87
N THR A 126 -4.33 10.86 25.60
CA THR A 126 -4.61 12.22 25.19
C THR A 126 -3.33 13.05 25.09
N GLY A 127 -3.47 14.20 24.49
CA GLY A 127 -2.37 15.10 24.31
C GLY A 127 -2.93 16.50 24.44
N LYS A 128 -2.93 17.02 25.66
CA LYS A 128 -3.46 18.34 25.88
C LYS A 128 -2.57 19.46 25.36
N SER A 129 -3.23 20.54 24.95
CA SER A 129 -2.54 21.69 24.36
C SER A 129 -2.15 22.79 25.34
N ILE A 130 -0.98 23.36 25.05
CA ILE A 130 -0.38 24.43 25.84
C ILE A 130 -0.26 25.68 25.01
N GLN A 131 -0.92 26.73 25.49
CA GLN A 131 -0.94 28.03 24.86
C GLN A 131 -0.21 28.99 25.79
N PRO A 132 0.72 29.79 25.25
CA PRO A 132 1.54 30.78 25.95
C PRO A 132 0.91 31.52 27.13
N GLU A 133 -0.30 31.13 27.48
CA GLU A 133 -1.01 31.71 28.61
C GLU A 133 -1.32 30.55 29.53
N ASN A 134 -1.65 30.86 30.77
CA ASN A 134 -1.95 29.81 31.74
C ASN A 134 -0.67 29.09 32.17
N LEU A 135 0.42 29.85 32.38
CA LEU A 135 1.67 29.24 32.83
C LEU A 135 2.35 30.09 33.90
N GLU A 136 1.78 30.08 35.09
CA GLU A 136 2.32 30.85 36.19
C GLU A 136 3.65 30.25 36.63
N TYR A 137 4.73 30.99 36.41
CA TYR A 137 6.06 30.54 36.81
C TYR A 137 6.33 30.89 38.28
N ARG A 138 6.98 30.00 39.02
CA ARG A 138 7.31 30.29 40.41
C ARG A 138 8.79 30.67 40.46
N ILE A 139 9.13 31.55 41.38
CA ILE A 139 10.51 31.95 41.54
C ILE A 139 10.75 32.21 43.00
N MET A 140 11.77 31.59 43.56
CA MET A 140 12.09 31.78 44.96
C MET A 140 13.20 32.77 45.18
N LEU A 141 13.04 33.56 46.24
CA LEU A 141 13.99 34.58 46.61
C LEU A 141 14.53 34.43 48.03
N SER A 142 15.81 34.11 48.13
CA SER A 142 16.45 33.95 49.42
C SER A 142 17.68 34.87 49.45
N VAL A 143 17.64 35.88 50.32
CA VAL A 143 18.73 36.84 50.47
C VAL A 143 19.84 36.15 51.23
N HIS A 144 20.77 36.93 51.79
CA HIS A 144 21.85 36.35 52.57
C HIS A 144 21.84 36.95 53.97
N GLY A 145 23.01 37.12 54.56
CA GLY A 145 23.10 37.71 55.88
C GLY A 145 22.43 36.86 56.93
N SER A 146 21.38 37.39 57.56
CA SER A 146 20.67 36.64 58.60
C SER A 146 20.04 35.37 58.04
N GLN A 147 20.79 34.27 58.07
CA GLN A 147 20.33 32.97 57.58
C GLN A 147 21.19 31.82 58.14
N HIS A 148 20.59 31.00 59.00
CA HIS A 148 21.33 29.90 59.62
C HIS A 148 20.98 28.45 59.29
N SER A 149 21.87 27.57 59.73
CA SER A 149 21.74 26.14 59.58
C SER A 149 20.96 25.78 58.33
N GLY A 150 21.49 26.17 57.18
CA GLY A 150 20.82 25.87 55.93
C GLY A 150 19.31 25.88 56.04
N MET A 151 18.77 26.77 56.89
CA MET A 151 17.32 26.90 57.04
C MET A 151 16.86 27.41 55.68
N ILE A 152 17.71 27.11 54.69
CA ILE A 152 17.53 27.48 53.30
C ILE A 152 16.50 26.59 52.56
N VAL A 153 16.84 25.32 52.34
CA VAL A 153 15.93 24.42 51.65
C VAL A 153 14.53 24.55 52.23
N ASN A 154 14.48 24.32 53.54
CA ASN A 154 13.29 24.42 54.36
C ASN A 154 12.48 25.54 53.76
N ASP A 155 11.47 25.16 52.99
CA ASP A 155 10.62 26.12 52.33
C ASP A 155 9.36 26.33 53.11
N THR A 156 9.44 27.02 54.24
CA THR A 156 8.23 27.25 54.98
C THR A 156 8.06 28.75 55.11
N GLY A 157 6.85 29.16 55.49
CA GLY A 157 6.57 30.57 55.66
C GLY A 157 7.48 31.32 54.72
N HIS A 158 7.60 30.77 53.53
CA HIS A 158 8.44 31.38 52.54
C HIS A 158 7.84 32.75 52.32
N GLU A 159 6.77 33.02 53.04
CA GLU A 159 6.12 34.29 52.94
C GLU A 159 6.51 35.19 54.12
N THR A 160 6.00 34.90 55.31
CA THR A 160 6.27 35.69 56.51
C THR A 160 7.69 36.26 56.60
N ASP A 161 8.69 35.37 56.61
CA ASP A 161 10.07 35.81 56.66
C ASP A 161 10.33 36.71 55.46
N GLU A 162 11.01 37.82 55.70
CA GLU A 162 11.33 38.74 54.61
C GLU A 162 12.61 38.25 53.97
N ASN A 163 13.20 37.22 54.56
CA ASN A 163 14.44 36.67 54.05
C ASN A 163 14.16 35.68 52.94
N ARG A 164 12.88 35.54 52.63
CA ARG A 164 12.42 34.65 51.58
C ARG A 164 11.31 35.39 50.83
N ALA A 165 11.10 35.07 49.56
CA ALA A 165 10.08 35.75 48.78
C ALA A 165 9.47 34.96 47.61
N LYS A 166 8.16 34.70 47.70
CA LYS A 166 7.42 33.95 46.67
C LYS A 166 6.98 34.85 45.55
N VAL A 167 7.49 34.60 44.37
CA VAL A 167 7.13 35.44 43.25
C VAL A 167 6.62 34.71 42.04
N GLU A 168 5.31 34.73 41.86
CA GLU A 168 4.72 34.09 40.71
C GLU A 168 4.49 35.10 39.61
N ILE A 169 4.94 34.76 38.41
CA ILE A 169 4.79 35.66 37.30
C ILE A 169 4.13 34.99 36.09
N THR A 170 2.94 35.50 35.78
CA THR A 170 2.14 35.03 34.67
C THR A 170 2.52 35.85 33.43
N PRO A 171 2.33 35.31 32.23
CA PRO A 171 2.72 36.12 31.09
C PRO A 171 1.91 37.38 30.96
N ASN A 172 0.76 37.47 31.62
CA ASN A 172 -0.01 38.70 31.53
C ASN A 172 0.37 39.68 32.64
N SER A 173 1.40 39.33 33.44
CA SER A 173 1.91 40.14 34.56
C SER A 173 3.31 39.74 34.97
N PRO A 174 4.32 40.11 34.16
CA PRO A 174 5.74 39.81 34.36
C PRO A 174 6.39 40.74 35.36
N ARG A 175 5.88 41.97 35.45
CA ARG A 175 6.47 42.89 36.40
C ARG A 175 5.93 42.61 37.76
N ALA A 176 6.61 41.69 38.44
CA ALA A 176 6.27 41.30 39.78
C ALA A 176 7.29 41.99 40.66
N GLU A 177 7.25 41.70 41.95
CA GLU A 177 8.18 42.33 42.86
C GLU A 177 8.16 41.70 44.25
N ALA A 178 9.36 41.56 44.80
CA ALA A 178 9.60 40.95 46.10
C ALA A 178 9.49 41.89 47.30
N THR A 179 8.76 41.48 48.33
CA THR A 179 8.61 42.30 49.53
C THR A 179 9.54 41.70 50.58
N LEU A 180 10.69 42.34 50.76
CA LEU A 180 11.66 41.88 51.74
C LEU A 180 11.82 42.97 52.80
N GLY A 181 10.84 43.09 53.70
CA GLY A 181 10.93 44.11 54.75
C GLY A 181 12.26 44.07 55.50
N GLY A 182 13.08 45.12 55.37
CA GLY A 182 14.35 45.13 56.05
C GLY A 182 15.44 45.17 55.02
N PHE A 183 15.28 44.40 53.94
CA PHE A 183 16.23 44.34 52.83
C PHE A 183 15.60 45.12 51.67
N GLY A 184 14.45 45.71 51.95
CA GLY A 184 13.74 46.47 50.94
C GLY A 184 12.96 45.53 50.03
N SER A 185 12.74 45.94 48.79
CA SER A 185 12.00 45.13 47.81
C SER A 185 12.88 44.80 46.58
N LEU A 186 12.40 43.90 45.72
CA LEU A 186 13.17 43.50 44.55
C LEU A 186 12.32 43.60 43.30
N GLY A 187 12.63 44.55 42.43
CA GLY A 187 11.87 44.71 41.20
C GLY A 187 12.24 43.74 40.10
N LEU A 188 11.29 42.88 39.70
CA LEU A 188 11.50 41.90 38.64
C LEU A 188 10.33 41.87 37.66
N ASP A 189 10.66 41.75 36.37
CA ASP A 189 9.70 41.70 35.26
C ASP A 189 10.27 40.76 34.20
N CYS A 190 9.67 39.58 34.07
CA CYS A 190 10.21 38.58 33.17
C CYS A 190 9.63 38.42 31.75
N GLU A 191 9.85 37.23 31.18
CA GLU A 191 9.45 36.86 29.83
C GLU A 191 8.60 35.61 29.75
N PRO A 192 7.53 35.51 30.55
CA PRO A 192 6.69 34.31 30.50
C PRO A 192 6.26 33.84 29.12
N ARG A 193 6.37 34.70 28.11
CA ARG A 193 6.01 34.32 26.76
C ARG A 193 7.18 33.65 26.02
N THR A 194 8.40 34.01 26.40
CA THR A 194 9.57 33.47 25.74
C THR A 194 10.45 32.55 26.60
N GLY A 195 9.86 31.87 27.58
CA GLY A 195 10.62 30.96 28.41
C GLY A 195 10.86 29.73 27.55
N LEU A 196 10.39 28.55 27.99
CA LEU A 196 10.52 27.33 27.18
C LEU A 196 9.64 27.64 25.98
N ASP A 197 9.68 26.76 24.98
CA ASP A 197 8.90 26.96 23.79
C ASP A 197 7.43 26.47 23.90
N PHE A 198 6.73 26.87 24.97
CA PHE A 198 5.35 26.42 25.17
C PHE A 198 4.47 26.34 23.96
N SER A 199 4.68 27.25 23.02
CA SER A 199 3.92 27.17 21.81
C SER A 199 4.62 25.98 21.13
N ASP A 200 3.83 24.99 20.67
CA ASP A 200 4.33 23.78 20.00
C ASP A 200 4.41 22.55 20.91
N LEU A 201 4.34 22.77 22.21
CA LEU A 201 4.44 21.69 23.18
C LEU A 201 3.16 21.16 23.74
N TYR A 202 2.80 19.95 23.30
CA TYR A 202 1.60 19.32 23.79
C TYR A 202 1.87 18.69 25.11
N TYR A 203 0.86 18.03 25.63
CA TYR A 203 0.96 17.48 26.94
C TYR A 203 0.26 16.12 27.00
N LEU A 204 1.00 15.00 26.89
CA LEU A 204 0.34 13.69 26.91
C LEU A 204 0.41 12.87 28.16
N THR A 205 -0.34 11.78 28.13
CA THR A 205 -0.46 10.92 29.29
C THR A 205 -0.92 9.47 29.08
N MET A 206 0.02 8.55 29.17
CA MET A 206 -0.28 7.14 29.05
C MET A 206 -0.35 6.78 30.49
N ASN A 207 -1.35 6.01 30.88
CA ASN A 207 -1.47 5.66 32.29
C ASN A 207 -1.44 7.01 33.00
N ASN A 208 -0.37 7.30 33.74
CA ASN A 208 -0.34 8.56 34.43
C ASN A 208 0.90 9.38 34.27
N LYS A 209 2.01 8.76 33.90
CA LYS A 209 3.23 9.55 33.69
C LYS A 209 2.85 10.63 32.71
N HIS A 210 3.39 11.83 32.88
CA HIS A 210 3.09 12.91 31.95
C HIS A 210 4.36 13.39 31.25
N TRP A 211 4.21 13.81 30.00
CA TRP A 211 5.33 14.29 29.18
C TRP A 211 5.14 15.67 28.60
N LEU A 212 6.15 16.03 27.82
CA LEU A 212 6.18 17.27 27.10
C LEU A 212 6.73 16.82 25.78
N VAL A 213 6.00 17.13 24.73
CA VAL A 213 6.34 16.69 23.41
C VAL A 213 6.22 17.77 22.37
N HIS A 214 7.07 17.71 21.34
CA HIS A 214 6.97 18.69 20.29
C HIS A 214 5.86 18.34 19.31
N LYS A 215 5.04 19.33 18.91
CA LYS A 215 3.92 19.11 17.98
C LYS A 215 4.10 18.08 16.89
N GLU A 216 5.11 18.27 16.05
CA GLU A 216 5.38 17.34 14.96
C GLU A 216 5.12 15.96 15.50
N TRP A 217 6.08 15.49 16.27
CA TRP A 217 5.96 14.17 16.86
C TRP A 217 4.53 13.83 17.24
N PHE A 218 3.83 14.76 17.88
CA PHE A 218 2.48 14.42 18.28
C PHE A 218 1.47 14.16 17.19
N HIS A 219 1.66 14.77 16.01
CA HIS A 219 0.72 14.57 14.90
C HIS A 219 1.23 13.59 13.82
N ASP A 220 2.32 12.86 14.10
CA ASP A 220 2.88 11.91 13.13
C ASP A 220 2.98 10.50 13.68
N ILE A 221 1.91 10.11 14.35
CA ILE A 221 1.83 8.80 14.97
C ILE A 221 0.63 8.06 14.41
N PRO A 222 0.89 6.98 13.68
CA PRO A 222 -0.11 6.11 13.04
C PRO A 222 -1.31 5.77 13.91
N LEU A 223 -1.03 5.55 15.19
CA LEU A 223 -2.06 5.19 16.12
C LEU A 223 -3.46 5.79 15.95
N PRO A 224 -4.47 4.93 15.94
CA PRO A 224 -5.87 5.28 15.80
C PRO A 224 -6.19 6.42 16.74
N TRP A 225 -6.68 7.52 16.20
CA TRP A 225 -6.99 8.64 17.06
C TRP A 225 -8.43 9.07 17.05
N HIS A 226 -8.67 9.97 17.99
CA HIS A 226 -9.93 10.62 18.21
C HIS A 226 -9.52 12.07 18.47
N ALA A 227 -10.04 13.03 17.71
CA ALA A 227 -9.65 14.43 17.93
C ALA A 227 -10.66 15.18 18.75
N GLY A 228 -10.25 16.29 19.35
CA GLY A 228 -11.16 17.05 20.18
C GLY A 228 -11.72 16.09 21.21
N ALA A 229 -12.83 16.43 21.85
CA ALA A 229 -13.38 15.53 22.84
C ALA A 229 -14.76 15.07 22.45
N ASP A 230 -15.06 13.85 22.84
CA ASP A 230 -16.34 13.24 22.55
C ASP A 230 -16.49 12.03 23.48
N THR A 231 -17.65 11.94 24.12
CA THR A 231 -17.97 10.85 25.05
C THR A 231 -18.29 9.51 24.40
N GLY A 232 -19.11 9.51 23.33
CA GLY A 232 -19.46 8.26 22.66
C GLY A 232 -18.22 7.63 22.07
N THR A 233 -18.29 6.35 21.70
CA THR A 233 -17.15 5.66 21.11
C THR A 233 -16.39 6.67 20.26
N PRO A 234 -15.30 7.24 20.82
CA PRO A 234 -14.57 8.21 20.01
C PRO A 234 -14.48 7.66 18.58
N HIS A 235 -15.25 8.25 17.66
CA HIS A 235 -15.17 7.78 16.28
C HIS A 235 -13.67 7.80 15.97
N TRP A 236 -13.06 6.61 15.96
CA TRP A 236 -11.64 6.46 15.72
C TRP A 236 -11.21 6.68 14.28
N ASN A 237 -10.01 7.21 14.13
CA ASN A 237 -9.44 7.48 12.81
C ASN A 237 -8.22 6.61 12.65
N ASN A 238 -8.06 6.03 11.46
CA ASN A 238 -6.96 5.09 11.19
C ASN A 238 -7.23 3.84 11.99
N LYS A 239 -8.50 3.55 12.22
CA LYS A 239 -8.87 2.39 13.00
C LYS A 239 -8.10 1.16 12.54
N GLU A 240 -7.37 1.31 11.42
CA GLU A 240 -6.60 0.23 10.82
C GLU A 240 -5.05 0.22 10.92
N ALA A 241 -4.42 1.25 11.48
CA ALA A 241 -2.95 1.23 11.59
C ALA A 241 -2.55 0.32 12.75
N LEU A 242 -3.54 -0.10 13.52
CA LEU A 242 -3.32 -0.98 14.67
C LEU A 242 -4.10 -2.27 14.59
N VAL A 243 -4.48 -2.60 13.37
CA VAL A 243 -5.22 -3.83 13.12
C VAL A 243 -4.60 -4.44 11.89
N GLU A 244 -4.63 -5.76 11.85
CA GLU A 244 -4.01 -6.48 10.75
C GLU A 244 -4.96 -7.46 10.05
N PHE A 245 -4.83 -7.55 8.73
CA PHE A 245 -5.67 -8.44 7.93
C PHE A 245 -4.88 -9.54 7.26
N LYS A 246 -4.81 -10.67 7.95
CA LYS A 246 -4.04 -11.78 7.44
C LYS A 246 -4.56 -12.25 6.13
N ASP A 247 -3.64 -12.46 5.20
CA ASP A 247 -4.01 -12.97 3.89
C ASP A 247 -3.72 -14.46 3.90
N ALA A 248 -4.79 -15.24 3.92
CA ALA A 248 -4.67 -16.69 3.90
C ALA A 248 -4.08 -17.06 2.55
N HIS A 249 -3.22 -18.07 2.55
CA HIS A 249 -2.58 -18.55 1.32
C HIS A 249 -3.61 -18.51 0.15
N ALA A 250 -4.87 -18.84 0.46
CA ALA A 250 -5.93 -18.87 -0.55
C ALA A 250 -7.18 -18.13 -0.17
N LYS A 251 -8.10 -18.90 0.38
CA LYS A 251 -9.43 -18.47 0.76
C LYS A 251 -9.77 -17.43 1.82
N ARG A 252 -9.06 -17.38 2.94
CA ARG A 252 -9.45 -16.40 3.94
C ARG A 252 -8.66 -15.11 3.97
N GLN A 253 -9.07 -14.26 4.88
CA GLN A 253 -8.48 -12.95 5.10
C GLN A 253 -9.01 -12.56 6.51
N THR A 254 -8.29 -13.01 7.53
CA THR A 254 -8.67 -12.79 8.93
C THR A 254 -7.82 -11.75 9.66
N VAL A 255 -8.50 -10.96 10.50
CA VAL A 255 -7.90 -9.86 11.25
C VAL A 255 -7.11 -10.31 12.47
N VAL A 256 -6.14 -9.49 12.85
CA VAL A 256 -5.27 -9.77 13.98
C VAL A 256 -4.87 -8.46 14.60
N VAL A 257 -5.64 -8.02 15.58
CA VAL A 257 -5.41 -6.76 16.29
C VAL A 257 -4.01 -6.61 16.91
N LEU A 258 -3.16 -5.77 16.32
CA LEU A 258 -1.82 -5.59 16.87
C LEU A 258 -1.87 -5.40 18.36
N GLY A 259 -0.79 -5.77 19.04
CA GLY A 259 -0.70 -5.66 20.49
C GLY A 259 -0.37 -4.29 21.06
N SER A 260 -0.68 -4.08 22.34
CA SER A 260 -0.44 -2.80 23.04
C SER A 260 0.81 -2.06 22.59
N GLN A 261 0.64 -0.82 22.13
CA GLN A 261 1.78 -0.07 21.67
C GLN A 261 2.45 0.73 22.77
N GLU A 262 2.04 0.50 24.01
CA GLU A 262 2.60 1.26 25.13
C GLU A 262 4.12 1.49 25.09
N GLY A 263 4.90 0.46 25.41
CA GLY A 263 6.35 0.63 25.41
C GLY A 263 6.92 1.06 24.06
N ALA A 264 6.11 0.95 23.01
CA ALA A 264 6.52 1.34 21.67
C ALA A 264 6.61 2.87 21.63
N VAL A 265 5.63 3.51 22.23
CA VAL A 265 5.58 4.97 22.31
C VAL A 265 6.47 5.36 23.48
N HIS A 266 6.28 4.67 24.61
CA HIS A 266 7.05 4.89 25.82
C HIS A 266 8.53 4.91 25.50
N THR A 267 8.88 4.59 24.26
CA THR A 267 10.26 4.59 23.81
C THR A 267 10.44 5.65 22.72
N ALA A 268 9.42 5.81 21.88
CA ALA A 268 9.50 6.80 20.80
C ALA A 268 9.72 8.19 21.40
N LEU A 269 9.14 8.40 22.57
CA LEU A 269 9.22 9.66 23.29
C LEU A 269 10.64 10.04 23.70
N ALA A 270 11.58 9.11 23.50
CA ALA A 270 12.97 9.37 23.86
C ALA A 270 13.48 10.61 23.13
N GLY A 271 13.58 11.72 23.85
CA GLY A 271 14.03 13.00 23.29
C GLY A 271 13.08 14.07 23.80
N ALA A 272 12.09 13.61 24.54
CA ALA A 272 11.09 14.45 25.13
C ALA A 272 11.45 14.86 26.54
N LEU A 273 10.49 15.44 27.24
CA LEU A 273 10.72 15.89 28.58
C LEU A 273 9.71 15.29 29.51
N GLU A 274 10.14 15.09 30.74
CA GLU A 274 9.26 14.53 31.74
C GLU A 274 8.47 15.68 32.32
N ALA A 275 7.28 15.38 32.82
CA ALA A 275 6.45 16.41 33.38
C ALA A 275 5.47 15.78 34.32
N GLU A 276 5.33 16.38 35.49
CA GLU A 276 4.41 15.84 36.46
C GLU A 276 2.99 16.29 36.15
N MET A 277 2.15 16.23 37.17
CA MET A 277 0.76 16.64 37.06
C MET A 277 0.18 16.79 38.46
N ASP A 278 -0.19 18.02 38.84
CA ASP A 278 -0.76 18.30 40.16
C ASP A 278 -2.14 18.95 40.09
N GLY A 279 -3.17 18.12 40.23
CA GLY A 279 -4.55 18.58 40.15
C GLY A 279 -4.96 18.55 38.69
N ALA A 280 -5.09 19.74 38.12
CA ALA A 280 -5.43 19.87 36.73
C ALA A 280 -4.23 20.64 36.16
N LYS A 281 -3.57 21.39 37.05
CA LYS A 281 -2.39 22.20 36.71
C LYS A 281 -1.23 21.32 36.18
N GLY A 282 -0.74 21.64 34.99
CA GLY A 282 0.35 20.89 34.38
C GLY A 282 1.74 21.24 34.88
N ARG A 283 2.02 20.90 36.14
CA ARG A 283 3.31 21.19 36.71
C ARG A 283 4.40 20.51 35.93
N LEU A 284 5.51 21.19 35.77
CA LEU A 284 6.60 20.61 35.05
C LEU A 284 7.92 21.21 35.52
N SER A 285 9.01 20.51 35.21
CA SER A 285 10.34 20.95 35.57
C SER A 285 11.10 21.20 34.26
N SER A 286 12.37 21.57 34.39
CA SER A 286 13.25 21.81 33.25
C SER A 286 13.14 23.13 32.48
N GLY A 287 12.11 23.90 32.78
CA GLY A 287 11.93 25.18 32.12
C GLY A 287 13.11 26.12 32.31
N HIS A 288 13.03 27.27 31.66
CA HIS A 288 14.06 28.29 31.79
C HIS A 288 13.24 29.59 31.64
N LEU A 289 13.71 30.68 32.23
CA LEU A 289 12.96 31.95 32.16
C LEU A 289 13.90 33.14 32.20
N LYS A 290 13.56 34.18 31.45
CA LYS A 290 14.39 35.39 31.40
C LYS A 290 13.86 36.44 32.36
N CYS A 291 14.61 37.52 32.56
CA CYS A 291 14.16 38.58 33.46
C CYS A 291 15.08 39.79 33.58
N ARG A 292 14.56 40.88 34.14
CA ARG A 292 15.32 42.11 34.37
C ARG A 292 15.18 42.58 35.80
N LEU A 293 15.79 41.85 36.72
CA LEU A 293 15.73 42.20 38.12
C LEU A 293 16.44 43.51 38.41
N LYS A 294 15.63 44.50 38.75
CA LYS A 294 16.10 45.83 39.09
C LYS A 294 16.63 45.78 40.53
N MET A 295 17.85 46.28 40.72
CA MET A 295 18.53 46.31 42.02
C MET A 295 18.17 47.47 42.95
N ASP A 296 17.22 48.27 42.53
CA ASP A 296 16.79 49.38 43.34
C ASP A 296 15.95 48.86 44.48
N LYS A 297 15.39 49.78 45.25
CA LYS A 297 14.55 49.42 46.36
C LYS A 297 15.11 48.27 47.21
N LEU A 298 16.38 47.94 47.02
CA LEU A 298 16.98 46.90 47.83
C LEU A 298 17.94 47.63 48.73
N ARG A 299 17.99 47.27 50.01
CA ARG A 299 18.93 47.94 50.92
C ARG A 299 19.54 46.97 51.95
N LEU A 300 20.76 47.24 52.36
CA LEU A 300 21.42 46.40 53.34
C LEU A 300 20.65 46.64 54.62
N LYS A 301 19.95 45.60 55.07
CA LYS A 301 19.14 45.66 56.26
C LYS A 301 19.82 46.52 57.29
N GLY A 302 21.11 46.33 57.47
CA GLY A 302 21.76 47.13 58.48
C GLY A 302 23.09 47.73 58.16
N VAL A 303 23.06 49.04 57.98
CA VAL A 303 24.26 49.78 57.69
C VAL A 303 24.57 50.49 59.00
N SER A 304 23.57 50.54 59.86
CA SER A 304 23.73 51.18 61.14
C SER A 304 23.67 50.15 62.23
N TYR A 305 24.59 49.20 62.20
CA TYR A 305 24.62 48.13 63.21
C TYR A 305 25.95 48.02 63.96
N SER A 306 25.94 48.33 65.25
CA SER A 306 27.14 48.22 66.05
C SER A 306 27.66 46.78 65.92
N LEU A 307 28.96 46.60 65.74
CA LEU A 307 29.56 45.27 65.60
C LEU A 307 29.29 44.36 66.81
N CYS A 308 28.99 43.10 66.53
CA CYS A 308 28.69 42.15 67.59
C CYS A 308 29.93 41.90 68.45
N THR A 309 29.70 42.08 69.73
CA THR A 309 30.70 42.00 70.76
C THR A 309 31.73 40.88 70.89
N ALA A 310 31.34 39.61 71.00
CA ALA A 310 32.42 38.61 71.17
C ALA A 310 32.28 37.09 70.99
N ALA A 311 31.24 36.57 70.31
CA ALA A 311 31.17 35.10 70.17
C ALA A 311 31.09 34.56 68.75
N PHE A 312 32.24 34.23 68.18
CA PHE A 312 32.28 33.71 66.82
C PHE A 312 32.35 32.18 66.85
N THR A 313 31.56 31.54 67.71
CA THR A 313 31.59 30.07 67.79
C THR A 313 30.79 29.41 66.68
N PHE A 314 31.49 28.87 65.69
CA PHE A 314 30.80 28.22 64.58
C PHE A 314 30.65 26.71 64.76
N THR A 315 29.38 26.30 64.84
CA THR A 315 28.98 24.92 65.05
C THR A 315 29.08 24.04 63.81
N LYS A 316 29.99 24.39 62.90
CA LYS A 316 30.18 23.62 61.68
C LYS A 316 31.56 23.87 61.12
N ILE A 317 32.31 22.82 60.87
CA ILE A 317 33.60 23.03 60.27
C ILE A 317 33.26 23.70 58.95
N PRO A 318 33.75 24.94 58.71
CA PRO A 318 33.45 25.63 57.46
C PRO A 318 33.78 24.87 56.20
N ALA A 319 32.80 24.09 55.75
CA ALA A 319 32.94 23.30 54.54
C ALA A 319 33.12 24.28 53.39
N GLU A 320 33.19 23.77 52.17
CA GLU A 320 33.35 24.59 50.97
C GLU A 320 32.43 24.09 49.84
N THR A 321 31.85 25.02 49.10
CA THR A 321 30.96 24.66 48.00
C THR A 321 31.75 24.65 46.70
N LEU A 322 31.21 23.96 45.69
CA LEU A 322 31.89 23.90 44.42
C LEU A 322 32.12 25.34 44.00
N HIS A 323 32.58 25.54 42.76
CA HIS A 323 32.91 26.86 42.21
C HIS A 323 33.69 27.83 43.14
N GLY A 324 34.22 27.31 44.25
CA GLY A 324 35.02 28.10 45.18
C GLY A 324 34.37 29.11 46.11
N THR A 325 33.50 28.64 47.00
CA THR A 325 32.84 29.54 47.93
C THR A 325 32.65 28.92 49.29
N VAL A 326 33.59 29.21 50.16
CA VAL A 326 33.57 28.71 51.53
C VAL A 326 32.30 29.16 52.22
N THR A 327 31.67 28.26 52.96
CA THR A 327 30.46 28.62 53.69
C THR A 327 30.78 28.46 55.14
N VAL A 328 30.38 29.41 55.96
CA VAL A 328 30.66 29.29 57.37
C VAL A 328 29.35 29.27 58.08
N GLU A 329 29.34 28.65 59.25
CA GLU A 329 28.08 28.61 60.01
C GLU A 329 28.33 29.05 61.43
N VAL A 330 28.61 30.35 61.58
CA VAL A 330 28.87 30.91 62.87
C VAL A 330 27.62 30.88 63.75
N GLN A 331 27.87 30.94 65.05
CA GLN A 331 26.82 30.96 66.05
C GLN A 331 27.33 31.93 67.11
N TYR A 332 26.63 33.05 67.27
CA TYR A 332 27.03 34.01 68.28
C TYR A 332 26.31 33.67 69.57
N ALA A 333 26.98 32.86 70.37
CA ALA A 333 26.44 32.45 71.66
C ALA A 333 26.59 33.70 72.54
N GLY A 334 27.80 34.25 72.61
CA GLY A 334 28.01 35.46 73.38
C GLY A 334 27.86 36.63 72.43
N THR A 335 26.69 37.28 72.49
CA THR A 335 26.35 38.44 71.65
C THR A 335 24.99 39.12 72.01
N ASP A 336 24.71 40.29 71.43
CA ASP A 336 23.44 40.99 71.71
C ASP A 336 22.87 41.99 70.73
N GLY A 337 21.54 41.89 70.58
CA GLY A 337 20.79 42.74 69.69
C GLY A 337 20.77 42.24 68.26
N PRO A 338 20.74 43.15 67.29
CA PRO A 338 20.73 42.71 65.91
C PRO A 338 22.00 43.14 65.20
N CYS A 339 23.04 43.37 65.99
CA CYS A 339 24.33 43.80 65.52
C CYS A 339 24.93 43.13 64.23
N LYS A 340 25.97 43.79 63.66
CA LYS A 340 26.70 43.34 62.48
C LYS A 340 27.74 42.31 62.80
N VAL A 341 27.58 41.11 62.24
CA VAL A 341 28.56 40.07 62.48
C VAL A 341 29.86 40.63 61.92
N PRO A 342 30.86 40.83 62.79
CA PRO A 342 32.15 41.38 62.34
C PRO A 342 33.02 40.48 61.46
N ALA A 343 32.44 39.84 60.45
CA ALA A 343 33.24 38.96 59.59
C ALA A 343 34.25 39.68 58.70
N GLN A 344 35.02 38.90 57.94
CA GLN A 344 36.03 39.44 57.04
C GLN A 344 37.03 38.37 56.63
N MET A 345 37.66 38.57 55.48
CA MET A 345 38.67 37.65 54.99
C MET A 345 40.06 38.23 55.25
N ALA A 346 41.03 37.37 55.52
CA ALA A 346 42.39 37.82 55.79
C ALA A 346 43.43 36.91 55.14
N VAL A 347 44.26 37.47 54.25
CA VAL A 347 45.32 36.71 53.58
C VAL A 347 46.46 36.38 54.54
N ASP A 348 46.64 37.24 55.54
CA ASP A 348 47.69 37.04 56.54
C ASP A 348 47.20 36.97 58.01
N MET A 349 46.16 37.74 58.35
CA MET A 349 45.62 37.80 59.74
C MET A 349 46.67 38.41 60.67
N GLN A 350 47.93 38.44 60.22
CA GLN A 350 49.04 39.04 60.98
C GLN A 350 48.55 40.42 61.44
N THR A 351 48.01 41.17 60.47
CA THR A 351 47.43 42.51 60.62
C THR A 351 46.28 42.55 59.61
N LEU A 352 45.09 42.26 60.11
CA LEU A 352 43.89 42.22 59.29
C LEU A 352 43.95 42.96 57.94
N THR A 353 44.12 42.23 56.83
CA THR A 353 44.12 42.84 55.50
C THR A 353 43.27 41.93 54.63
N PRO A 354 41.99 42.25 54.44
CA PRO A 354 41.17 41.37 53.62
C PRO A 354 41.57 41.32 52.17
N VAL A 355 41.15 40.22 51.55
CA VAL A 355 41.40 39.96 50.15
C VAL A 355 40.31 39.01 49.65
N GLY A 356 39.29 38.82 50.48
CA GLY A 356 38.19 37.94 50.12
C GLY A 356 37.13 38.50 49.17
N ARG A 357 36.05 39.03 49.75
CA ARG A 357 34.90 39.59 49.02
C ARG A 357 33.80 38.56 49.23
N LEU A 358 33.31 38.46 50.46
CA LEU A 358 32.33 37.42 50.79
C LEU A 358 30.97 37.20 50.11
N ILE A 359 30.41 38.21 49.47
CA ILE A 359 29.11 38.08 48.79
C ILE A 359 27.88 37.94 49.70
N THR A 360 28.06 37.61 50.98
CA THR A 360 26.92 37.59 51.91
C THR A 360 27.10 38.94 52.58
N ALA A 361 27.74 39.83 51.82
CA ALA A 361 28.04 41.19 52.24
C ALA A 361 27.11 41.75 53.32
N ASN A 362 27.70 42.29 54.38
CA ASN A 362 26.95 42.88 55.48
C ASN A 362 26.22 41.83 56.34
N PRO A 363 26.91 40.73 56.68
CA PRO A 363 26.28 39.68 57.50
C PRO A 363 25.74 40.23 58.83
N VAL A 364 24.55 39.81 59.21
CA VAL A 364 23.95 40.34 60.41
C VAL A 364 23.38 39.24 61.26
N ILE A 365 23.17 39.55 62.54
CA ILE A 365 22.56 38.59 63.45
C ILE A 365 21.41 39.29 64.11
N THR A 366 20.25 38.64 64.21
CA THR A 366 19.11 39.29 64.85
C THR A 366 18.58 38.53 66.09
N GLU A 367 17.90 39.26 67.00
CA GLU A 367 17.35 38.72 68.25
C GLU A 367 18.48 37.97 68.95
N SER A 368 19.67 38.31 68.48
CA SER A 368 20.92 37.74 68.91
C SER A 368 21.29 38.09 70.37
N THR A 369 21.19 37.08 71.23
CA THR A 369 21.52 37.17 72.65
C THR A 369 22.55 36.06 72.94
N GLU A 370 22.13 34.84 72.62
CA GLU A 370 22.91 33.63 72.78
C GLU A 370 22.04 32.70 71.95
N ASN A 371 22.62 31.58 71.50
CA ASN A 371 21.86 30.62 70.70
C ASN A 371 21.65 31.18 69.31
N SER A 372 22.20 32.35 69.05
CA SER A 372 22.02 32.91 67.73
C SER A 372 23.00 32.22 66.82
N LYS A 373 22.51 31.80 65.66
CA LYS A 373 23.35 31.15 64.65
C LYS A 373 23.29 32.03 63.42
N MET A 374 23.85 31.55 62.31
CA MET A 374 23.82 32.27 61.05
C MET A 374 24.90 31.75 60.11
N MET A 375 24.64 31.84 58.80
CA MET A 375 25.60 31.38 57.77
C MET A 375 26.09 32.54 56.93
N LEU A 376 27.14 32.30 56.17
CA LEU A 376 27.69 33.33 55.33
C LEU A 376 28.78 32.82 54.39
N GLU A 377 28.68 33.25 53.14
CA GLU A 377 29.61 32.87 52.08
C GLU A 377 31.04 33.38 52.27
N LEU A 378 31.79 33.37 51.17
CA LEU A 378 33.18 33.81 51.16
C LEU A 378 33.93 33.36 49.89
N ASP A 379 34.56 34.31 49.19
CA ASP A 379 35.35 34.02 47.97
C ASP A 379 36.82 33.95 48.39
N PRO A 380 37.24 32.82 48.95
CA PRO A 380 38.65 32.75 49.36
C PRO A 380 39.60 33.01 48.20
N PRO A 381 40.68 33.75 48.47
CA PRO A 381 41.73 34.12 47.51
C PRO A 381 42.52 32.85 47.15
N PHE A 382 43.43 32.93 46.18
CA PHE A 382 44.20 31.75 45.75
C PHE A 382 45.49 31.36 46.48
N GLY A 383 45.39 30.27 47.23
CA GLY A 383 46.51 29.77 48.00
C GLY A 383 46.02 29.57 49.42
N ASP A 384 46.56 30.34 50.37
CA ASP A 384 46.19 30.26 51.78
C ASP A 384 45.48 31.53 52.28
N SER A 385 44.73 31.40 53.40
CA SER A 385 43.99 32.53 53.99
C SER A 385 43.18 32.08 55.20
N TYR A 386 42.94 32.98 56.15
CA TYR A 386 42.16 32.61 57.33
C TYR A 386 40.83 33.33 57.41
N ILE A 387 39.75 32.57 57.46
CA ILE A 387 38.42 33.14 57.61
C ILE A 387 38.60 33.86 58.95
N VAL A 388 37.63 34.67 59.36
CA VAL A 388 37.76 35.39 60.63
C VAL A 388 36.53 36.14 61.10
N ILE A 389 36.67 36.71 62.28
CA ILE A 389 35.69 37.60 62.93
C ILE A 389 36.56 38.82 63.26
N GLY A 390 36.02 40.01 63.09
CA GLY A 390 36.78 41.22 63.34
C GLY A 390 37.64 41.29 64.59
N VAL A 391 37.00 41.59 65.70
CA VAL A 391 37.72 41.72 66.94
C VAL A 391 37.32 40.67 67.94
N GLY A 392 38.28 40.39 68.82
CA GLY A 392 38.05 39.43 69.87
C GLY A 392 39.29 38.71 70.30
N GLU A 393 39.51 38.70 71.60
CA GLU A 393 40.63 37.97 72.16
C GLU A 393 40.01 36.57 72.12
N LYS A 394 38.98 36.47 71.28
CA LYS A 394 38.21 35.26 71.01
C LYS A 394 37.77 35.40 69.56
N LYS A 395 38.69 36.01 68.80
CA LYS A 395 38.53 36.25 67.37
C LYS A 395 38.88 34.99 66.56
N ILE A 396 37.90 34.12 66.30
CA ILE A 396 38.15 32.90 65.53
C ILE A 396 38.89 33.18 64.22
N THR A 397 39.76 32.25 63.83
CA THR A 397 40.56 32.38 62.62
C THR A 397 40.81 31.01 61.97
N HIS A 398 39.75 30.38 61.46
CA HIS A 398 39.95 29.07 60.86
C HIS A 398 40.74 29.10 59.56
N HIS A 399 42.01 28.74 59.63
CA HIS A 399 42.85 28.73 58.44
C HIS A 399 42.12 28.11 57.26
N TRP A 400 42.30 28.68 56.07
CA TRP A 400 41.66 28.14 54.87
C TRP A 400 42.55 28.15 53.63
N HIS A 401 42.48 27.07 52.89
CA HIS A 401 43.24 26.95 51.68
C HIS A 401 42.28 26.89 50.50
N ARG A 402 42.63 27.59 49.43
CA ARG A 402 41.83 27.63 48.20
C ARG A 402 42.59 26.79 47.17
N SER A 403 41.95 25.72 46.68
CA SER A 403 42.57 24.84 45.70
C SER A 403 42.46 25.40 44.28
N GLY A 404 42.88 24.62 43.29
CA GLY A 404 42.81 25.03 41.90
C GLY A 404 43.90 25.95 41.35
N SER A 405 43.50 26.78 40.39
CA SER A 405 44.38 27.75 39.74
C SER A 405 43.69 29.11 39.56
N THR A 406 44.39 30.20 39.92
CA THR A 406 43.88 31.57 39.82
C THR A 406 43.16 31.75 38.47
N ILE A 407 43.96 31.70 37.41
CA ILE A 407 43.47 31.84 36.04
C ILE A 407 42.97 30.47 35.57
N GLY A 408 43.16 29.47 36.42
CA GLY A 408 42.69 28.15 36.05
C GLY A 408 41.16 28.19 35.94
N LYS A 409 40.50 28.50 37.06
CA LYS A 409 39.05 28.55 37.12
C LYS A 409 38.46 29.32 35.94
N ALA A 410 39.27 30.11 35.27
CA ALA A 410 38.81 30.88 34.11
C ALA A 410 38.39 29.90 33.05
N PHE A 411 39.26 28.93 32.77
CA PHE A 411 38.95 27.91 31.77
C PHE A 411 37.55 27.32 32.04
N GLU A 412 37.03 27.56 33.24
CA GLU A 412 35.73 27.01 33.61
C GLU A 412 34.53 27.76 33.03
N ALA A 413 34.49 29.08 33.21
CA ALA A 413 33.39 29.89 32.69
C ALA A 413 33.40 29.97 31.15
N THR A 414 34.35 29.28 30.52
CA THR A 414 34.44 29.23 29.04
C THR A 414 33.70 27.96 28.60
N VAL A 415 33.83 26.90 29.40
CA VAL A 415 33.17 25.62 29.14
C VAL A 415 31.90 25.45 30.01
N ARG A 416 31.49 26.54 30.66
CA ARG A 416 30.27 26.58 31.46
C ARG A 416 29.43 27.70 30.85
N GLY A 417 30.13 28.74 30.38
CA GLY A 417 29.48 29.84 29.72
C GLY A 417 29.09 29.23 28.40
N ALA A 418 29.50 27.98 28.23
CA ALA A 418 29.22 27.19 27.04
C ALA A 418 27.93 26.37 27.27
N LYS A 419 27.80 25.77 28.45
CA LYS A 419 26.59 25.02 28.77
C LYS A 419 25.45 26.02 28.59
N ARG A 420 25.51 27.16 29.31
CA ARG A 420 24.48 28.20 29.17
C ARG A 420 24.37 28.58 27.68
N MET A 421 25.42 28.28 26.91
CA MET A 421 25.43 28.58 25.46
C MET A 421 24.67 27.55 24.65
N ALA A 422 25.11 26.30 24.70
CA ALA A 422 24.43 25.22 23.99
C ALA A 422 22.93 25.26 24.36
N VAL A 423 22.59 25.01 25.64
CA VAL A 423 21.19 25.06 26.09
C VAL A 423 20.83 26.56 26.08
N LEU A 424 19.55 26.91 26.26
CA LEU A 424 19.15 28.32 26.17
C LEU A 424 19.30 28.77 24.73
N GLY A 425 20.37 28.28 24.10
CA GLY A 425 20.68 28.57 22.72
C GLY A 425 20.28 29.93 22.22
N ASP A 426 21.14 30.93 22.46
CA ASP A 426 20.95 32.32 22.02
C ASP A 426 20.32 33.29 23.06
N THR A 427 19.52 32.76 23.97
CA THR A 427 18.94 33.57 25.02
C THR A 427 20.06 33.44 26.07
N ALA A 428 21.23 33.09 25.54
CA ALA A 428 22.41 32.88 26.34
C ALA A 428 23.31 34.10 26.38
N TRP A 429 22.74 35.27 26.13
CA TRP A 429 23.50 36.49 26.21
C TRP A 429 22.78 37.29 27.23
N ASP A 430 21.64 36.77 27.62
CA ASP A 430 20.83 37.44 28.62
C ASP A 430 21.14 36.90 29.97
N PHE A 431 22.42 36.86 30.26
CA PHE A 431 22.83 36.43 31.56
C PHE A 431 22.84 37.75 32.26
N GLY A 432 23.62 37.88 33.32
CA GLY A 432 23.64 39.12 34.05
C GLY A 432 24.46 40.26 33.48
N SER A 433 23.84 41.10 32.65
CA SER A 433 24.55 42.22 32.09
C SER A 433 23.69 43.15 31.27
N VAL A 434 23.97 44.43 31.38
CA VAL A 434 23.26 45.40 30.58
C VAL A 434 24.17 45.37 29.37
N GLY A 435 23.61 45.41 28.16
CA GLY A 435 24.47 45.32 27.00
C GLY A 435 24.36 46.44 26.00
N GLY A 436 25.37 46.58 25.17
CA GLY A 436 25.35 47.63 24.19
C GLY A 436 25.92 47.27 22.84
N ALA A 437 27.20 46.91 22.82
CA ALA A 437 27.83 46.59 21.56
C ALA A 437 28.07 45.10 21.40
N LEU A 438 29.17 44.64 22.00
CA LEU A 438 29.57 43.24 21.94
C LEU A 438 28.61 42.38 22.76
N ASN A 439 27.50 42.98 23.18
CA ASN A 439 26.52 42.27 24.00
C ASN A 439 25.12 42.36 23.39
N SER A 440 24.87 43.44 22.67
CA SER A 440 23.60 43.61 22.02
C SER A 440 23.75 42.89 20.70
N LEU A 441 24.96 42.95 20.15
CA LEU A 441 25.26 42.31 18.88
C LEU A 441 25.47 40.82 19.02
N GLY A 442 26.12 40.39 20.10
CA GLY A 442 26.36 38.97 20.32
C GLY A 442 25.12 38.18 19.97
N LYS A 443 23.97 38.78 20.27
CA LYS A 443 22.68 38.18 19.98
C LYS A 443 22.45 38.35 18.49
N GLY A 444 22.58 39.60 18.06
CA GLY A 444 22.40 39.93 16.65
C GLY A 444 23.12 39.00 15.70
N ILE A 445 24.26 38.45 16.11
CA ILE A 445 24.98 37.52 15.25
C ILE A 445 24.71 36.09 15.71
N HIS A 446 23.88 35.95 16.76
CA HIS A 446 23.53 34.62 17.21
C HIS A 446 22.14 34.28 16.64
N GLN A 447 21.18 35.17 16.85
CA GLN A 447 19.82 34.95 16.34
C GLN A 447 19.80 34.56 14.88
N ILE A 448 20.68 35.16 14.10
CA ILE A 448 20.76 34.85 12.67
C ILE A 448 21.45 33.51 12.47
N PHE A 449 22.59 33.32 13.11
CA PHE A 449 23.27 32.06 12.98
C PHE A 449 22.76 31.10 14.03
N GLY A 450 21.51 31.29 14.38
CA GLY A 450 20.88 30.43 15.34
C GLY A 450 19.71 29.81 14.62
N ALA A 451 19.09 30.60 13.75
CA ALA A 451 17.96 30.14 12.97
C ALA A 451 18.50 29.32 11.83
N ALA A 452 19.50 29.88 11.16
CA ALA A 452 20.13 29.21 10.04
C ALA A 452 20.58 27.85 10.53
N PHE A 453 21.34 27.87 11.61
CA PHE A 453 21.87 26.66 12.20
C PHE A 453 20.79 25.74 12.79
N LYS A 454 19.54 26.18 12.77
CA LYS A 454 18.48 25.33 13.27
C LYS A 454 17.90 24.59 12.08
N SER A 455 17.46 25.36 11.10
CA SER A 455 16.84 24.83 9.90
C SER A 455 17.61 23.67 9.26
N LEU A 456 18.92 23.82 9.08
CA LEU A 456 19.71 22.77 8.46
C LEU A 456 20.20 21.63 9.34
N PHE A 457 19.84 21.64 10.63
CA PHE A 457 20.27 20.58 11.55
C PHE A 457 19.26 20.20 12.63
N GLY A 458 18.10 20.87 12.63
CA GLY A 458 17.08 20.51 13.58
C GLY A 458 16.71 19.16 13.02
N GLY A 459 16.20 18.25 13.85
CA GLY A 459 15.86 16.93 13.37
C GLY A 459 17.04 16.00 13.55
N MET A 460 18.21 16.62 13.67
CA MET A 460 19.41 15.86 13.88
C MET A 460 19.43 15.50 15.35
N SER A 461 18.93 14.31 15.70
CA SER A 461 18.96 13.84 17.09
C SER A 461 20.48 13.84 17.44
N TRP A 462 20.90 13.44 18.64
CA TRP A 462 22.34 13.48 18.98
C TRP A 462 23.26 12.71 18.01
N PHE A 463 23.15 11.39 18.00
CA PHE A 463 23.99 10.54 17.16
C PHE A 463 24.07 11.03 15.73
N SER A 464 23.06 11.78 15.34
CA SER A 464 23.03 12.33 14.00
C SER A 464 24.11 13.38 13.97
N GLN A 465 23.87 14.48 14.68
CA GLN A 465 24.80 15.58 14.75
C GLN A 465 26.21 15.14 14.37
N ILE A 466 26.94 14.64 15.35
CA ILE A 466 28.32 14.17 15.17
C ILE A 466 28.60 13.52 13.82
N LEU A 467 27.77 12.55 13.41
CA LEU A 467 27.93 11.84 12.13
C LEU A 467 28.03 12.85 10.98
N ILE A 468 26.93 13.56 10.76
CA ILE A 468 26.85 14.57 9.70
C ILE A 468 27.62 15.82 10.17
N GLY A 469 28.51 15.59 11.12
CA GLY A 469 29.34 16.64 11.69
C GLY A 469 30.80 16.28 11.58
N THR A 470 31.09 14.98 11.67
CA THR A 470 32.47 14.53 11.55
C THR A 470 32.74 14.31 10.07
N LEU A 471 31.91 13.48 9.44
CA LEU A 471 32.06 13.22 8.01
C LEU A 471 31.91 14.56 7.26
N LEU A 472 31.76 15.65 8.01
CA LEU A 472 31.65 16.99 7.44
C LEU A 472 32.93 17.74 7.69
N MET A 473 33.37 17.69 8.95
CA MET A 473 34.60 18.34 9.37
C MET A 473 35.73 17.88 8.46
N TRP A 474 35.48 16.81 7.72
CA TRP A 474 36.45 16.24 6.78
C TRP A 474 36.50 17.08 5.51
N LEU A 475 35.32 17.42 4.98
CA LEU A 475 35.18 18.25 3.78
C LEU A 475 35.97 19.56 3.93
N GLY A 476 36.06 20.03 5.17
CA GLY A 476 36.77 21.27 5.45
C GLY A 476 38.27 21.07 5.33
N LEU A 477 38.75 19.93 5.83
CA LEU A 477 40.17 19.59 5.77
C LEU A 477 40.58 19.38 4.30
N ASN A 478 39.62 18.91 3.51
CA ASN A 478 39.81 18.65 2.07
C ASN A 478 39.52 19.93 1.26
N THR A 479 39.80 19.90 -0.04
CA THR A 479 39.56 21.07 -0.91
C THR A 479 40.46 22.24 -0.52
N LYS A 480 40.07 23.44 -0.95
CA LYS A 480 40.88 24.63 -0.66
C LYS A 480 40.18 25.98 -0.85
N ASN A 481 40.90 27.02 -0.43
CA ASN A 481 40.54 28.46 -0.46
C ASN A 481 40.00 28.98 0.87
N GLY A 482 39.44 28.09 1.68
CA GLY A 482 38.92 28.49 2.97
C GLY A 482 37.43 28.82 2.98
N SER A 483 37.01 29.66 2.03
CA SER A 483 35.60 30.06 1.93
C SER A 483 34.66 28.85 1.91
N ILE A 484 35.17 27.69 1.51
CA ILE A 484 34.39 26.47 1.49
C ILE A 484 35.23 25.33 2.05
N SER A 485 36.32 25.69 2.71
CA SER A 485 37.20 24.71 3.32
C SER A 485 37.43 25.08 4.79
N LEU A 486 36.60 25.99 5.29
CA LEU A 486 36.66 26.43 6.68
C LEU A 486 35.26 26.36 7.25
N MET A 487 34.34 26.95 6.50
CA MET A 487 32.93 27.00 6.87
C MET A 487 32.44 25.59 7.09
N CYS A 488 33.15 24.64 6.49
CA CYS A 488 32.80 23.24 6.59
C CYS A 488 33.64 22.53 7.68
N LEU A 489 34.57 23.27 8.27
CA LEU A 489 35.41 22.75 9.34
C LEU A 489 34.82 23.27 10.63
N ALA A 490 34.48 24.55 10.58
CA ALA A 490 33.90 25.24 11.69
C ALA A 490 32.59 24.55 12.06
N LEU A 491 31.61 24.64 11.17
CA LEU A 491 30.30 24.06 11.38
C LEU A 491 30.35 22.54 11.46
N GLY A 492 31.55 21.99 11.35
CA GLY A 492 31.74 20.56 11.41
C GLY A 492 32.14 20.12 12.80
N GLY A 493 33.04 20.88 13.42
CA GLY A 493 33.49 20.58 14.76
C GLY A 493 32.56 21.20 15.79
N VAL A 494 32.03 22.37 15.48
CA VAL A 494 31.13 23.07 16.37
C VAL A 494 29.78 22.38 16.45
N LEU A 495 29.43 21.65 15.40
CA LEU A 495 28.19 20.93 15.41
C LEU A 495 28.34 19.96 16.56
N ILE A 496 29.50 19.32 16.57
CA ILE A 496 29.93 18.33 17.55
C ILE A 496 29.81 18.77 19.00
N PHE A 497 30.07 20.05 19.24
CA PHE A 497 30.01 20.65 20.58
C PHE A 497 28.63 20.46 21.22
N LEU A 498 27.57 20.76 20.48
CA LEU A 498 26.23 20.61 21.00
C LEU A 498 25.91 19.12 21.14
N SER A 499 26.97 18.34 21.27
CA SER A 499 26.87 16.89 21.44
C SER A 499 27.60 16.53 22.73
N THR A 500 28.58 17.36 23.10
CA THR A 500 29.35 17.11 24.33
C THR A 500 28.88 17.99 25.49
N ALA A 501 28.12 19.03 25.16
CA ALA A 501 27.59 19.93 26.19
C ALA A 501 26.20 19.42 26.54
N VAL A 502 25.93 18.17 26.15
CA VAL A 502 24.64 17.54 26.40
C VAL A 502 24.70 16.52 27.54
N SER A 503 25.21 15.32 27.27
CA SER A 503 25.31 14.27 28.29
C SER A 503 26.70 14.29 28.97
N ALA A 504 27.70 14.81 28.26
CA ALA A 504 29.09 14.91 28.76
C ALA A 504 29.72 13.57 29.15
N ILE B 1 -10.29 -34.30 -6.01
CA ILE B 1 -9.45 -33.42 -6.87
C ILE B 1 -8.44 -32.66 -6.02
N ARG B 2 -8.90 -31.65 -5.28
CA ARG B 2 -8.03 -30.88 -4.41
C ARG B 2 -7.39 -29.61 -5.04
N CYS B 3 -6.99 -29.64 -6.32
CA CYS B 3 -6.35 -28.44 -6.90
C CYS B 3 -6.98 -27.81 -8.15
N ILE B 4 -8.28 -28.02 -8.35
CA ILE B 4 -9.00 -27.44 -9.48
C ILE B 4 -9.25 -25.94 -9.32
N GLY B 5 -8.20 -25.17 -9.01
CA GLY B 5 -8.42 -23.75 -8.87
C GLY B 5 -7.71 -23.07 -7.74
N VAL B 6 -6.44 -23.40 -7.56
CA VAL B 6 -5.67 -22.74 -6.53
C VAL B 6 -4.52 -22.13 -7.30
N SER B 7 -4.43 -20.81 -7.26
CA SER B 7 -3.42 -20.07 -8.00
C SER B 7 -2.00 -20.66 -8.00
N ASN B 8 -1.57 -21.15 -6.85
CA ASN B 8 -0.24 -21.69 -6.73
C ASN B 8 -0.04 -22.92 -7.62
N ARG B 9 -0.97 -23.86 -7.54
CA ARG B 9 -0.90 -25.12 -8.30
C ARG B 9 -0.01 -25.19 -9.53
N ASP B 10 0.90 -26.15 -9.50
CA ASP B 10 1.83 -26.37 -10.58
C ASP B 10 1.54 -27.79 -11.08
N PHE B 11 1.77 -28.05 -12.37
CA PHE B 11 1.55 -29.37 -12.99
C PHE B 11 2.84 -30.12 -13.35
N VAL B 12 3.05 -31.28 -12.76
CA VAL B 12 4.23 -32.07 -13.10
C VAL B 12 3.79 -33.25 -13.97
N GLU B 13 3.98 -33.09 -15.26
CA GLU B 13 3.60 -34.13 -16.19
C GLU B 13 4.88 -34.81 -16.68
N GLY B 14 5.45 -35.66 -15.82
CA GLY B 14 6.68 -36.32 -16.21
C GLY B 14 6.49 -37.79 -16.51
N MET B 15 6.32 -38.12 -17.78
CA MET B 15 6.21 -39.51 -18.23
C MET B 15 7.68 -39.95 -18.48
N SER B 16 8.51 -39.67 -17.46
CA SER B 16 9.94 -39.96 -17.43
C SER B 16 10.18 -41.46 -17.46
N GLY B 17 9.23 -42.21 -16.90
CA GLY B 17 9.35 -43.65 -16.85
C GLY B 17 10.37 -43.99 -15.79
N GLY B 18 10.63 -43.02 -14.92
CA GLY B 18 11.57 -43.23 -13.85
C GLY B 18 10.82 -43.74 -12.64
N THR B 19 9.50 -43.88 -12.78
CA THR B 19 8.67 -44.38 -11.67
C THR B 19 8.90 -43.44 -10.48
N TRP B 20 9.08 -42.16 -10.79
CA TRP B 20 9.33 -41.13 -9.79
C TRP B 20 9.42 -39.77 -10.44
N VAL B 21 9.08 -38.73 -9.70
CA VAL B 21 9.17 -37.38 -10.23
C VAL B 21 9.37 -36.49 -9.05
N ASP B 22 10.62 -36.18 -8.74
CA ASP B 22 10.86 -35.30 -7.60
C ASP B 22 9.92 -34.12 -7.83
N VAL B 23 9.22 -33.75 -6.77
CA VAL B 23 8.25 -32.68 -6.81
C VAL B 23 8.16 -31.92 -5.47
N VAL B 24 8.55 -30.65 -5.50
CA VAL B 24 8.53 -29.81 -4.30
C VAL B 24 7.09 -29.45 -3.95
N LEU B 25 6.66 -29.73 -2.74
CA LEU B 25 5.29 -29.42 -2.36
C LEU B 25 5.16 -28.79 -0.98
N GLU B 26 4.63 -27.57 -0.94
CA GLU B 26 4.42 -26.86 0.33
C GLU B 26 2.97 -26.46 0.54
N HIS B 27 2.75 -25.56 1.49
CA HIS B 27 1.41 -25.10 1.80
C HIS B 27 0.96 -24.04 0.83
N GLY B 28 1.73 -23.98 -0.24
CA GLY B 28 1.43 -23.06 -1.31
C GLY B 28 0.68 -23.85 -2.36
N GLY B 29 -0.59 -24.13 -2.05
CA GLY B 29 -1.42 -24.86 -2.97
C GLY B 29 -0.97 -26.28 -3.21
N CYS B 30 -0.71 -26.60 -4.48
CA CYS B 30 -0.31 -27.94 -4.82
C CYS B 30 0.20 -28.25 -6.19
N VAL B 31 0.24 -29.55 -6.42
CA VAL B 31 0.69 -30.11 -7.66
C VAL B 31 -0.18 -31.26 -8.04
N THR B 32 -0.28 -31.45 -9.33
CA THR B 32 -1.02 -32.53 -9.91
C THR B 32 0.07 -33.27 -10.66
N VAL B 33 -0.11 -34.56 -10.89
CA VAL B 33 0.87 -35.33 -11.64
C VAL B 33 0.11 -36.28 -12.55
N MET B 34 0.66 -36.54 -13.74
CA MET B 34 0.03 -37.45 -14.69
C MET B 34 1.10 -37.93 -15.65
N ALA B 35 0.91 -39.10 -16.22
CA ALA B 35 1.87 -39.65 -17.17
C ALA B 35 1.15 -40.79 -17.85
N GLN B 36 1.88 -41.71 -18.44
CA GLN B 36 1.25 -42.84 -19.10
C GLN B 36 0.32 -43.54 -18.09
N ASP B 37 -0.82 -43.99 -18.62
CA ASP B 37 -1.88 -44.74 -17.92
C ASP B 37 -2.00 -44.42 -16.44
N LYS B 38 -1.38 -43.34 -16.02
CA LYS B 38 -1.42 -42.99 -14.61
C LYS B 38 -2.45 -41.94 -14.32
N PRO B 39 -3.49 -42.33 -13.59
CA PRO B 39 -4.55 -41.39 -13.24
C PRO B 39 -3.92 -40.14 -12.67
N THR B 40 -4.05 -39.02 -13.38
CA THR B 40 -3.49 -37.76 -12.90
C THR B 40 -3.85 -37.62 -11.42
N VAL B 41 -2.87 -37.26 -10.61
CA VAL B 41 -3.10 -37.13 -9.16
C VAL B 41 -2.70 -35.79 -8.59
N ASP B 42 -3.31 -35.44 -7.46
CA ASP B 42 -3.04 -34.18 -6.76
C ASP B 42 -2.40 -34.44 -5.40
N ILE B 43 -1.27 -33.81 -5.14
CA ILE B 43 -0.63 -33.95 -3.86
C ILE B 43 -0.74 -32.54 -3.32
N GLU B 44 -1.09 -32.43 -2.05
CA GLU B 44 -1.25 -31.12 -1.41
C GLU B 44 -0.70 -31.12 0.00
N LEU B 45 0.48 -30.53 0.19
CA LEU B 45 1.02 -30.50 1.53
C LEU B 45 0.16 -29.57 2.38
N VAL B 46 -0.75 -30.16 3.14
CA VAL B 46 -1.64 -29.36 3.94
C VAL B 46 -1.12 -28.89 5.29
N THR B 47 -1.02 -29.82 6.24
CA THR B 47 -0.57 -29.53 7.61
C THR B 47 0.85 -30.00 7.94
N THR B 48 1.57 -29.22 8.72
CA THR B 48 2.91 -29.63 9.13
C THR B 48 3.14 -29.18 10.58
N THR B 49 2.46 -29.87 11.48
CA THR B 49 2.50 -29.60 12.92
C THR B 49 3.83 -29.98 13.62
N VAL B 50 4.15 -29.30 14.72
CA VAL B 50 5.34 -29.64 15.49
C VAL B 50 4.76 -30.18 16.82
N SER B 51 5.02 -31.47 17.06
CA SER B 51 4.52 -32.24 18.21
C SER B 51 4.94 -31.90 19.64
N ASN B 52 6.18 -32.22 19.97
CA ASN B 52 6.73 -31.98 21.29
C ASN B 52 7.90 -31.03 21.14
N MET B 53 7.89 -29.94 21.90
CA MET B 53 9.00 -29.03 21.82
C MET B 53 9.01 -28.39 23.18
N ALA B 54 10.19 -27.96 23.60
CA ALA B 54 10.28 -27.31 24.89
C ALA B 54 10.97 -25.99 24.65
N GLU B 55 10.66 -25.05 25.53
CA GLU B 55 11.18 -23.68 25.50
C GLU B 55 12.71 -23.57 25.67
N VAL B 56 13.28 -22.50 25.12
CA VAL B 56 14.71 -22.25 25.20
C VAL B 56 14.95 -20.98 26.03
N ARG B 57 14.27 -19.90 25.69
CA ARG B 57 14.46 -18.62 26.37
C ARG B 57 13.16 -17.85 26.50
N SER B 58 12.87 -17.32 27.69
CA SER B 58 11.64 -16.55 27.90
C SER B 58 11.96 -15.07 28.14
N TYR B 59 11.22 -14.19 27.48
CA TYR B 59 11.45 -12.77 27.62
C TYR B 59 10.29 -12.10 28.29
N CYS B 60 10.56 -11.00 28.97
CA CYS B 60 9.48 -10.25 29.60
C CYS B 60 9.17 -9.01 28.77
N TYR B 61 7.88 -8.74 28.57
CA TYR B 61 7.48 -7.59 27.79
C TYR B 61 6.57 -6.70 28.62
N GLU B 62 6.35 -7.11 29.86
CA GLU B 62 5.48 -6.34 30.72
C GLU B 62 6.01 -6.15 32.12
N ALA B 63 7.10 -5.41 32.24
CA ALA B 63 7.70 -5.17 33.54
C ALA B 63 6.73 -4.59 34.55
N SER B 64 7.11 -4.62 35.83
CA SER B 64 6.28 -4.09 36.90
C SER B 64 7.03 -3.84 38.23
N ILE B 65 7.78 -2.74 38.29
CA ILE B 65 8.54 -2.40 39.50
C ILE B 65 7.64 -2.36 40.73
N SER B 66 7.90 -3.28 41.66
CA SER B 66 7.13 -3.37 42.90
C SER B 66 7.37 -2.15 43.75
N ASP B 67 8.31 -2.27 44.68
CA ASP B 67 8.65 -1.18 45.58
C ASP B 67 10.02 -0.64 45.26
N MET B 68 10.22 0.63 45.59
CA MET B 68 11.50 1.27 45.36
C MET B 68 12.06 1.77 46.67
N ALA B 69 13.19 1.23 47.09
CA ALA B 69 13.82 1.70 48.31
C ALA B 69 15.13 2.32 47.81
N SER B 70 15.77 3.15 48.64
CA SER B 70 17.05 3.78 48.27
C SER B 70 17.75 4.48 49.41
N ASP B 71 19.07 4.64 49.26
CA ASP B 71 19.90 5.28 50.26
C ASP B 71 20.98 6.10 49.62
N SER B 72 21.33 7.19 50.27
CA SER B 72 22.35 8.03 49.72
C SER B 72 23.32 8.39 50.79
N ARG B 73 24.58 8.09 50.52
CA ARG B 73 25.60 8.44 51.47
C ARG B 73 25.82 9.90 51.17
N CYS B 74 26.41 10.59 52.13
CA CYS B 74 26.73 12.00 51.97
C CYS B 74 28.15 12.06 51.39
N PRO B 75 28.57 13.22 50.90
CA PRO B 75 29.91 13.29 50.34
C PRO B 75 30.94 12.59 51.21
N THR B 76 31.71 11.72 50.56
CA THR B 76 32.77 10.96 51.20
C THR B 76 32.47 10.64 52.65
N GLN B 77 31.20 10.40 52.94
CA GLN B 77 30.86 10.05 54.30
C GLN B 77 30.91 8.53 54.25
N GLY B 78 31.26 8.03 53.06
CA GLY B 78 31.36 6.60 52.84
C GLY B 78 30.80 6.18 51.50
N GLU B 79 29.67 5.48 51.54
CA GLU B 79 28.99 4.97 50.34
C GLU B 79 27.56 4.46 50.71
N ALA B 80 26.63 4.47 49.74
CA ALA B 80 25.25 4.02 49.99
C ALA B 80 25.05 2.52 49.78
N TYR B 81 24.61 1.87 50.84
CA TYR B 81 24.40 0.44 50.82
C TYR B 81 22.96 0.14 51.07
N LEU B 82 22.42 -0.79 50.29
CA LEU B 82 21.03 -1.20 50.44
C LEU B 82 21.01 -2.71 50.49
N ASP B 83 20.47 -3.28 51.57
CA ASP B 83 20.44 -4.73 51.69
C ASP B 83 19.92 -5.48 50.43
N LYS B 84 19.11 -4.79 49.63
CA LYS B 84 18.59 -5.40 48.43
C LYS B 84 19.70 -5.54 47.40
N GLN B 85 20.51 -4.50 47.28
CA GLN B 85 21.62 -4.42 46.31
C GLN B 85 22.32 -5.76 46.07
N SER B 86 22.11 -6.70 46.99
CA SER B 86 22.67 -8.02 46.89
C SER B 86 21.64 -9.06 46.38
N ASP B 87 20.38 -8.95 46.81
CA ASP B 87 19.32 -9.90 46.36
C ASP B 87 18.83 -9.71 44.90
N THR B 88 19.32 -10.54 44.00
CA THR B 88 18.99 -10.48 42.57
C THR B 88 17.67 -9.85 42.12
N GLN B 89 16.60 -10.07 42.87
CA GLN B 89 15.29 -9.52 42.53
C GLN B 89 15.21 -8.07 42.08
N TYR B 90 15.79 -7.16 42.86
CA TYR B 90 15.71 -5.74 42.53
C TYR B 90 16.66 -5.34 41.44
N VAL B 91 16.86 -4.04 41.32
CA VAL B 91 17.77 -3.52 40.33
C VAL B 91 18.01 -2.06 40.65
N CYS B 92 19.28 -1.68 40.82
CA CYS B 92 19.64 -0.29 41.17
C CYS B 92 20.83 0.39 40.58
N LYS B 93 20.83 1.71 40.80
CA LYS B 93 21.82 2.63 40.32
C LYS B 93 22.66 3.12 41.49
N ARG B 94 23.78 3.76 41.13
CA ARG B 94 24.71 4.33 42.07
C ARG B 94 25.09 5.71 41.54
N THR B 95 24.11 6.61 41.54
CA THR B 95 24.29 7.99 41.03
C THR B 95 25.05 8.88 42.03
N LEU B 96 25.02 10.18 41.76
CA LEU B 96 25.68 11.12 42.63
C LEU B 96 24.84 12.38 42.85
N VAL B 97 23.99 12.29 43.88
CA VAL B 97 23.11 13.37 44.30
C VAL B 97 23.97 14.35 45.08
N ASP B 98 24.42 15.40 44.42
CA ASP B 98 25.22 16.36 45.13
C ASP B 98 24.50 16.83 46.38
N ARG B 99 25.22 16.94 47.49
CA ARG B 99 24.58 17.38 48.69
C ARG B 99 25.44 18.15 49.65
N GLY B 100 24.77 18.98 50.43
CA GLY B 100 25.43 19.79 51.41
C GLY B 100 24.49 20.04 52.56
N TRP B 101 24.85 21.02 53.39
CA TRP B 101 24.07 21.36 54.58
C TRP B 101 22.58 21.35 54.39
N GLY B 102 22.11 21.98 53.33
CA GLY B 102 20.68 22.01 53.11
C GLY B 102 20.18 20.57 53.03
N ASN B 103 20.94 19.75 52.29
CA ASN B 103 20.62 18.35 52.08
C ASN B 103 20.93 17.46 53.27
N GLY B 104 21.22 18.07 54.42
CA GLY B 104 21.50 17.30 55.62
C GLY B 104 22.91 16.75 55.82
N CYS B 105 23.86 17.23 55.04
CA CYS B 105 25.24 16.76 55.14
C CYS B 105 26.15 17.76 55.88
N GLY B 106 27.32 17.28 56.33
CA GLY B 106 28.24 18.15 57.03
C GLY B 106 29.32 18.50 56.05
N LEU B 107 28.97 18.43 54.78
CA LEU B 107 29.94 18.72 53.77
C LEU B 107 29.33 18.92 52.39
N PHE B 108 30.08 19.59 51.49
CA PHE B 108 29.60 19.84 50.12
C PHE B 108 30.28 18.99 49.07
N GLY B 109 29.46 18.27 48.31
CA GLY B 109 30.01 17.42 47.28
C GLY B 109 28.98 16.46 46.73
N LYS B 110 29.49 15.33 46.24
CA LYS B 110 28.66 14.31 45.63
C LYS B 110 28.44 13.05 46.46
N GLY B 111 27.60 13.15 47.49
CA GLY B 111 27.31 11.96 48.27
C GLY B 111 26.74 11.02 47.22
N SER B 112 26.66 9.73 47.46
CA SER B 112 26.15 8.84 46.44
C SER B 112 24.81 8.23 46.79
N LEU B 113 23.96 8.10 45.78
CA LEU B 113 22.62 7.56 45.95
C LEU B 113 22.35 6.29 45.13
N VAL B 114 21.87 5.25 45.83
CA VAL B 114 21.54 3.95 45.25
C VAL B 114 20.05 3.71 45.43
N THR B 115 19.31 3.80 44.34
CA THR B 115 17.87 3.59 44.41
C THR B 115 17.51 2.21 43.97
N CYS B 116 16.97 1.38 44.88
CA CYS B 116 16.57 0.02 44.54
C CYS B 116 15.11 -0.25 44.28
N ALA B 117 14.89 -1.05 43.26
CA ALA B 117 13.56 -1.38 42.84
C ALA B 117 13.33 -2.88 42.73
N LYS B 118 12.22 -3.38 43.31
CA LYS B 118 11.97 -4.79 43.20
C LYS B 118 11.20 -4.96 41.91
N PHE B 119 11.82 -5.75 41.03
CA PHE B 119 11.32 -6.05 39.70
C PHE B 119 10.46 -7.30 39.65
N ALA B 120 9.48 -7.27 38.77
CA ALA B 120 8.57 -8.38 38.63
C ALA B 120 7.96 -8.34 37.24
N CYS B 121 7.67 -9.51 36.68
CA CYS B 121 7.10 -9.56 35.37
C CYS B 121 5.62 -9.91 35.36
N SER B 122 4.91 -9.34 34.39
CA SER B 122 3.47 -9.57 34.24
C SER B 122 3.11 -10.56 33.12
N LYS B 123 3.66 -10.35 31.92
CA LYS B 123 3.41 -11.23 30.78
C LYS B 123 4.67 -11.35 29.91
N LYS B 124 5.01 -12.57 29.51
CA LYS B 124 6.21 -12.80 28.72
C LYS B 124 5.99 -13.67 27.50
N MET B 125 7.08 -13.89 26.77
CA MET B 125 7.06 -14.72 25.58
C MET B 125 8.17 -15.73 25.67
N THR B 126 7.81 -17.01 25.55
CA THR B 126 8.77 -18.11 25.64
C THR B 126 9.04 -18.61 24.26
N GLY B 127 10.30 -18.99 24.01
CA GLY B 127 10.71 -19.46 22.70
C GLY B 127 10.89 -20.95 22.47
N LYS B 128 9.85 -21.71 22.78
CA LYS B 128 9.88 -23.15 22.60
C LYS B 128 10.76 -23.46 21.39
N SER B 129 11.62 -24.45 21.55
CA SER B 129 12.54 -24.83 20.49
C SER B 129 12.15 -26.11 19.75
N ILE B 130 12.32 -26.08 18.42
CA ILE B 130 11.99 -27.24 17.59
C ILE B 130 13.09 -27.77 16.71
N GLN B 131 13.20 -29.10 16.72
CA GLN B 131 14.18 -29.85 15.98
C GLN B 131 13.57 -30.71 14.88
N PRO B 132 14.32 -30.93 13.78
CA PRO B 132 13.87 -31.73 12.64
C PRO B 132 12.78 -32.70 13.06
N GLU B 133 13.07 -33.38 14.17
CA GLU B 133 12.16 -34.33 14.72
C GLU B 133 11.20 -33.66 15.70
N ASN B 134 9.99 -34.22 15.81
CA ASN B 134 8.90 -33.68 16.64
C ASN B 134 8.07 -32.98 15.58
N LEU B 135 8.42 -33.29 14.34
CA LEU B 135 7.79 -32.72 13.17
C LEU B 135 7.01 -33.79 12.40
N GLU B 136 5.77 -33.48 12.09
CA GLU B 136 4.91 -34.41 11.36
C GLU B 136 4.29 -33.70 10.13
N TYR B 137 4.43 -34.28 8.94
CA TYR B 137 3.86 -33.68 7.72
C TYR B 137 2.53 -34.29 7.31
N ARG B 138 1.60 -33.45 6.85
CA ARG B 138 0.28 -33.93 6.45
C ARG B 138 -0.04 -33.71 4.96
N ILE B 139 0.37 -34.65 4.11
CA ILE B 139 0.07 -34.47 2.69
C ILE B 139 -1.28 -35.08 2.33
N MET B 140 -1.94 -34.47 1.34
CA MET B 140 -3.24 -34.92 0.85
C MET B 140 -3.22 -35.27 -0.62
N LEU B 141 -3.39 -36.56 -0.90
CA LEU B 141 -3.42 -37.04 -2.26
C LEU B 141 -4.83 -37.17 -2.76
N SER B 142 -5.06 -36.72 -3.98
CA SER B 142 -6.38 -36.78 -4.60
C SER B 142 -6.23 -36.93 -6.11
N VAL B 143 -6.79 -37.99 -6.67
CA VAL B 143 -6.71 -38.24 -8.11
C VAL B 143 -7.97 -37.75 -8.87
N HIS B 144 -7.78 -36.98 -9.94
CA HIS B 144 -8.90 -36.49 -10.72
C HIS B 144 -9.70 -37.70 -11.06
N GLY B 145 -9.05 -38.67 -11.71
CA GLY B 145 -9.74 -39.87 -12.09
C GLY B 145 -11.19 -39.48 -12.28
N SER B 146 -12.12 -40.16 -11.61
CA SER B 146 -13.52 -39.81 -11.72
C SER B 146 -14.17 -39.57 -10.35
N GLN B 147 -14.63 -38.32 -10.14
CA GLN B 147 -15.24 -37.92 -8.88
C GLN B 147 -16.47 -37.00 -8.88
N HIS B 148 -16.49 -36.04 -7.95
CA HIS B 148 -17.64 -35.15 -7.78
C HIS B 148 -17.42 -33.69 -8.10
N SER B 149 -18.49 -32.99 -8.47
CA SER B 149 -18.41 -31.58 -8.81
C SER B 149 -18.17 -30.70 -7.59
N GLY B 150 -18.95 -30.97 -6.55
CA GLY B 150 -18.83 -30.21 -5.32
C GLY B 150 -17.89 -30.88 -4.34
N MET B 151 -17.94 -32.20 -4.30
CA MET B 151 -17.12 -32.97 -3.37
C MET B 151 -15.60 -32.91 -3.69
N ILE B 152 -15.18 -31.98 -4.56
CA ILE B 152 -13.75 -31.80 -4.93
C ILE B 152 -13.02 -31.04 -3.85
N VAL B 153 -13.76 -30.73 -2.79
CA VAL B 153 -13.23 -30.01 -1.66
C VAL B 153 -13.67 -30.68 -0.37
N ASN B 154 -14.78 -31.42 -0.44
CA ASN B 154 -15.25 -32.13 0.74
C ASN B 154 -14.02 -32.89 1.21
N ASP B 155 -13.77 -32.82 2.51
CA ASP B 155 -12.62 -33.52 3.04
C ASP B 155 -13.00 -34.12 4.39
N THR B 156 -13.62 -35.30 4.34
CA THR B 156 -14.05 -35.96 5.56
C THR B 156 -13.83 -37.45 5.44
N GLY B 157 -13.97 -37.95 4.22
CA GLY B 157 -13.79 -39.36 4.00
C GLY B 157 -12.40 -39.74 3.50
N HIS B 158 -11.67 -40.48 4.33
CA HIS B 158 -10.33 -40.95 3.97
C HIS B 158 -10.28 -42.44 4.16
N GLU B 159 -11.49 -43.02 4.10
CA GLU B 159 -11.74 -44.44 4.21
C GLU B 159 -12.37 -44.86 2.87
N THR B 160 -13.14 -43.92 2.30
CA THR B 160 -13.85 -44.08 1.01
C THR B 160 -13.00 -43.51 -0.13
N ASP B 161 -11.87 -42.94 0.27
CA ASP B 161 -10.91 -42.36 -0.64
C ASP B 161 -10.62 -43.26 -1.81
N GLU B 162 -11.34 -43.05 -2.90
CA GLU B 162 -11.07 -43.86 -4.06
C GLU B 162 -9.93 -43.08 -4.67
N ASN B 163 -9.85 -41.81 -4.26
CA ASN B 163 -8.84 -40.88 -4.73
C ASN B 163 -8.16 -40.16 -3.56
N ARG B 164 -8.94 -39.37 -2.84
CA ARG B 164 -8.40 -38.60 -1.72
C ARG B 164 -8.09 -39.36 -0.44
N ALA B 165 -6.84 -39.82 -0.35
CA ALA B 165 -6.33 -40.54 0.81
C ALA B 165 -5.31 -39.65 1.52
N LYS B 166 -5.43 -39.56 2.84
CA LYS B 166 -4.53 -38.72 3.63
C LYS B 166 -3.25 -39.42 3.99
N VAL B 167 -2.12 -38.85 3.61
CA VAL B 167 -0.86 -39.48 3.98
C VAL B 167 -0.51 -38.93 5.35
N GLU B 168 0.73 -39.16 5.76
CA GLU B 168 1.18 -38.70 7.05
C GLU B 168 2.71 -38.94 7.14
N ILE B 169 3.47 -38.19 6.35
CA ILE B 169 4.93 -38.31 6.29
C ILE B 169 5.71 -37.79 7.49
N THR B 170 6.11 -38.70 8.37
CA THR B 170 6.90 -38.36 9.55
C THR B 170 8.38 -38.30 9.16
N PRO B 171 9.21 -37.69 10.02
CA PRO B 171 10.64 -37.56 9.77
C PRO B 171 11.31 -38.90 9.94
N ASN B 172 10.87 -39.66 10.95
CA ASN B 172 11.43 -40.97 11.22
C ASN B 172 11.00 -41.99 10.14
N SER B 173 9.94 -41.69 9.39
CA SER B 173 9.47 -42.56 8.30
C SER B 173 9.41 -41.73 7.02
N PRO B 174 10.58 -41.42 6.42
CA PRO B 174 10.61 -40.62 5.19
C PRO B 174 9.67 -41.21 4.12
N ARG B 175 9.71 -42.54 4.03
CA ARG B 175 8.91 -43.26 3.08
C ARG B 175 7.48 -43.27 3.56
N ALA B 176 6.57 -43.46 2.62
CA ALA B 176 5.18 -43.47 2.98
C ALA B 176 4.35 -44.54 2.31
N GLU B 177 3.07 -44.24 2.17
CA GLU B 177 2.10 -45.13 1.54
C GLU B 177 0.74 -44.47 1.33
N ALA B 178 0.01 -44.94 0.31
CA ALA B 178 -1.32 -44.44 -0.02
C ALA B 178 -2.28 -45.62 -0.18
N THR B 179 -3.57 -45.40 0.02
CA THR B 179 -4.59 -46.45 -0.14
C THR B 179 -5.62 -45.90 -1.10
N LEU B 180 -6.01 -46.69 -2.08
CA LEU B 180 -6.99 -46.22 -3.04
C LEU B 180 -8.13 -47.21 -3.23
N GLY B 181 -9.00 -46.91 -4.18
CA GLY B 181 -10.08 -47.82 -4.47
C GLY B 181 -9.79 -48.57 -5.78
N GLY B 182 -8.80 -49.46 -5.77
CA GLY B 182 -8.48 -50.20 -6.98
C GLY B 182 -7.32 -49.59 -7.76
N PHE B 183 -6.73 -48.57 -7.17
CA PHE B 183 -5.61 -47.89 -7.76
C PHE B 183 -4.44 -48.34 -6.95
N GLY B 184 -3.26 -48.22 -7.52
CA GLY B 184 -2.08 -48.58 -6.79
C GLY B 184 -1.99 -47.63 -5.61
N SER B 185 -1.37 -48.11 -4.55
CA SER B 185 -1.17 -47.32 -3.34
C SER B 185 0.08 -46.48 -3.64
N LEU B 186 0.15 -45.23 -3.20
CA LEU B 186 1.38 -44.53 -3.53
C LEU B 186 2.42 -44.37 -2.45
N GLY B 187 3.67 -44.22 -2.90
CA GLY B 187 4.78 -44.03 -1.98
C GLY B 187 5.58 -42.79 -2.32
N LEU B 188 5.71 -41.91 -1.33
CA LEU B 188 6.47 -40.69 -1.49
C LEU B 188 7.63 -40.87 -0.55
N ASP B 189 8.83 -40.81 -1.11
CA ASP B 189 10.05 -40.95 -0.33
C ASP B 189 10.52 -39.51 -0.21
N CYS B 190 10.40 -38.95 0.99
CA CYS B 190 10.74 -37.56 1.18
C CYS B 190 11.95 -37.30 2.03
N GLU B 191 11.85 -36.20 2.79
CA GLU B 191 12.88 -35.76 3.71
C GLU B 191 12.32 -34.78 4.71
N PRO B 192 11.49 -35.28 5.64
CA PRO B 192 10.91 -34.41 6.65
C PRO B 192 12.07 -33.96 7.52
N ARG B 193 13.07 -34.84 7.60
CA ARG B 193 14.29 -34.60 8.39
C ARG B 193 15.08 -33.37 7.96
N THR B 194 14.83 -32.92 6.73
CA THR B 194 15.53 -31.75 6.17
C THR B 194 14.67 -30.85 5.27
N GLY B 195 13.35 -31.06 5.27
CA GLY B 195 12.47 -30.25 4.45
C GLY B 195 12.73 -28.76 4.62
N LEU B 196 11.90 -28.10 5.43
CA LEU B 196 12.05 -26.67 5.71
C LEU B 196 12.98 -26.59 6.90
N ASP B 197 13.94 -25.67 6.87
CA ASP B 197 14.89 -25.56 7.97
C ASP B 197 14.16 -25.31 9.30
N PHE B 198 14.63 -25.95 10.37
CA PHE B 198 14.01 -25.76 11.68
C PHE B 198 14.97 -25.56 12.81
N SER B 199 16.25 -25.75 12.52
CA SER B 199 17.26 -25.58 13.54
C SER B 199 17.19 -24.12 13.93
N ASP B 200 17.15 -23.29 12.89
CA ASP B 200 17.09 -21.86 13.06
C ASP B 200 15.65 -21.42 13.16
N LEU B 201 14.98 -21.78 14.23
CA LEU B 201 13.59 -21.39 14.33
C LEU B 201 12.89 -21.77 15.62
N TYR B 202 12.11 -20.83 16.17
CA TYR B 202 11.39 -21.11 17.38
C TYR B 202 9.97 -20.58 17.31
N TYR B 203 9.26 -20.81 18.37
CA TYR B 203 7.87 -20.41 18.47
C TYR B 203 7.55 -19.32 19.48
N LEU B 204 7.49 -18.07 19.08
CA LEU B 204 7.16 -17.09 20.10
C LEU B 204 5.79 -17.39 20.60
N THR B 205 5.62 -17.21 21.90
CA THR B 205 4.36 -17.52 22.49
C THR B 205 3.80 -16.40 23.37
N MET B 206 3.50 -15.26 22.78
CA MET B 206 2.96 -14.19 23.59
C MET B 206 1.57 -13.90 23.18
N ASN B 207 0.79 -13.48 24.16
CA ASN B 207 -0.59 -13.13 23.92
C ASN B 207 -1.43 -14.24 23.28
N ASN B 208 -0.82 -15.41 23.04
CA ASN B 208 -1.51 -16.57 22.45
C ASN B 208 -1.43 -16.63 20.94
N LYS B 209 -0.91 -15.56 20.35
CA LYS B 209 -0.71 -15.51 18.91
C LYS B 209 0.77 -15.81 18.82
N HIS B 210 1.12 -16.91 18.16
CA HIS B 210 2.52 -17.25 18.06
C HIS B 210 2.91 -17.14 16.63
N TRP B 211 4.20 -17.21 16.38
CA TRP B 211 4.70 -17.19 15.03
C TRP B 211 6.15 -17.69 14.96
N LEU B 212 6.42 -18.47 13.91
CA LEU B 212 7.74 -19.04 13.70
C LEU B 212 8.75 -17.96 13.51
N VAL B 213 9.64 -17.84 14.49
CA VAL B 213 10.68 -16.83 14.45
C VAL B 213 12.05 -17.42 14.25
N HIS B 214 12.90 -16.67 13.57
CA HIS B 214 14.26 -17.12 13.33
C HIS B 214 14.99 -17.31 14.66
N LYS B 215 16.16 -17.94 14.59
CA LYS B 215 16.97 -18.21 15.76
C LYS B 215 17.83 -16.99 16.00
N GLU B 216 18.67 -16.65 15.02
CA GLU B 216 19.56 -15.50 15.12
C GLU B 216 18.92 -14.38 15.94
N TRP B 217 17.83 -13.87 15.41
CA TRP B 217 17.06 -12.79 16.00
C TRP B 217 16.58 -13.03 17.43
N PHE B 218 15.98 -14.19 17.68
CA PHE B 218 15.46 -14.48 19.00
C PHE B 218 16.46 -14.48 20.15
N HIS B 219 17.75 -14.36 19.86
CA HIS B 219 18.77 -14.37 20.91
C HIS B 219 19.33 -12.98 21.17
N ASP B 220 18.69 -12.02 20.51
CA ASP B 220 19.12 -10.65 20.59
C ASP B 220 18.05 -9.66 21.05
N ILE B 221 16.85 -10.15 21.37
CA ILE B 221 15.84 -9.18 21.82
C ILE B 221 16.42 -8.70 23.13
N PRO B 222 16.18 -7.43 23.46
CA PRO B 222 16.68 -6.82 24.69
C PRO B 222 15.64 -6.67 25.81
N LEU B 223 15.24 -7.80 26.38
CA LEU B 223 14.27 -7.73 27.43
C LEU B 223 14.82 -8.62 28.51
N PRO B 224 14.02 -8.89 29.53
CA PRO B 224 14.55 -9.76 30.57
C PRO B 224 14.58 -11.26 30.25
N TRP B 225 15.72 -11.91 30.46
CA TRP B 225 15.80 -13.33 30.19
C TRP B 225 15.31 -14.13 31.30
N HIS B 226 15.01 -15.35 30.95
CA HIS B 226 14.52 -16.31 31.86
C HIS B 226 14.89 -17.52 31.07
N ALA B 227 15.95 -18.21 31.47
CA ALA B 227 16.36 -19.40 30.77
C ALA B 227 15.55 -20.54 31.38
N GLY B 228 15.23 -21.57 30.59
CA GLY B 228 14.44 -22.67 31.12
C GLY B 228 12.99 -22.25 31.31
N ALA B 229 12.17 -23.14 31.86
CA ALA B 229 10.75 -22.84 32.10
C ALA B 229 10.64 -22.18 33.47
N ASP B 230 9.43 -21.86 33.90
CA ASP B 230 9.27 -21.19 35.19
C ASP B 230 8.99 -22.11 36.36
N THR B 231 9.58 -21.73 37.49
CA THR B 231 9.44 -22.42 38.79
C THR B 231 8.61 -21.40 39.60
N GLY B 232 7.77 -20.66 38.86
CA GLY B 232 6.96 -19.61 39.45
C GLY B 232 7.74 -18.34 39.17
N THR B 233 8.02 -17.56 40.21
CA THR B 233 8.80 -16.34 40.02
C THR B 233 10.19 -16.76 39.60
N PRO B 234 10.74 -16.09 38.59
CA PRO B 234 12.07 -16.57 38.27
C PRO B 234 13.04 -15.42 38.36
N HIS B 235 14.29 -15.72 38.02
CA HIS B 235 15.33 -14.73 38.05
C HIS B 235 15.56 -14.30 36.63
N TRP B 236 15.49 -13.00 36.38
CA TRP B 236 15.68 -12.50 35.04
C TRP B 236 16.99 -11.77 34.85
N ASN B 237 17.75 -12.19 33.85
CA ASN B 237 18.97 -11.49 33.56
C ASN B 237 18.41 -10.25 32.87
N ASN B 238 19.15 -9.16 32.83
CA ASN B 238 18.62 -7.95 32.20
C ASN B 238 17.24 -7.51 32.68
N LYS B 239 17.15 -7.22 33.98
CA LYS B 239 15.92 -6.76 34.62
C LYS B 239 15.80 -5.26 34.48
N GLU B 240 16.69 -4.65 33.69
CA GLU B 240 16.70 -3.19 33.51
C GLU B 240 16.38 -2.72 32.08
N ALA B 241 16.53 -3.61 31.11
CA ALA B 241 16.24 -3.25 29.74
C ALA B 241 14.89 -2.57 29.72
N LEU B 242 14.01 -3.00 30.64
CA LEU B 242 12.70 -2.41 30.77
C LEU B 242 12.79 -1.27 31.79
N VAL B 243 13.24 -1.62 33.00
CA VAL B 243 13.40 -0.65 34.08
C VAL B 243 14.25 0.53 33.64
N GLU B 244 13.80 1.71 34.00
CA GLU B 244 14.51 2.90 33.62
C GLU B 244 14.26 3.98 34.65
N PHE B 245 15.33 4.45 35.28
CA PHE B 245 15.22 5.50 36.30
C PHE B 245 16.37 6.52 36.25
N LYS B 246 16.06 7.75 35.86
CA LYS B 246 17.08 8.80 35.76
C LYS B 246 16.82 10.08 36.55
N ASP B 247 17.49 10.19 37.70
CA ASP B 247 17.35 11.38 38.52
C ASP B 247 18.49 12.32 38.15
N ALA B 248 18.15 13.60 37.94
CA ALA B 248 19.15 14.63 37.58
C ALA B 248 19.47 15.56 38.77
N HIS B 249 20.72 15.50 39.25
CA HIS B 249 21.25 16.32 40.36
C HIS B 249 20.45 16.48 41.68
N ALA B 250 19.30 15.81 41.79
CA ALA B 250 18.48 15.91 42.99
C ALA B 250 18.36 14.59 43.73
N LYS B 251 17.60 14.58 44.81
CA LYS B 251 17.40 13.36 45.59
C LYS B 251 16.25 12.53 45.02
N ARG B 252 15.71 12.96 43.88
CA ARG B 252 14.57 12.26 43.26
C ARG B 252 14.78 11.15 42.21
N GLN B 253 14.92 9.90 42.68
CA GLN B 253 15.12 8.71 41.89
C GLN B 253 13.91 8.24 41.08
N THR B 254 13.81 8.74 39.87
CA THR B 254 12.68 8.42 39.01
C THR B 254 12.68 7.03 38.36
N VAL B 255 12.16 6.02 39.07
CA VAL B 255 12.10 4.61 38.57
C VAL B 255 10.86 4.22 37.75
N VAL B 256 10.88 4.50 36.44
CA VAL B 256 9.73 4.14 35.61
C VAL B 256 9.90 2.79 34.91
N VAL B 257 8.94 1.88 35.11
CA VAL B 257 9.02 0.54 34.54
C VAL B 257 9.19 0.50 33.01
N LEU B 258 8.47 1.38 32.31
CA LEU B 258 8.54 1.53 30.84
C LEU B 258 7.39 1.06 29.94
N GLY B 259 6.38 0.42 30.55
CA GLY B 259 5.21 -0.06 29.82
C GLY B 259 5.14 -1.52 29.39
N SER B 260 4.53 -1.73 28.24
CA SER B 260 4.39 -3.04 27.64
C SER B 260 5.38 -3.06 26.51
N GLN B 261 5.36 -4.12 25.73
CA GLN B 261 6.26 -4.16 24.62
C GLN B 261 5.64 -4.96 23.50
N GLU B 262 4.32 -5.11 23.50
CA GLU B 262 3.66 -5.86 22.43
C GLU B 262 4.04 -5.24 21.10
N GLY B 263 3.42 -4.12 20.75
CA GLY B 263 3.77 -3.47 19.51
C GLY B 263 5.27 -3.56 19.39
N ALA B 264 5.99 -2.99 20.35
CA ALA B 264 7.45 -3.00 20.36
C ALA B 264 8.04 -4.33 19.82
N VAL B 265 7.29 -5.43 19.93
CA VAL B 265 7.78 -6.72 19.39
C VAL B 265 7.01 -7.11 18.14
N HIS B 266 5.68 -7.09 18.20
CA HIS B 266 4.90 -7.43 17.03
C HIS B 266 5.58 -6.68 15.94
N THR B 267 5.61 -5.35 16.09
CA THR B 267 6.22 -4.46 15.12
C THR B 267 7.61 -4.84 14.59
N ALA B 268 8.48 -5.37 15.45
CA ALA B 268 9.82 -5.73 15.00
C ALA B 268 9.92 -7.18 14.50
N LEU B 269 8.78 -7.77 14.20
CA LEU B 269 8.68 -9.13 13.73
C LEU B 269 7.94 -9.17 12.41
N ALA B 270 8.29 -8.30 11.46
CA ALA B 270 7.55 -8.32 10.20
C ALA B 270 8.08 -9.27 9.11
N GLY B 271 8.80 -10.31 9.54
CA GLY B 271 9.33 -11.32 8.62
C GLY B 271 9.06 -12.74 9.15
N ALA B 272 8.53 -12.76 10.37
CA ALA B 272 8.18 -13.97 11.10
C ALA B 272 6.88 -14.59 10.61
N LEU B 273 6.92 -15.86 10.27
CA LEU B 273 5.73 -16.52 9.79
C LEU B 273 4.71 -16.75 10.87
N GLU B 274 3.51 -16.27 10.63
CA GLU B 274 2.44 -16.47 11.60
C GLU B 274 2.26 -17.95 11.80
N ALA B 275 2.09 -18.34 13.06
CA ALA B 275 1.89 -19.73 13.40
C ALA B 275 0.98 -19.85 14.58
N GLU B 276 0.14 -20.86 14.53
CA GLU B 276 -0.83 -21.08 15.56
C GLU B 276 -0.51 -22.34 16.35
N MET B 277 0.15 -22.19 17.48
CA MET B 277 0.41 -23.38 18.27
C MET B 277 -0.90 -23.60 18.99
N ASP B 278 -1.59 -24.68 18.65
CA ASP B 278 -2.87 -24.95 19.27
C ASP B 278 -2.87 -26.16 20.19
N GLY B 279 -3.35 -25.91 21.41
CA GLY B 279 -3.44 -26.96 22.41
C GLY B 279 -2.12 -27.56 22.90
N ALA B 280 -1.75 -28.69 22.32
CA ALA B 280 -0.52 -29.32 22.72
C ALA B 280 0.52 -29.00 21.68
N LYS B 281 0.35 -29.64 20.53
CA LYS B 281 1.28 -29.50 19.45
C LYS B 281 1.12 -28.32 18.54
N GLY B 282 2.18 -27.54 18.46
CA GLY B 282 2.17 -26.37 17.62
C GLY B 282 1.91 -26.78 16.19
N ARG B 283 1.10 -25.97 15.50
CA ARG B 283 0.80 -26.21 14.08
C ARG B 283 1.38 -25.11 13.24
N LEU B 284 2.06 -25.54 12.20
CA LEU B 284 2.65 -24.59 11.34
C LEU B 284 1.95 -24.71 10.02
N SER B 285 1.38 -23.61 9.55
CA SER B 285 0.75 -23.59 8.25
C SER B 285 1.85 -22.86 7.49
N SER B 286 1.79 -22.81 6.16
CA SER B 286 2.81 -22.09 5.39
C SER B 286 4.23 -22.68 5.43
N GLY B 287 4.37 -23.99 5.32
CA GLY B 287 5.71 -24.53 5.36
C GLY B 287 6.34 -24.62 4.00
N HIS B 288 6.95 -25.78 3.78
CA HIS B 288 7.65 -26.18 2.56
C HIS B 288 8.18 -27.60 2.78
N LEU B 289 8.24 -28.40 1.72
CA LEU B 289 8.74 -29.79 1.83
C LEU B 289 9.07 -30.35 0.46
N LYS B 290 10.18 -31.08 0.37
CA LYS B 290 10.58 -31.68 -0.91
C LYS B 290 10.47 -33.20 -0.88
N CYS B 291 9.66 -33.75 -1.78
CA CYS B 291 9.49 -35.20 -1.82
C CYS B 291 9.91 -35.75 -3.14
N ARG B 292 9.27 -36.87 -3.46
CA ARG B 292 9.48 -37.55 -4.70
C ARG B 292 8.37 -38.56 -4.75
N LEU B 293 7.85 -38.80 -5.94
CA LEU B 293 6.75 -39.73 -6.06
C LEU B 293 7.18 -41.04 -6.68
N LYS B 294 6.90 -42.14 -5.98
CA LYS B 294 7.25 -43.45 -6.49
C LYS B 294 6.02 -43.96 -7.26
N MET B 295 6.06 -43.77 -8.57
CA MET B 295 4.97 -44.16 -9.47
C MET B 295 5.00 -45.55 -10.06
N ASP B 296 4.64 -46.53 -9.25
CA ASP B 296 4.63 -47.89 -9.74
C ASP B 296 3.29 -48.45 -9.41
N LYS B 297 2.97 -48.41 -8.14
CA LYS B 297 1.71 -48.93 -7.66
C LYS B 297 0.54 -48.27 -8.36
N LEU B 298 0.61 -46.94 -8.52
CA LEU B 298 -0.48 -46.25 -9.18
C LEU B 298 -0.54 -46.54 -10.66
N ARG B 299 -1.58 -47.29 -11.02
CA ARG B 299 -1.85 -47.69 -12.38
C ARG B 299 -3.35 -47.43 -12.53
N LEU B 300 -3.69 -46.85 -13.68
CA LEU B 300 -5.07 -46.49 -14.00
C LEU B 300 -6.09 -47.49 -13.54
N LYS B 301 -7.34 -47.07 -13.55
CA LYS B 301 -8.42 -47.95 -13.16
C LYS B 301 -9.59 -47.72 -14.11
N GLY B 302 -10.52 -48.67 -14.12
CA GLY B 302 -11.65 -48.54 -14.99
C GLY B 302 -11.23 -48.29 -16.42
N VAL B 303 -10.11 -48.90 -16.85
CA VAL B 303 -9.63 -48.75 -18.23
C VAL B 303 -10.31 -49.80 -19.07
N SER B 304 -10.67 -50.89 -18.41
CA SER B 304 -11.33 -52.00 -19.06
C SER B 304 -12.82 -51.73 -19.21
N TYR B 305 -13.21 -50.47 -19.14
CA TYR B 305 -14.61 -50.13 -19.26
C TYR B 305 -15.00 -49.81 -20.70
N SER B 306 -16.29 -49.92 -21.00
CA SER B 306 -16.85 -49.66 -22.33
C SER B 306 -17.23 -48.21 -22.51
N LEU B 307 -16.75 -47.58 -23.58
CA LEU B 307 -17.03 -46.19 -23.84
C LEU B 307 -18.50 -45.94 -23.97
N CYS B 308 -19.08 -45.75 -22.78
CA CYS B 308 -20.48 -45.53 -22.51
C CYS B 308 -21.22 -44.57 -23.43
N THR B 309 -22.43 -44.98 -23.82
CA THR B 309 -23.29 -44.16 -24.67
C THR B 309 -24.66 -43.83 -24.08
N ALA B 310 -24.86 -42.53 -23.88
CA ALA B 310 -26.10 -41.93 -23.38
C ALA B 310 -25.70 -40.50 -23.59
N ALA B 311 -26.66 -39.61 -23.70
CA ALA B 311 -26.24 -38.24 -23.91
C ALA B 311 -25.78 -37.69 -22.55
N PHE B 312 -25.06 -36.58 -22.59
CA PHE B 312 -24.56 -35.92 -21.39
C PHE B 312 -24.94 -34.45 -21.23
N THR B 313 -25.81 -34.19 -20.27
CA THR B 313 -26.28 -32.83 -19.98
C THR B 313 -25.30 -32.17 -18.99
N PHE B 314 -24.49 -31.21 -19.45
CA PHE B 314 -23.56 -30.52 -18.55
C PHE B 314 -24.38 -30.01 -17.38
N THR B 315 -24.02 -30.38 -16.15
CA THR B 315 -24.76 -29.93 -14.98
C THR B 315 -24.51 -28.47 -14.76
N LYS B 316 -23.31 -28.04 -15.13
CA LYS B 316 -22.96 -26.65 -15.03
C LYS B 316 -22.19 -26.27 -16.28
N ILE B 317 -21.68 -25.06 -16.28
CA ILE B 317 -20.98 -24.61 -17.44
C ILE B 317 -19.48 -24.61 -17.36
N PRO B 318 -18.85 -25.09 -18.43
CA PRO B 318 -17.41 -25.21 -18.63
C PRO B 318 -16.56 -24.00 -18.26
N ALA B 319 -15.84 -24.12 -17.14
CA ALA B 319 -14.99 -23.05 -16.61
C ALA B 319 -13.51 -23.20 -16.94
N GLU B 320 -12.72 -22.21 -16.53
CA GLU B 320 -11.28 -22.25 -16.72
C GLU B 320 -10.66 -21.72 -15.41
N THR B 321 -9.43 -22.14 -15.13
CA THR B 321 -8.74 -21.67 -13.93
C THR B 321 -7.52 -20.91 -14.45
N LEU B 322 -6.66 -20.48 -13.55
CA LEU B 322 -5.48 -19.73 -13.95
C LEU B 322 -4.52 -20.49 -14.87
N HIS B 323 -4.88 -21.72 -15.21
CA HIS B 323 -3.99 -22.56 -16.03
C HIS B 323 -4.59 -23.06 -17.35
N GLY B 324 -5.68 -22.45 -17.77
CA GLY B 324 -6.30 -22.86 -19.02
C GLY B 324 -6.98 -24.21 -18.96
N THR B 325 -7.10 -24.77 -17.77
CA THR B 325 -7.75 -26.05 -17.65
C THR B 325 -9.25 -25.85 -17.63
N VAL B 326 -10.01 -26.93 -17.69
CA VAL B 326 -11.45 -26.80 -17.75
C VAL B 326 -12.29 -27.86 -17.06
N THR B 327 -13.05 -27.45 -16.05
CA THR B 327 -13.93 -28.38 -15.37
C THR B 327 -15.10 -28.57 -16.33
N VAL B 328 -15.50 -29.81 -16.59
CA VAL B 328 -16.62 -30.03 -17.49
C VAL B 328 -17.51 -31.08 -16.90
N GLU B 329 -18.28 -30.67 -15.91
CA GLU B 329 -19.17 -31.56 -15.20
C GLU B 329 -20.45 -31.90 -15.93
N VAL B 330 -20.51 -33.15 -16.41
CA VAL B 330 -21.64 -33.65 -17.17
C VAL B 330 -22.50 -34.68 -16.45
N GLN B 331 -23.48 -35.22 -17.15
CA GLN B 331 -24.39 -36.18 -16.56
C GLN B 331 -24.54 -37.43 -17.36
N TYR B 332 -24.88 -38.49 -16.67
CA TYR B 332 -25.09 -39.73 -17.36
C TYR B 332 -26.48 -40.23 -17.08
N ALA B 333 -27.28 -40.21 -18.13
CA ALA B 333 -28.66 -40.64 -18.04
C ALA B 333 -28.70 -42.16 -17.97
N GLY B 334 -28.94 -42.66 -16.77
CA GLY B 334 -29.02 -44.09 -16.48
C GLY B 334 -28.80 -45.31 -17.38
N THR B 335 -27.66 -45.39 -18.08
CA THR B 335 -27.36 -46.57 -18.91
C THR B 335 -26.24 -47.41 -18.25
N ASP B 336 -26.63 -48.39 -17.43
CA ASP B 336 -25.72 -49.28 -16.71
C ASP B 336 -24.75 -48.62 -15.74
N GLY B 337 -24.05 -49.49 -15.03
CA GLY B 337 -23.11 -49.10 -14.00
C GLY B 337 -21.87 -48.36 -14.44
N PRO B 338 -20.70 -48.85 -14.03
CA PRO B 338 -19.44 -48.21 -14.41
C PRO B 338 -18.94 -48.54 -15.81
N CYS B 339 -18.52 -47.49 -16.49
CA CYS B 339 -18.01 -47.52 -17.85
C CYS B 339 -17.25 -46.17 -18.07
N LYS B 340 -16.46 -46.09 -19.13
CA LYS B 340 -15.73 -44.89 -19.44
C LYS B 340 -16.61 -44.03 -20.29
N VAL B 341 -16.34 -42.72 -20.29
CA VAL B 341 -17.08 -41.81 -21.15
C VAL B 341 -16.01 -40.85 -21.61
N PRO B 342 -15.59 -40.97 -22.87
CA PRO B 342 -14.54 -40.17 -23.52
C PRO B 342 -14.97 -38.83 -24.03
N ALA B 343 -14.00 -37.94 -24.12
CA ALA B 343 -14.25 -36.61 -24.60
C ALA B 343 -13.11 -36.29 -25.53
N GLN B 344 -13.25 -35.21 -26.26
CA GLN B 344 -12.23 -34.80 -27.20
C GLN B 344 -12.26 -33.30 -27.31
N MET B 345 -11.18 -32.74 -27.82
CA MET B 345 -11.08 -31.31 -28.03
C MET B 345 -11.38 -31.21 -29.53
N ALA B 346 -12.67 -31.19 -29.82
CA ALA B 346 -13.19 -31.12 -31.17
C ALA B 346 -12.81 -29.77 -31.72
N VAL B 347 -11.67 -29.74 -32.41
CA VAL B 347 -11.17 -28.50 -32.99
C VAL B 347 -11.88 -28.16 -34.25
N ASP B 348 -13.16 -27.87 -34.07
CA ASP B 348 -14.07 -27.42 -35.11
C ASP B 348 -15.00 -28.26 -35.97
N MET B 349 -14.50 -29.17 -36.78
CA MET B 349 -15.43 -29.82 -37.63
C MET B 349 -16.06 -31.07 -37.13
N GLN B 350 -17.28 -30.96 -36.59
CA GLN B 350 -18.05 -32.11 -36.14
C GLN B 350 -17.39 -32.80 -34.90
N THR B 351 -16.78 -33.99 -35.12
CA THR B 351 -16.06 -34.79 -34.09
C THR B 351 -14.70 -35.28 -34.63
N LEU B 352 -14.46 -34.99 -35.89
CA LEU B 352 -13.25 -35.39 -36.58
C LEU B 352 -11.94 -35.46 -35.84
N THR B 353 -11.31 -34.34 -35.52
CA THR B 353 -9.99 -34.38 -34.88
C THR B 353 -9.92 -34.18 -33.35
N PRO B 354 -9.05 -34.94 -32.67
CA PRO B 354 -8.86 -34.84 -31.21
C PRO B 354 -7.72 -33.84 -31.00
N VAL B 355 -7.91 -32.85 -30.12
CA VAL B 355 -6.86 -31.86 -29.88
C VAL B 355 -6.63 -31.43 -28.42
N GLY B 356 -5.49 -30.80 -28.17
CA GLY B 356 -5.13 -30.36 -26.82
C GLY B 356 -5.04 -31.58 -25.93
N ARG B 357 -4.53 -31.42 -24.72
CA ARG B 357 -4.45 -32.57 -23.83
C ARG B 357 -5.68 -32.63 -22.94
N LEU B 358 -5.76 -33.72 -22.21
CA LEU B 358 -6.82 -33.92 -21.28
C LEU B 358 -6.02 -34.18 -20.01
N ILE B 359 -6.25 -33.38 -18.98
CA ILE B 359 -5.53 -33.53 -17.72
C ILE B 359 -6.01 -34.77 -16.97
N THR B 360 -7.32 -34.95 -16.82
CA THR B 360 -7.78 -36.15 -16.16
C THR B 360 -7.23 -37.20 -17.12
N ALA B 361 -6.55 -38.21 -16.61
CA ALA B 361 -6.00 -39.23 -17.52
C ALA B 361 -7.12 -39.98 -18.23
N ASN B 362 -7.99 -40.62 -17.45
CA ASN B 362 -9.09 -41.39 -17.98
C ASN B 362 -10.32 -41.12 -17.20
N PRO B 363 -11.38 -40.71 -17.89
CA PRO B 363 -12.65 -40.42 -17.25
C PRO B 363 -13.42 -41.71 -17.15
N VAL B 364 -14.06 -41.94 -16.02
CA VAL B 364 -14.82 -43.15 -15.85
C VAL B 364 -16.06 -42.96 -15.01
N ILE B 365 -17.17 -43.46 -15.52
CA ILE B 365 -18.41 -43.37 -14.80
C ILE B 365 -18.36 -44.54 -13.85
N THR B 366 -18.33 -44.29 -12.55
CA THR B 366 -18.29 -45.42 -11.61
C THR B 366 -19.67 -45.76 -11.04
N GLU B 367 -20.67 -44.97 -11.43
CA GLU B 367 -22.04 -45.15 -10.93
C GLU B 367 -22.91 -46.06 -11.74
N SER B 368 -23.53 -46.98 -11.04
CA SER B 368 -24.42 -47.93 -11.66
C SER B 368 -25.83 -47.38 -11.89
N THR B 369 -26.28 -46.44 -11.06
CA THR B 369 -27.64 -45.92 -11.21
C THR B 369 -27.84 -44.50 -11.74
N GLU B 370 -28.65 -44.41 -12.80
CA GLU B 370 -29.00 -43.16 -13.45
C GLU B 370 -27.89 -42.18 -13.74
N ASN B 371 -28.14 -40.96 -13.27
CA ASN B 371 -27.26 -39.84 -13.44
C ASN B 371 -26.35 -39.64 -12.24
N SER B 372 -25.15 -39.18 -12.55
CA SER B 372 -24.13 -38.95 -11.56
C SER B 372 -23.08 -37.97 -12.11
N LYS B 373 -22.43 -37.29 -11.19
CA LYS B 373 -21.45 -36.28 -11.53
C LYS B 373 -20.02 -36.75 -11.70
N MET B 374 -19.31 -36.05 -12.56
CA MET B 374 -17.91 -36.37 -12.85
C MET B 374 -17.38 -35.10 -13.52
N MET B 375 -16.09 -34.82 -13.42
CA MET B 375 -15.56 -33.61 -14.08
C MET B 375 -14.16 -33.86 -14.60
N LEU B 376 -14.01 -33.52 -15.86
CA LEU B 376 -12.76 -33.71 -16.54
C LEU B 376 -12.03 -32.41 -16.63
N GLU B 377 -10.76 -32.46 -16.25
CA GLU B 377 -9.95 -31.27 -16.34
C GLU B 377 -9.24 -31.52 -17.65
N LEU B 378 -9.46 -30.62 -18.60
CA LEU B 378 -8.84 -30.74 -19.91
C LEU B 378 -7.78 -29.63 -20.00
N ASP B 379 -7.17 -29.48 -21.16
CA ASP B 379 -6.16 -28.46 -21.37
C ASP B 379 -6.40 -27.87 -22.77
N PRO B 380 -7.64 -27.43 -23.04
CA PRO B 380 -8.03 -26.86 -24.33
C PRO B 380 -6.85 -26.24 -25.07
N PRO B 381 -6.75 -26.50 -26.38
CA PRO B 381 -5.64 -25.93 -27.16
C PRO B 381 -5.66 -24.38 -27.01
N PHE B 382 -4.50 -23.72 -27.12
CA PHE B 382 -4.40 -22.24 -26.95
C PHE B 382 -5.46 -21.38 -27.71
N GLY B 383 -6.18 -22.01 -28.65
CA GLY B 383 -7.21 -21.32 -29.45
C GLY B 383 -8.59 -21.90 -29.20
N ASP B 384 -9.49 -21.86 -30.17
CA ASP B 384 -10.85 -22.39 -29.94
C ASP B 384 -11.10 -23.90 -30.10
N SER B 385 -12.35 -24.34 -29.94
CA SER B 385 -12.67 -25.77 -30.08
C SER B 385 -13.87 -26.06 -29.24
N TYR B 386 -14.41 -27.26 -29.36
CA TYR B 386 -15.54 -27.61 -28.52
C TYR B 386 -15.10 -28.61 -27.47
N ILE B 387 -16.06 -29.41 -27.04
CA ILE B 387 -15.83 -30.39 -26.03
C ILE B 387 -16.80 -31.52 -26.27
N VAL B 388 -16.32 -32.56 -26.93
CA VAL B 388 -17.17 -33.71 -27.18
C VAL B 388 -17.14 -34.56 -25.93
N ILE B 389 -18.27 -35.14 -25.60
CA ILE B 389 -18.39 -36.00 -24.43
C ILE B 389 -19.23 -37.19 -24.89
N GLY B 390 -19.09 -38.38 -24.28
CA GLY B 390 -19.87 -39.52 -24.74
C GLY B 390 -19.32 -39.94 -26.09
N VAL B 391 -20.17 -40.42 -27.00
CA VAL B 391 -19.68 -40.85 -28.30
C VAL B 391 -20.31 -40.22 -29.54
N GLY B 392 -19.58 -40.33 -30.64
CA GLY B 392 -19.93 -39.79 -31.94
C GLY B 392 -21.23 -39.10 -32.33
N GLU B 393 -22.29 -39.87 -32.62
CA GLU B 393 -23.62 -39.37 -33.07
C GLU B 393 -24.52 -38.75 -31.99
N LYS B 394 -24.59 -39.39 -30.83
CA LYS B 394 -25.39 -38.88 -29.74
C LYS B 394 -24.44 -38.28 -28.71
N LYS B 395 -23.65 -37.34 -29.20
CA LYS B 395 -22.65 -36.63 -28.41
C LYS B 395 -23.07 -35.18 -28.26
N ILE B 396 -22.95 -34.62 -27.07
CA ILE B 396 -23.29 -33.22 -26.97
C ILE B 396 -21.98 -32.50 -26.83
N THR B 397 -21.86 -31.38 -27.52
CA THR B 397 -20.64 -30.62 -27.46
C THR B 397 -21.00 -29.30 -26.86
N HIS B 398 -20.03 -28.70 -26.19
CA HIS B 398 -20.23 -27.39 -25.61
C HIS B 398 -19.14 -26.56 -26.22
N HIS B 399 -19.50 -25.42 -26.83
CA HIS B 399 -18.47 -24.59 -27.43
C HIS B 399 -17.65 -23.94 -26.38
N TRP B 400 -16.34 -23.95 -26.64
CA TRP B 400 -15.38 -23.41 -25.73
C TRP B 400 -14.24 -22.69 -26.46
N HIS B 401 -13.47 -21.92 -25.69
CA HIS B 401 -12.38 -21.14 -26.25
C HIS B 401 -11.34 -20.74 -25.21
N ARG B 402 -10.07 -20.74 -25.60
CA ARG B 402 -9.02 -20.38 -24.65
C ARG B 402 -8.13 -19.30 -25.25
N SER B 403 -8.03 -18.17 -24.56
CA SER B 403 -7.20 -17.07 -25.05
C SER B 403 -5.86 -16.96 -24.38
N GLY B 404 -5.06 -16.03 -24.86
CA GLY B 404 -3.74 -15.87 -24.30
C GLY B 404 -2.82 -15.99 -25.48
N SER B 405 -1.77 -16.79 -25.37
CA SER B 405 -0.85 -16.96 -26.48
C SER B 405 -0.13 -18.30 -26.38
N THR B 406 0.37 -18.83 -27.50
CA THR B 406 1.08 -20.11 -27.45
C THR B 406 2.32 -19.79 -26.64
N ILE B 407 2.92 -18.61 -26.88
CA ILE B 407 4.12 -18.18 -26.16
C ILE B 407 3.79 -17.33 -24.91
N GLY B 408 2.54 -17.46 -24.48
CA GLY B 408 2.07 -16.77 -23.28
C GLY B 408 2.24 -17.77 -22.14
N LYS B 409 2.54 -19.02 -22.51
CA LYS B 409 2.77 -20.09 -21.55
C LYS B 409 4.27 -20.12 -21.30
N ALA B 410 5.03 -19.51 -22.23
CA ALA B 410 6.50 -19.44 -22.13
C ALA B 410 6.85 -18.23 -21.28
N PHE B 411 5.81 -17.48 -20.93
CA PHE B 411 5.92 -16.29 -20.11
C PHE B 411 5.24 -16.67 -18.79
N GLU B 412 5.15 -17.97 -18.54
CA GLU B 412 4.52 -18.48 -17.33
C GLU B 412 5.31 -19.62 -16.66
N ALA B 413 5.96 -20.47 -17.45
CA ALA B 413 6.79 -21.55 -16.90
C ALA B 413 8.07 -20.84 -16.52
N THR B 414 8.11 -19.56 -16.93
CA THR B 414 9.22 -18.64 -16.71
C THR B 414 8.94 -17.72 -15.50
N VAL B 415 7.71 -17.19 -15.40
CA VAL B 415 7.32 -16.33 -14.27
C VAL B 415 6.98 -17.19 -13.06
N ARG B 416 6.46 -18.38 -13.32
CA ARG B 416 6.15 -19.30 -12.24
C ARG B 416 7.51 -19.92 -11.91
N GLY B 417 8.45 -19.74 -12.84
CA GLY B 417 9.80 -20.25 -12.67
C GLY B 417 10.72 -19.19 -12.08
N ALA B 418 10.15 -18.38 -11.19
CA ALA B 418 10.87 -17.31 -10.50
C ALA B 418 10.31 -17.29 -9.08
N LYS B 419 9.22 -18.04 -8.91
CA LYS B 419 8.55 -18.21 -7.64
C LYS B 419 9.06 -19.57 -7.17
N ARG B 420 8.78 -20.62 -7.96
CA ARG B 420 9.25 -21.98 -7.65
C ARG B 420 10.70 -21.78 -7.24
N MET B 421 11.41 -20.96 -8.01
CA MET B 421 12.83 -20.65 -7.83
C MET B 421 13.25 -19.68 -6.71
N ALA B 422 12.59 -18.54 -6.61
CA ALA B 422 12.96 -17.56 -5.60
C ALA B 422 12.37 -17.75 -4.20
N VAL B 423 11.75 -18.89 -3.96
CA VAL B 423 11.18 -19.20 -2.65
C VAL B 423 11.69 -20.56 -2.16
N LEU B 424 12.65 -21.10 -2.89
CA LEU B 424 13.22 -22.39 -2.54
C LEU B 424 14.66 -22.48 -3.12
N GLY B 425 15.25 -21.31 -3.39
CA GLY B 425 16.62 -21.22 -3.93
C GLY B 425 16.98 -22.23 -5.00
N ASP B 426 17.77 -23.24 -4.63
CA ASP B 426 18.14 -24.31 -5.55
C ASP B 426 17.29 -25.55 -5.29
N THR B 427 16.68 -25.63 -4.10
CA THR B 427 15.80 -26.75 -3.73
C THR B 427 14.46 -26.48 -4.44
N ALA B 428 14.55 -25.63 -5.46
CA ALA B 428 13.42 -25.24 -6.30
C ALA B 428 13.50 -25.98 -7.62
N TRP B 429 14.69 -25.94 -8.26
CA TRP B 429 14.84 -26.68 -9.50
C TRP B 429 14.81 -28.12 -8.99
N ASP B 430 13.58 -28.54 -8.66
CA ASP B 430 13.23 -29.85 -8.14
C ASP B 430 11.78 -30.24 -8.45
N PHE B 431 11.16 -29.58 -9.43
CA PHE B 431 9.79 -29.92 -9.79
C PHE B 431 9.74 -31.07 -10.79
N GLY B 432 10.76 -31.17 -11.63
CA GLY B 432 10.81 -32.22 -12.65
C GLY B 432 11.89 -33.30 -12.55
N SER B 433 11.44 -34.54 -12.37
CA SER B 433 12.31 -35.72 -12.26
C SER B 433 13.70 -35.57 -12.87
N VAL B 434 14.67 -36.11 -12.16
CA VAL B 434 16.07 -36.09 -12.57
C VAL B 434 16.12 -36.61 -14.00
N GLY B 435 16.64 -35.78 -14.90
CA GLY B 435 16.77 -36.16 -16.30
C GLY B 435 18.21 -36.50 -16.62
N GLY B 436 18.95 -36.88 -15.58
CA GLY B 436 20.35 -37.24 -15.70
C GLY B 436 21.22 -36.46 -14.73
N ALA B 437 22.26 -35.83 -15.27
CA ALA B 437 23.16 -35.02 -14.50
C ALA B 437 22.84 -33.59 -14.91
N LEU B 438 22.01 -33.48 -15.96
CA LEU B 438 21.58 -32.20 -16.49
C LEU B 438 21.01 -31.38 -15.32
N ASN B 439 20.73 -32.07 -14.22
CA ASN B 439 20.20 -31.45 -13.02
C ASN B 439 21.29 -31.26 -11.95
N SER B 440 22.46 -31.86 -12.16
CA SER B 440 23.56 -31.71 -11.20
C SER B 440 23.91 -30.23 -11.24
N LEU B 441 23.03 -29.49 -11.91
CA LEU B 441 23.14 -28.07 -12.08
C LEU B 441 22.00 -27.30 -11.35
N GLY B 442 20.83 -27.21 -11.98
CA GLY B 442 19.66 -26.50 -11.44
C GLY B 442 19.38 -26.67 -9.95
N LYS B 443 20.07 -27.66 -9.38
CA LYS B 443 20.02 -27.98 -7.95
C LYS B 443 21.49 -28.24 -7.54
N GLY B 444 22.38 -27.42 -8.08
CA GLY B 444 23.79 -27.52 -7.78
C GLY B 444 24.35 -26.14 -7.99
N ILE B 445 24.39 -25.71 -9.25
CA ILE B 445 24.90 -24.39 -9.61
C ILE B 445 24.35 -23.30 -8.69
N HIS B 446 23.30 -23.61 -7.93
CA HIS B 446 22.73 -22.62 -7.05
C HIS B 446 23.30 -22.64 -5.64
N GLN B 447 23.72 -23.81 -5.16
CA GLN B 447 24.31 -23.86 -3.82
C GLN B 447 25.75 -23.38 -3.95
N ILE B 448 26.13 -23.02 -5.18
CA ILE B 448 27.47 -22.51 -5.50
C ILE B 448 27.52 -21.01 -5.32
N PHE B 449 26.42 -20.35 -5.65
CA PHE B 449 26.30 -18.90 -5.54
C PHE B 449 25.34 -18.54 -4.42
N GLY B 450 24.16 -19.17 -4.45
CA GLY B 450 23.16 -18.92 -3.43
C GLY B 450 23.69 -19.14 -2.03
N ALA B 451 24.55 -20.14 -1.86
CA ALA B 451 25.14 -20.41 -0.55
C ALA B 451 26.21 -19.34 -0.24
N ALA B 452 26.60 -18.56 -1.25
CA ALA B 452 27.60 -17.47 -1.11
C ALA B 452 26.86 -16.16 -1.05
N PHE B 453 25.60 -16.22 -1.42
CA PHE B 453 24.69 -15.09 -1.42
C PHE B 453 24.07 -15.07 -0.03
N LYS B 454 23.85 -16.26 0.52
CA LYS B 454 23.29 -16.45 1.87
C LYS B 454 24.07 -15.53 2.78
N SER B 455 25.40 -15.62 2.70
CA SER B 455 26.27 -14.79 3.51
C SER B 455 26.25 -13.34 3.00
N LEU B 456 26.78 -13.13 1.79
CA LEU B 456 26.83 -11.79 1.21
C LEU B 456 25.68 -10.87 1.61
N PHE B 457 24.52 -10.99 0.95
CA PHE B 457 23.40 -10.11 1.26
C PHE B 457 22.31 -10.80 2.05
N GLY B 458 22.58 -12.03 2.48
CA GLY B 458 21.60 -12.80 3.24
C GLY B 458 20.72 -12.00 4.17
N GLY B 459 21.27 -10.94 4.75
CA GLY B 459 20.50 -10.12 5.67
C GLY B 459 20.08 -8.83 5.01
N MET B 460 18.87 -8.85 4.44
CA MET B 460 18.30 -7.70 3.76
C MET B 460 16.81 -7.57 4.08
N SER B 461 16.11 -6.87 3.22
CA SER B 461 14.70 -6.63 3.37
C SER B 461 14.39 -5.84 2.13
N TRP B 462 13.11 -5.82 1.80
CA TRP B 462 12.64 -5.14 0.63
C TRP B 462 13.48 -3.85 0.36
N PHE B 463 12.98 -2.76 0.91
CA PHE B 463 13.55 -1.42 0.80
C PHE B 463 15.04 -1.51 0.66
N SER B 464 15.65 -2.14 1.64
CA SER B 464 17.08 -2.27 1.68
C SER B 464 17.72 -2.73 0.38
N GLN B 465 17.49 -3.97 0.00
CA GLN B 465 18.16 -4.48 -1.18
C GLN B 465 17.97 -3.74 -2.48
N ILE B 466 17.00 -2.85 -2.55
CA ILE B 466 16.81 -2.10 -3.79
C ILE B 466 17.91 -1.06 -3.87
N LEU B 467 18.07 -0.29 -2.78
CA LEU B 467 19.10 0.78 -2.69
C LEU B 467 20.52 0.21 -2.67
N ILE B 468 20.59 -1.11 -2.49
CA ILE B 468 21.86 -1.83 -2.46
C ILE B 468 21.88 -2.60 -3.78
N GLY B 469 20.71 -2.71 -4.41
CA GLY B 469 20.61 -3.41 -5.67
C GLY B 469 20.62 -2.48 -6.86
N THR B 470 19.76 -1.46 -6.82
CA THR B 470 19.64 -0.46 -7.88
C THR B 470 20.95 0.25 -8.13
N LEU B 471 21.73 0.42 -7.07
CA LEU B 471 23.04 1.07 -7.15
C LEU B 471 23.96 0.13 -7.95
N LEU B 472 23.59 -1.16 -7.94
CA LEU B 472 24.32 -2.20 -8.66
C LEU B 472 23.87 -2.16 -10.11
N MET B 473 22.54 -2.17 -10.29
CA MET B 473 21.94 -2.12 -11.61
C MET B 473 22.38 -0.80 -12.28
N TRP B 474 22.99 0.11 -11.51
CA TRP B 474 23.48 1.38 -12.06
C TRP B 474 24.99 1.26 -12.29
N LEU B 475 25.68 0.70 -11.31
CA LEU B 475 27.12 0.55 -11.41
C LEU B 475 27.50 -0.21 -12.67
N GLY B 476 26.62 -1.14 -13.05
CA GLY B 476 26.84 -1.98 -14.21
C GLY B 476 26.49 -1.33 -15.54
N LEU B 477 26.00 -0.11 -15.47
CA LEU B 477 25.65 0.67 -16.64
C LEU B 477 26.69 1.79 -16.63
N ASN B 478 27.69 1.61 -15.76
CA ASN B 478 28.78 2.55 -15.61
C ASN B 478 30.07 1.94 -15.06
N THR B 479 30.50 0.82 -15.64
CA THR B 479 31.75 0.20 -15.22
C THR B 479 32.81 0.67 -16.23
N LYS B 480 33.75 1.47 -15.74
CA LYS B 480 34.84 2.04 -16.55
C LYS B 480 35.87 1.01 -17.05
N ASN B 481 36.27 0.08 -16.18
CA ASN B 481 37.26 -0.94 -16.53
C ASN B 481 36.88 -2.34 -15.97
N GLY B 482 36.88 -3.34 -16.84
CA GLY B 482 36.57 -4.69 -16.40
C GLY B 482 35.39 -5.40 -17.01
N SER B 483 35.14 -6.58 -16.44
CA SER B 483 34.05 -7.44 -16.85
C SER B 483 32.93 -7.22 -15.84
N ILE B 484 33.20 -6.35 -14.88
CA ILE B 484 32.24 -6.03 -13.83
C ILE B 484 30.87 -5.86 -14.43
N SER B 485 30.81 -5.14 -15.56
CA SER B 485 29.57 -4.90 -16.27
C SER B 485 28.56 -6.03 -16.13
N LEU B 486 28.84 -7.15 -16.80
CA LEU B 486 27.96 -8.33 -16.82
C LEU B 486 27.51 -8.94 -15.47
N MET B 487 28.41 -9.07 -14.51
CA MET B 487 28.05 -9.64 -13.20
C MET B 487 27.41 -8.59 -12.32
N CYS B 488 27.72 -7.34 -12.62
CA CYS B 488 27.18 -6.23 -11.86
C CYS B 488 25.68 -6.06 -12.09
N LEU B 489 25.29 -5.45 -13.23
CA LEU B 489 23.87 -5.25 -13.55
C LEU B 489 23.01 -6.50 -13.42
N ALA B 490 23.70 -7.64 -13.27
CA ALA B 490 23.05 -8.94 -13.10
C ALA B 490 22.77 -9.12 -11.62
N LEU B 491 23.84 -9.20 -10.83
CA LEU B 491 23.68 -9.38 -9.39
C LEU B 491 22.85 -8.25 -8.81
N GLY B 492 22.69 -7.18 -9.56
CA GLY B 492 21.90 -6.07 -9.07
C GLY B 492 20.43 -6.31 -9.37
N GLY B 493 20.12 -6.50 -10.64
CA GLY B 493 18.76 -6.73 -11.07
C GLY B 493 18.11 -7.98 -10.48
N VAL B 494 18.88 -9.05 -10.32
CA VAL B 494 18.32 -10.27 -9.77
C VAL B 494 17.89 -10.08 -8.31
N LEU B 495 18.62 -9.25 -7.56
CA LEU B 495 18.27 -9.02 -6.16
C LEU B 495 16.94 -8.32 -6.15
N ILE B 496 16.93 -7.19 -6.81
CA ILE B 496 15.71 -6.44 -6.84
C ILE B 496 14.60 -7.30 -7.42
N PHE B 497 14.94 -8.28 -8.25
CA PHE B 497 13.91 -9.13 -8.81
C PHE B 497 13.40 -10.11 -7.74
N LEU B 498 14.33 -10.69 -6.98
CA LEU B 498 13.96 -11.68 -5.95
C LEU B 498 12.89 -11.09 -5.04
N SER B 499 13.05 -9.84 -4.67
CA SER B 499 12.05 -9.17 -3.83
C SER B 499 10.71 -8.93 -4.62
N THR B 500 10.83 -8.41 -5.85
CA THR B 500 9.73 -8.16 -6.77
C THR B 500 9.16 -9.42 -7.42
N ALA B 501 8.90 -10.45 -6.62
CA ALA B 501 8.39 -11.75 -7.12
C ALA B 501 7.33 -12.32 -6.19
N VAL B 502 7.77 -13.13 -5.23
CA VAL B 502 6.88 -13.77 -4.29
C VAL B 502 6.58 -12.81 -3.11
N SER B 503 5.28 -12.70 -2.74
CA SER B 503 4.77 -11.81 -1.67
C SER B 503 5.17 -10.33 -1.91
N ALA B 504 5.56 -10.01 -3.15
CA ALA B 504 5.97 -8.65 -3.54
C ALA B 504 6.57 -8.66 -4.95
N ALA C 1 5.63 -0.90 10.31
CA ALA C 1 4.60 0.16 10.39
C ALA C 1 4.50 0.57 11.83
N VAL C 2 3.35 1.11 12.21
CA VAL C 2 3.13 1.55 13.57
C VAL C 2 4.50 2.00 14.10
N THR C 3 5.15 2.84 13.29
CA THR C 3 6.47 3.36 13.57
C THR C 3 6.63 4.35 14.74
N LEU C 4 5.52 4.88 15.28
CA LEU C 4 5.55 5.82 16.39
C LEU C 4 6.86 6.60 16.29
N PRO C 5 7.02 7.36 15.22
CA PRO C 5 8.24 8.14 14.99
C PRO C 5 9.00 8.96 16.01
N SER C 6 10.12 9.34 15.44
CA SER C 6 11.23 10.11 15.96
C SER C 6 11.03 11.34 16.87
N HIS C 7 11.11 11.18 18.18
CA HIS C 7 11.02 12.40 18.96
C HIS C 7 12.47 12.82 19.19
N SER C 8 13.40 11.91 18.89
CA SER C 8 14.80 12.20 19.07
C SER C 8 15.09 13.40 18.20
N THR C 9 14.25 13.62 17.20
CA THR C 9 14.43 14.75 16.29
C THR C 9 14.45 16.02 17.14
N ARG C 10 13.29 16.39 17.66
CA ARG C 10 13.20 17.58 18.48
C ARG C 10 13.35 17.26 19.97
N LYS C 11 14.52 17.58 20.51
CA LYS C 11 14.75 17.35 21.91
C LYS C 11 14.63 18.71 22.58
N LEU C 12 13.68 18.81 23.50
CA LEU C 12 13.45 20.04 24.24
C LEU C 12 14.69 20.38 25.07
N GLN C 13 15.80 20.70 24.40
CA GLN C 13 17.06 21.02 25.08
C GLN C 13 16.91 21.88 26.34
N THR C 14 17.33 21.34 27.48
CA THR C 14 17.25 22.08 28.73
C THR C 14 18.21 21.58 29.77
N ARG C 15 17.78 21.68 31.02
CA ARG C 15 18.59 21.23 32.11
C ARG C 15 18.28 19.80 32.46
N SER C 16 17.03 19.53 32.82
CA SER C 16 16.63 18.17 33.19
C SER C 16 16.68 17.18 32.00
N GLN C 17 17.75 16.38 31.98
CA GLN C 17 18.02 15.38 30.95
C GLN C 17 16.81 14.63 30.47
N THR C 18 16.51 14.88 29.22
CA THR C 18 15.39 14.29 28.53
C THR C 18 15.07 12.83 28.82
N TRP C 19 13.88 12.45 28.36
CA TRP C 19 13.30 11.11 28.50
C TRP C 19 14.15 10.00 27.92
N LEU C 20 14.29 8.96 28.71
CA LEU C 20 15.05 7.79 28.31
C LEU C 20 16.42 8.21 27.74
N GLU C 21 16.74 9.50 27.83
CA GLU C 21 18.01 10.01 27.32
C GLU C 21 19.23 9.11 27.59
N SER C 22 19.59 8.95 28.86
CA SER C 22 20.73 8.14 29.24
C SER C 22 20.99 7.03 28.23
N ARG C 23 19.90 6.50 27.67
CA ARG C 23 19.97 5.43 26.67
C ARG C 23 20.40 5.87 25.28
N GLU C 24 19.52 6.64 24.66
CA GLU C 24 19.68 7.16 23.29
C GLU C 24 21.05 7.52 22.82
N TYR C 25 21.91 7.82 23.78
CA TYR C 25 23.24 8.17 23.43
C TYR C 25 23.86 7.01 22.62
N THR C 26 23.66 5.77 23.06
CA THR C 26 24.23 4.62 22.35
C THR C 26 23.27 3.84 21.43
N LYS C 27 22.03 3.66 21.88
CA LYS C 27 20.99 2.90 21.16
C LYS C 27 21.00 2.88 19.63
N HIS C 28 21.06 4.03 18.97
CA HIS C 28 21.09 4.03 17.50
C HIS C 28 22.37 3.46 17.03
N LEU C 29 23.32 3.34 17.95
CA LEU C 29 24.60 2.77 17.60
C LEU C 29 24.56 1.25 17.78
N ILE C 30 23.80 0.78 18.77
CA ILE C 30 23.73 -0.67 18.99
C ILE C 30 22.99 -1.38 17.83
N ARG C 31 21.80 -0.88 17.47
CA ARG C 31 21.04 -1.49 16.38
C ARG C 31 21.99 -1.80 15.22
N VAL C 32 22.88 -0.84 14.90
CA VAL C 32 23.84 -0.99 13.79
C VAL C 32 25.03 -1.89 14.09
N GLU C 33 24.96 -2.59 15.21
CA GLU C 33 26.04 -3.49 15.57
C GLU C 33 25.51 -4.90 15.47
N ASN C 34 24.47 -5.16 16.25
CA ASN C 34 23.83 -6.46 16.29
C ASN C 34 23.50 -6.87 14.84
N TRP C 35 23.58 -5.90 13.94
CA TRP C 35 23.30 -6.16 12.55
C TRP C 35 24.52 -6.72 11.78
N ILE C 36 25.63 -5.98 11.73
CA ILE C 36 26.82 -6.47 11.00
C ILE C 36 27.29 -7.78 11.58
N PHE C 37 27.34 -7.83 12.91
CA PHE C 37 27.76 -9.03 13.61
C PHE C 37 27.07 -10.29 13.05
N ARG C 38 25.80 -10.16 12.66
CA ARG C 38 25.05 -11.28 12.10
C ARG C 38 25.51 -11.61 10.69
N ASN C 39 25.20 -10.72 9.75
CA ASN C 39 25.54 -10.90 8.35
C ASN C 39 26.72 -10.08 7.92
N PRO C 40 27.92 -10.49 8.31
CA PRO C 40 29.19 -9.84 8.00
C PRO C 40 29.48 -9.86 6.50
N GLY C 41 28.98 -10.90 5.85
CA GLY C 41 29.17 -11.07 4.42
C GLY C 41 28.96 -9.76 3.70
N PHE C 42 28.24 -8.85 4.35
CA PHE C 42 28.01 -7.56 3.74
C PHE C 42 29.36 -6.86 3.77
N ALA C 43 30.40 -7.66 3.59
CA ALA C 43 31.76 -7.18 3.59
C ALA C 43 32.20 -6.97 2.14
N LEU C 44 32.60 -8.07 1.49
CA LEU C 44 33.06 -8.01 0.10
C LEU C 44 31.97 -7.37 -0.76
N ALA C 45 30.77 -7.23 -0.19
CA ALA C 45 29.65 -6.62 -0.90
C ALA C 45 29.59 -5.12 -0.60
N ALA C 46 29.86 -4.78 0.65
CA ALA C 46 29.84 -3.39 1.11
C ALA C 46 31.12 -2.64 0.66
N ALA C 47 32.27 -3.09 1.15
CA ALA C 47 33.56 -2.49 0.81
C ALA C 47 33.69 -2.42 -0.72
N ALA C 48 33.08 -3.41 -1.40
CA ALA C 48 33.09 -3.52 -2.87
C ALA C 48 32.66 -2.23 -3.53
N ILE C 49 31.35 -2.00 -3.53
CA ILE C 49 30.77 -0.81 -4.14
C ILE C 49 31.59 0.46 -3.88
N ALA C 50 32.40 0.44 -2.82
CA ALA C 50 33.24 1.59 -2.47
C ALA C 50 34.27 1.92 -3.56
N TRP C 51 35.17 0.98 -3.85
CA TRP C 51 36.17 1.20 -4.89
C TRP C 51 35.44 1.55 -6.17
N LEU C 52 34.21 1.05 -6.29
CA LEU C 52 33.36 1.27 -7.46
C LEU C 52 32.98 2.72 -7.69
N LEU C 53 32.99 3.53 -6.63
CA LEU C 53 32.62 4.93 -6.80
C LEU C 53 33.67 5.96 -6.40
N GLY C 54 33.88 6.95 -7.28
CA GLY C 54 34.84 8.02 -7.05
C GLY C 54 36.30 7.62 -7.17
N SER C 55 36.68 6.61 -6.39
CA SER C 55 38.03 6.06 -6.35
C SER C 55 39.03 6.86 -5.51
N SER C 56 38.63 8.03 -5.03
CA SER C 56 39.53 8.86 -4.23
C SER C 56 39.94 8.13 -2.95
N THR C 57 41.17 8.39 -2.51
CA THR C 57 41.72 7.80 -1.30
C THR C 57 40.65 7.83 -0.20
N SER C 58 40.14 9.03 0.08
CA SER C 58 39.11 9.24 1.10
C SER C 58 37.67 9.10 0.56
N GLN C 59 37.49 8.39 -0.56
CA GLN C 59 36.14 8.20 -1.11
C GLN C 59 35.51 7.01 -0.45
N LYS C 60 36.09 5.84 -0.69
CA LYS C 60 35.59 4.59 -0.13
C LYS C 60 35.43 4.75 1.37
N VAL C 61 36.43 5.36 2.00
CA VAL C 61 36.40 5.56 3.44
C VAL C 61 35.03 6.14 3.82
N ILE C 62 34.54 7.09 3.03
CA ILE C 62 33.24 7.69 3.32
C ILE C 62 32.08 7.05 2.53
N TYR C 63 32.40 6.38 1.44
CA TYR C 63 31.37 5.73 0.66
C TYR C 63 31.00 4.41 1.29
N LEU C 64 32.02 3.64 1.66
CA LEU C 64 31.81 2.37 2.29
C LEU C 64 30.98 2.52 3.56
N VAL C 65 31.13 3.64 4.27
CA VAL C 65 30.36 3.86 5.49
C VAL C 65 29.06 4.56 5.19
N MET C 66 28.95 5.11 3.99
CA MET C 66 27.74 5.77 3.55
C MET C 66 26.64 4.71 3.57
N ILE C 67 26.99 3.54 3.00
CA ILE C 67 26.09 2.40 2.89
C ILE C 67 26.14 1.47 4.12
N LEU C 68 27.33 1.17 4.61
CA LEU C 68 27.45 0.32 5.77
C LEU C 68 26.46 0.76 6.85
N LEU C 69 26.29 2.07 7.01
CA LEU C 69 25.35 2.55 8.02
C LEU C 69 23.91 2.66 7.54
N ILE C 70 23.68 2.58 6.23
CA ILE C 70 22.32 2.62 5.69
C ILE C 70 21.82 1.19 5.54
N ALA C 71 22.75 0.25 5.51
CA ALA C 71 22.39 -1.15 5.40
C ALA C 71 21.34 -1.34 6.48
N PRO C 72 21.76 -1.23 7.75
CA PRO C 72 20.79 -1.39 8.83
C PRO C 72 19.86 -0.20 8.75
N ALA C 73 18.95 -0.07 9.70
CA ALA C 73 18.02 1.05 9.68
C ALA C 73 17.01 0.83 8.57
N TYR C 74 17.29 -0.14 7.73
CA TYR C 74 16.42 -0.46 6.61
C TYR C 74 16.54 -1.94 6.39
N SER C 75 17.47 -2.52 7.13
CA SER C 75 17.77 -3.95 7.12
C SER C 75 17.10 -4.76 6.00
N ILE D 1 -35.46 -15.96 -49.39
CA ILE D 1 -36.28 -14.75 -49.61
C ILE D 1 -35.86 -13.65 -48.64
N ARG D 2 -35.45 -14.02 -47.43
CA ARG D 2 -34.99 -13.03 -46.49
C ARG D 2 -33.66 -12.55 -47.05
N CYS D 3 -33.05 -11.54 -46.42
CA CYS D 3 -31.70 -11.02 -46.86
C CYS D 3 -31.66 -10.38 -48.23
N ILE D 4 -32.82 -10.12 -48.80
CA ILE D 4 -32.83 -9.47 -50.08
C ILE D 4 -33.22 -8.04 -49.85
N GLY D 5 -32.19 -7.17 -49.87
CA GLY D 5 -32.37 -5.75 -49.68
C GLY D 5 -31.95 -5.28 -48.30
N VAL D 6 -31.18 -6.12 -47.62
CA VAL D 6 -30.73 -5.78 -46.28
C VAL D 6 -29.53 -4.86 -46.42
N SER D 7 -29.55 -4.14 -47.52
CA SER D 7 -28.50 -3.18 -47.86
C SER D 7 -27.13 -3.76 -47.66
N ASN D 8 -27.09 -4.98 -47.19
CA ASN D 8 -25.81 -5.59 -46.96
C ASN D 8 -26.00 -7.08 -46.89
N ARG D 9 -26.37 -7.66 -48.02
CA ARG D 9 -26.52 -9.10 -48.11
C ARG D 9 -25.20 -9.55 -48.76
N ASP D 10 -24.73 -10.75 -48.47
CA ASP D 10 -23.49 -11.25 -49.06
C ASP D 10 -23.68 -12.67 -49.55
N PHE D 11 -23.63 -12.87 -50.86
CA PHE D 11 -23.84 -14.19 -51.45
C PHE D 11 -22.61 -15.06 -51.27
N VAL D 12 -22.69 -16.04 -50.38
CA VAL D 12 -21.55 -16.91 -50.15
C VAL D 12 -21.52 -18.01 -51.18
N GLU D 13 -20.62 -17.86 -52.13
CA GLU D 13 -20.42 -18.84 -53.19
C GLU D 13 -20.08 -20.17 -52.55
N GLY D 14 -20.87 -21.19 -52.85
CA GLY D 14 -20.58 -22.49 -52.28
C GLY D 14 -19.16 -22.96 -52.58
N MET D 15 -19.08 -24.23 -52.96
CA MET D 15 -17.82 -24.89 -53.28
C MET D 15 -18.22 -26.36 -53.49
N SER D 16 -17.86 -26.96 -54.62
CA SER D 16 -18.22 -28.36 -54.84
C SER D 16 -17.23 -29.29 -54.08
N GLY D 17 -16.93 -28.92 -52.82
CA GLY D 17 -16.02 -29.69 -51.98
C GLY D 17 -16.34 -29.68 -50.49
N GLY D 18 -17.19 -30.61 -50.06
CA GLY D 18 -17.58 -30.69 -48.66
C GLY D 18 -18.22 -29.41 -48.22
N THR D 19 -19.16 -29.50 -47.29
CA THR D 19 -19.83 -28.30 -46.82
C THR D 19 -19.08 -27.52 -45.76
N TRP D 20 -18.51 -26.40 -46.18
CA TRP D 20 -17.76 -25.54 -45.28
C TRP D 20 -18.37 -24.16 -45.27
N VAL D 21 -19.66 -24.05 -45.05
CA VAL D 21 -20.23 -22.74 -45.04
C VAL D 21 -19.71 -21.99 -43.82
N ASP D 22 -18.46 -21.54 -43.92
CA ASP D 22 -17.89 -20.75 -42.83
C ASP D 22 -18.24 -19.29 -43.15
N VAL D 23 -19.26 -18.83 -42.44
CA VAL D 23 -19.77 -17.49 -42.63
C VAL D 23 -19.98 -16.82 -41.29
N VAL D 24 -19.63 -15.54 -41.21
CA VAL D 24 -19.82 -14.77 -39.98
C VAL D 24 -21.11 -13.97 -40.02
N LEU D 25 -22.14 -14.49 -39.39
CA LEU D 25 -23.42 -13.81 -39.38
C LEU D 25 -23.22 -12.48 -38.74
N GLU D 26 -23.81 -11.48 -39.34
CA GLU D 26 -23.69 -10.17 -38.79
C GLU D 26 -25.03 -9.96 -38.12
N HIS D 27 -25.06 -9.04 -37.17
CA HIS D 27 -26.27 -8.73 -36.50
C HIS D 27 -26.51 -7.40 -37.13
N GLY D 28 -27.00 -7.48 -38.35
CA GLY D 28 -27.24 -6.29 -39.12
C GLY D 28 -27.40 -6.86 -40.49
N GLY D 29 -26.51 -6.51 -41.41
CA GLY D 29 -26.58 -7.02 -42.75
C GLY D 29 -26.71 -8.55 -42.71
N CYS D 30 -26.58 -9.20 -43.85
CA CYS D 30 -26.71 -10.64 -43.89
C CYS D 30 -25.94 -11.39 -44.97
N VAL D 31 -25.97 -12.72 -44.85
CA VAL D 31 -25.30 -13.62 -45.76
C VAL D 31 -26.16 -14.79 -46.28
N THR D 32 -26.31 -14.87 -47.60
CA THR D 32 -27.09 -15.94 -48.26
C THR D 32 -26.12 -16.98 -48.80
N VAL D 33 -26.60 -18.18 -49.10
CA VAL D 33 -25.70 -19.22 -49.57
C VAL D 33 -26.14 -19.91 -50.86
N MET D 34 -25.15 -20.34 -51.64
CA MET D 34 -25.42 -21.02 -52.91
C MET D 34 -24.38 -22.02 -53.46
N ALA D 35 -24.82 -23.26 -53.61
CA ALA D 35 -24.01 -24.34 -54.14
C ALA D 35 -24.97 -25.19 -54.96
N GLN D 36 -24.44 -25.80 -56.01
CA GLN D 36 -25.25 -26.62 -56.92
C GLN D 36 -26.14 -27.62 -56.21
N ASP D 37 -25.53 -28.32 -55.28
CA ASP D 37 -26.17 -29.36 -54.49
C ASP D 37 -27.30 -28.93 -53.56
N LYS D 38 -27.61 -27.64 -53.53
CA LYS D 38 -28.63 -27.24 -52.58
C LYS D 38 -29.45 -26.04 -52.94
N PRO D 39 -30.68 -25.97 -52.39
CA PRO D 39 -31.45 -24.78 -52.73
C PRO D 39 -30.59 -23.62 -52.23
N THR D 40 -31.15 -22.43 -52.18
CA THR D 40 -30.32 -21.39 -51.67
C THR D 40 -31.04 -20.79 -50.51
N VAL D 41 -30.38 -20.91 -49.37
CA VAL D 41 -30.87 -20.42 -48.09
C VAL D 41 -29.98 -19.29 -47.61
N ASP D 42 -30.53 -18.46 -46.73
CA ASP D 42 -29.76 -17.38 -46.12
C ASP D 42 -30.17 -17.15 -44.67
N ILE D 43 -29.26 -16.53 -43.93
CA ILE D 43 -29.46 -16.30 -42.51
C ILE D 43 -29.23 -14.88 -42.04
N GLU D 44 -29.99 -14.49 -41.04
CA GLU D 44 -29.86 -13.17 -40.49
C GLU D 44 -29.91 -13.33 -38.96
N LEU D 45 -28.74 -13.17 -38.35
CA LEU D 45 -28.63 -13.27 -36.92
C LEU D 45 -29.61 -12.26 -36.34
N VAL D 46 -30.89 -12.62 -36.19
CA VAL D 46 -31.87 -11.66 -35.70
C VAL D 46 -31.73 -11.23 -34.23
N THR D 47 -32.25 -11.96 -33.25
CA THR D 47 -32.12 -11.54 -31.85
C THR D 47 -30.88 -12.10 -31.14
N THR D 48 -30.24 -11.30 -30.29
CA THR D 48 -29.07 -11.79 -29.56
C THR D 48 -29.23 -11.53 -28.08
N THR D 49 -30.13 -12.29 -27.47
CA THR D 49 -30.48 -12.20 -26.05
C THR D 49 -29.45 -12.70 -25.02
N VAL D 50 -29.30 -11.98 -23.92
CA VAL D 50 -28.40 -12.38 -22.83
C VAL D 50 -29.30 -12.77 -21.65
N SER D 51 -29.13 -14.00 -21.16
CA SER D 51 -29.95 -14.51 -20.08
C SER D 51 -29.91 -13.72 -18.75
N ASN D 52 -28.90 -13.99 -17.95
CA ASN D 52 -28.76 -13.34 -16.64
C ASN D 52 -27.52 -12.52 -16.49
N MET D 53 -27.54 -11.64 -15.50
CA MET D 53 -26.41 -10.77 -15.26
C MET D 53 -26.22 -10.42 -13.79
N ALA D 54 -25.01 -9.94 -13.47
CA ALA D 54 -24.60 -9.57 -12.12
C ALA D 54 -24.56 -8.05 -11.90
N GLU D 55 -25.11 -7.59 -10.78
CA GLU D 55 -25.15 -6.16 -10.48
C GLU D 55 -23.90 -5.62 -9.81
N VAL D 56 -22.77 -5.79 -10.50
CA VAL D 56 -21.46 -5.34 -10.04
C VAL D 56 -21.48 -4.01 -9.23
N ARG D 57 -21.87 -2.89 -9.87
CA ARG D 57 -21.96 -1.59 -9.19
C ARG D 57 -23.21 -0.83 -9.52
N SER D 58 -23.50 0.14 -8.68
CA SER D 58 -24.65 0.99 -8.86
C SER D 58 -24.07 2.39 -8.63
N TYR D 59 -24.44 3.34 -9.46
CA TYR D 59 -23.95 4.68 -9.27
C TYR D 59 -25.16 5.57 -9.15
N CYS D 60 -24.99 6.74 -8.55
CA CYS D 60 -26.10 7.68 -8.40
C CYS D 60 -25.80 8.92 -9.24
N TYR D 61 -26.70 9.25 -10.13
CA TYR D 61 -26.48 10.39 -10.95
C TYR D 61 -27.45 11.50 -10.62
N GLU D 62 -27.72 11.74 -9.34
CA GLU D 62 -28.65 12.79 -8.97
C GLU D 62 -28.86 12.84 -7.47
N ALA D 63 -27.74 12.81 -6.75
CA ALA D 63 -27.79 12.82 -5.30
C ALA D 63 -28.68 13.91 -4.74
N SER D 64 -28.78 13.94 -3.43
CA SER D 64 -29.62 14.91 -2.74
C SER D 64 -29.26 15.05 -1.26
N ILE D 65 -28.48 16.08 -0.94
CA ILE D 65 -28.09 16.35 0.45
C ILE D 65 -29.34 16.82 1.18
N SER D 66 -29.31 16.79 2.50
CA SER D 66 -30.50 17.16 3.26
C SER D 66 -30.26 18.02 4.50
N ASP D 67 -29.43 17.53 5.40
CA ASP D 67 -29.13 18.23 6.63
C ASP D 67 -27.73 18.85 6.64
N MET D 68 -27.67 20.17 6.72
CA MET D 68 -26.41 20.89 6.78
C MET D 68 -26.10 21.20 8.22
N ALA D 69 -25.22 20.39 8.82
CA ALA D 69 -24.81 20.56 10.20
C ALA D 69 -23.35 21.00 10.24
N SER D 70 -23.09 22.10 10.96
CA SER D 70 -21.73 22.64 11.09
C SER D 70 -21.22 22.75 12.55
N ASP D 71 -19.94 22.38 12.74
CA ASP D 71 -19.23 22.41 14.05
C ASP D 71 -17.95 23.26 13.96
N SER D 72 -17.53 23.82 15.09
CA SER D 72 -16.34 24.65 15.04
C SER D 72 -15.52 24.54 16.30
N ARG D 73 -14.25 24.87 16.17
CA ARG D 73 -13.32 24.81 17.28
C ARG D 73 -12.22 25.82 16.93
N CYS D 74 -11.77 26.55 17.93
CA CYS D 74 -10.70 27.53 17.69
C CYS D 74 -9.32 26.95 17.98
N PRO D 75 -8.27 27.53 17.39
CA PRO D 75 -6.88 27.08 17.55
C PRO D 75 -6.56 26.43 18.90
N THR D 76 -7.45 26.63 19.85
CA THR D 76 -7.36 26.06 21.20
C THR D 76 -7.30 24.52 21.19
N GLN D 77 -7.94 23.92 20.19
CA GLN D 77 -7.97 22.47 20.03
C GLN D 77 -7.62 22.04 18.62
N GLY D 78 -7.62 20.73 18.43
CA GLY D 78 -7.24 20.13 17.17
C GLY D 78 -8.21 20.21 16.01
N GLU D 79 -9.45 19.76 16.18
CA GLU D 79 -10.38 19.77 15.08
C GLU D 79 -11.79 19.97 15.55
N ALA D 80 -12.73 19.39 14.83
CA ALA D 80 -14.13 19.48 15.22
C ALA D 80 -14.67 18.08 15.25
N TYR D 81 -15.86 17.91 15.79
CA TYR D 81 -16.42 16.58 15.85
C TYR D 81 -17.72 16.59 15.06
N LEU D 82 -18.81 16.79 15.77
CA LEU D 82 -20.11 16.95 15.13
C LEU D 82 -21.22 15.91 14.93
N ASP D 83 -21.38 14.97 15.85
CA ASP D 83 -22.51 14.02 15.74
C ASP D 83 -22.66 13.20 14.47
N LYS D 84 -22.30 13.78 13.34
CA LYS D 84 -22.51 13.08 12.09
C LYS D 84 -21.26 12.45 11.53
N GLN D 85 -20.08 12.81 12.04
CA GLN D 85 -18.91 12.20 11.46
C GLN D 85 -18.80 10.71 11.83
N SER D 86 -19.72 10.24 12.68
CA SER D 86 -19.76 8.83 13.08
C SER D 86 -20.85 8.01 12.33
N ASP D 87 -21.37 8.55 11.21
CA ASP D 87 -22.40 7.86 10.41
C ASP D 87 -21.96 7.78 8.97
N THR D 88 -22.39 6.75 8.28
CA THR D 88 -22.06 6.65 6.88
C THR D 88 -23.11 7.52 6.22
N GLN D 89 -24.26 7.61 6.88
CA GLN D 89 -25.40 8.39 6.39
C GLN D 89 -25.06 9.77 5.87
N TYR D 90 -23.89 10.32 6.24
CA TYR D 90 -23.53 11.65 5.78
C TYR D 90 -22.23 11.72 5.04
N VAL D 91 -21.79 12.95 4.82
CA VAL D 91 -20.58 13.23 4.11
C VAL D 91 -20.04 14.50 4.72
N CYS D 92 -18.86 14.43 5.33
CA CYS D 92 -18.31 15.63 5.95
C CYS D 92 -16.97 16.04 5.40
N LYS D 93 -16.58 17.25 5.75
CA LYS D 93 -15.32 17.84 5.31
C LYS D 93 -14.93 18.93 6.30
N ARG D 94 -13.70 18.86 6.79
CA ARG D 94 -13.22 19.82 7.78
C ARG D 94 -12.07 20.65 7.25
N THR D 95 -12.05 21.93 7.67
CA THR D 95 -11.00 22.88 7.28
C THR D 95 -10.99 24.05 8.26
N LEU D 96 -10.33 25.13 7.87
CA LEU D 96 -10.27 26.27 8.72
C LEU D 96 -11.17 27.41 8.33
N VAL D 97 -11.36 28.26 9.34
CA VAL D 97 -12.17 29.44 9.32
C VAL D 97 -11.30 30.43 10.12
N ASP D 98 -11.28 31.69 9.69
CA ASP D 98 -10.50 32.74 10.37
C ASP D 98 -11.14 32.92 11.73
N ARG D 99 -10.94 31.96 12.60
CA ARG D 99 -11.54 32.08 13.88
C ARG D 99 -10.87 33.09 14.77
N GLY D 100 -11.59 34.17 15.02
CA GLY D 100 -11.03 35.21 15.84
C GLY D 100 -11.90 35.63 16.98
N TRP D 101 -11.96 36.93 17.23
CA TRP D 101 -12.77 37.43 18.33
C TRP D 101 -14.18 37.58 17.82
N GLY D 102 -14.37 37.33 16.53
CA GLY D 102 -15.69 37.43 15.97
C GLY D 102 -16.62 36.58 16.83
N ASN D 103 -16.17 35.37 17.12
CA ASN D 103 -16.90 34.40 17.94
C ASN D 103 -16.46 34.51 19.41
N GLY D 104 -15.44 35.32 19.66
CA GLY D 104 -14.95 35.48 21.02
C GLY D 104 -13.88 34.47 21.35
N CYS D 105 -13.19 34.01 20.32
CA CYS D 105 -12.12 33.06 20.52
C CYS D 105 -10.86 33.72 21.06
N GLY D 106 -10.38 33.24 22.20
CA GLY D 106 -9.19 33.82 22.78
C GLY D 106 -8.19 34.03 21.67
N LEU D 107 -7.66 32.92 21.17
CA LEU D 107 -6.68 33.01 20.11
C LEU D 107 -7.27 33.43 18.79
N PHE D 108 -6.39 33.95 17.93
CA PHE D 108 -6.81 34.43 16.63
C PHE D 108 -6.38 33.72 15.36
N GLY D 109 -7.36 33.47 14.50
CA GLY D 109 -7.13 32.77 13.25
C GLY D 109 -6.96 31.33 13.61
N LYS D 110 -6.76 30.44 12.63
CA LYS D 110 -6.50 29.01 12.90
C LYS D 110 -7.65 28.02 13.07
N GLY D 111 -8.84 28.49 13.43
CA GLY D 111 -9.97 27.59 13.66
C GLY D 111 -10.07 26.37 12.77
N SER D 112 -11.12 25.58 12.96
CA SER D 112 -11.30 24.42 12.14
C SER D 112 -12.68 23.91 12.42
N LEU D 113 -13.50 23.89 11.38
CA LEU D 113 -14.87 23.44 11.52
C LEU D 113 -15.13 22.31 10.56
N VAL D 114 -16.34 21.79 10.61
CA VAL D 114 -16.71 20.72 9.71
C VAL D 114 -18.22 20.68 9.47
N THR D 115 -18.62 20.81 8.21
CA THR D 115 -20.04 20.79 7.82
C THR D 115 -20.35 19.40 7.24
N CYS D 116 -21.63 19.00 7.28
CA CYS D 116 -22.01 17.68 6.75
C CYS D 116 -23.33 17.70 6.02
N ALA D 117 -23.63 16.62 5.33
CA ALA D 117 -24.87 16.52 4.60
C ALA D 117 -25.34 15.08 4.59
N LYS D 118 -26.63 14.87 4.82
CA LYS D 118 -27.16 13.53 4.78
C LYS D 118 -27.29 13.25 3.30
N PHE D 119 -26.58 12.21 2.83
CA PHE D 119 -26.54 11.84 1.42
C PHE D 119 -27.58 10.83 0.88
N ALA D 120 -28.68 11.34 0.35
CA ALA D 120 -29.70 10.50 -0.21
C ALA D 120 -29.32 10.28 -1.66
N CYS D 121 -30.25 9.76 -2.45
CA CYS D 121 -29.95 9.54 -3.85
C CYS D 121 -31.27 9.44 -4.62
N SER D 122 -31.33 10.14 -5.76
CA SER D 122 -32.51 10.19 -6.63
C SER D 122 -32.62 9.10 -7.71
N LYS D 123 -31.64 9.02 -8.62
CA LYS D 123 -31.66 8.00 -9.65
C LYS D 123 -30.31 7.37 -9.73
N LYS D 124 -30.29 6.04 -9.74
CA LYS D 124 -29.03 5.33 -9.82
C LYS D 124 -28.85 4.51 -11.08
N MET D 125 -27.68 4.67 -11.65
CA MET D 125 -27.28 3.96 -12.84
C MET D 125 -26.86 2.56 -12.45
N THR D 126 -27.77 1.60 -12.60
CA THR D 126 -27.49 0.22 -12.25
C THR D 126 -26.81 -0.58 -13.35
N GLY D 127 -25.49 -0.71 -13.25
CA GLY D 127 -24.74 -1.46 -14.23
C GLY D 127 -24.85 -2.96 -13.97
N LYS D 128 -24.22 -3.79 -14.83
CA LYS D 128 -24.24 -5.25 -14.69
C LYS D 128 -23.00 -5.97 -15.23
N SER D 129 -22.97 -7.29 -15.04
CA SER D 129 -21.84 -8.12 -15.49
C SER D 129 -22.43 -9.38 -16.14
N ILE D 130 -22.19 -9.54 -17.44
CA ILE D 130 -22.71 -10.69 -18.16
C ILE D 130 -21.67 -11.68 -18.66
N GLN D 131 -21.50 -12.78 -17.93
CA GLN D 131 -20.54 -13.81 -18.31
C GLN D 131 -20.82 -14.24 -19.76
N PRO D 132 -19.75 -14.35 -20.57
CA PRO D 132 -19.84 -14.73 -21.99
C PRO D 132 -20.77 -15.91 -22.19
N GLU D 133 -20.73 -16.84 -21.24
CA GLU D 133 -21.55 -18.01 -21.30
C GLU D 133 -22.77 -17.81 -20.45
N ASN D 134 -23.92 -18.16 -21.01
CA ASN D 134 -25.25 -18.04 -20.41
C ASN D 134 -26.12 -17.16 -21.34
N LEU D 135 -25.47 -16.49 -22.30
CA LEU D 135 -26.13 -15.64 -23.28
C LEU D 135 -26.73 -16.56 -24.34
N GLU D 136 -27.03 -16.04 -25.54
CA GLU D 136 -27.62 -16.85 -26.61
C GLU D 136 -28.14 -16.07 -27.80
N TYR D 137 -28.01 -16.64 -29.00
CA TYR D 137 -28.50 -15.96 -30.21
C TYR D 137 -29.71 -16.64 -30.82
N ARG D 138 -30.20 -16.12 -31.94
CA ARG D 138 -31.37 -16.70 -32.58
C ARG D 138 -31.32 -16.45 -34.07
N ILE D 139 -30.49 -17.20 -34.80
CA ILE D 139 -30.41 -17.00 -36.24
C ILE D 139 -31.50 -17.65 -37.03
N MET D 140 -32.35 -16.80 -37.59
CA MET D 140 -33.43 -17.26 -38.42
C MET D 140 -32.88 -17.35 -39.83
N LEU D 141 -33.38 -18.33 -40.59
CA LEU D 141 -32.95 -18.49 -41.98
C LEU D 141 -34.14 -18.85 -42.86
N SER D 142 -34.09 -18.36 -44.09
CA SER D 142 -35.15 -18.61 -45.05
C SER D 142 -34.59 -19.22 -46.33
N VAL D 143 -35.47 -19.61 -47.26
CA VAL D 143 -35.05 -20.21 -48.52
C VAL D 143 -35.82 -19.74 -49.75
N HIS D 144 -35.11 -19.60 -50.86
CA HIS D 144 -35.70 -19.14 -52.12
C HIS D 144 -36.54 -20.20 -52.77
N GLY D 145 -37.58 -20.63 -52.09
CA GLY D 145 -38.39 -21.67 -52.66
C GLY D 145 -39.42 -21.15 -53.62
N SER D 146 -40.58 -20.84 -53.06
CA SER D 146 -41.72 -20.37 -53.82
C SER D 146 -42.27 -19.09 -53.22
N GLN D 147 -41.59 -18.62 -52.19
CA GLN D 147 -41.98 -17.42 -51.47
C GLN D 147 -42.61 -16.33 -52.32
N HIS D 148 -43.39 -15.47 -51.68
CA HIS D 148 -44.08 -14.38 -52.36
C HIS D 148 -44.12 -13.11 -51.51
N SER D 149 -43.05 -12.31 -51.55
CA SER D 149 -43.02 -11.09 -50.74
C SER D 149 -43.35 -11.52 -49.31
N GLY D 150 -43.25 -12.83 -49.08
CA GLY D 150 -43.50 -13.37 -47.77
C GLY D 150 -42.22 -13.11 -47.05
N MET D 151 -41.36 -12.38 -47.76
CA MET D 151 -40.07 -12.01 -47.21
C MET D 151 -40.30 -11.20 -45.95
N ILE D 152 -39.29 -11.21 -45.09
CA ILE D 152 -39.33 -10.51 -43.81
C ILE D 152 -40.73 -10.64 -43.26
N VAL D 153 -41.41 -9.52 -43.06
CA VAL D 153 -42.77 -9.53 -42.57
C VAL D 153 -42.99 -10.59 -41.47
N ASN D 154 -44.13 -11.28 -41.50
CA ASN D 154 -44.45 -12.33 -40.52
C ASN D 154 -43.28 -13.29 -40.43
N ASP D 155 -42.96 -13.73 -39.21
CA ASP D 155 -41.83 -14.64 -39.03
C ASP D 155 -42.13 -15.93 -38.23
N THR D 156 -43.14 -15.86 -37.38
CA THR D 156 -43.53 -16.99 -36.53
C THR D 156 -44.40 -18.00 -37.29
N GLY D 157 -45.30 -17.48 -38.11
CA GLY D 157 -46.17 -18.33 -38.91
C GLY D 157 -45.30 -18.97 -39.96
N HIS D 158 -44.25 -18.25 -40.38
CA HIS D 158 -43.29 -18.70 -41.40
C HIS D 158 -42.30 -19.77 -40.89
N GLU D 159 -42.02 -19.77 -39.58
CA GLU D 159 -41.09 -20.74 -38.97
C GLU D 159 -41.70 -22.14 -38.74
N THR D 160 -43.03 -22.22 -38.71
CA THR D 160 -43.75 -23.50 -38.54
C THR D 160 -43.88 -24.10 -39.94
N ASP D 161 -43.04 -23.60 -40.84
CA ASP D 161 -42.97 -24.01 -42.24
C ASP D 161 -41.60 -24.37 -42.73
N GLU D 162 -41.59 -24.99 -43.90
CA GLU D 162 -40.38 -25.49 -44.51
C GLU D 162 -39.33 -24.55 -45.04
N ASN D 163 -39.65 -23.29 -45.21
CA ASN D 163 -38.64 -22.42 -45.77
C ASN D 163 -38.06 -21.42 -44.82
N ARG D 164 -38.79 -21.13 -43.77
CA ARG D 164 -38.27 -20.21 -42.78
C ARG D 164 -38.08 -20.98 -41.49
N ALA D 165 -36.82 -21.09 -41.07
CA ALA D 165 -36.51 -21.81 -39.86
C ALA D 165 -35.74 -20.94 -38.90
N LYS D 166 -35.99 -21.13 -37.61
CA LYS D 166 -35.33 -20.36 -36.56
C LYS D 166 -34.57 -21.23 -35.57
N VAL D 167 -33.24 -21.21 -35.66
CA VAL D 167 -32.40 -21.99 -34.74
C VAL D 167 -31.77 -21.06 -33.74
N GLU D 168 -31.13 -21.63 -32.72
CA GLU D 168 -30.53 -20.79 -31.70
C GLU D 168 -29.43 -21.44 -30.93
N ILE D 169 -28.23 -21.10 -31.35
CA ILE D 169 -27.04 -21.60 -30.72
C ILE D 169 -26.82 -20.92 -29.38
N THR D 170 -26.53 -21.74 -28.37
CA THR D 170 -26.25 -21.28 -27.00
C THR D 170 -24.74 -21.53 -26.85
N PRO D 171 -24.10 -20.97 -25.82
CA PRO D 171 -22.68 -21.30 -25.80
C PRO D 171 -22.62 -22.73 -25.31
N ASN D 172 -23.80 -23.25 -24.96
CA ASN D 172 -24.00 -24.60 -24.43
C ASN D 172 -24.50 -25.60 -25.50
N SER D 173 -25.33 -25.14 -26.44
CA SER D 173 -25.86 -25.97 -27.54
C SER D 173 -25.45 -25.32 -28.85
N PRO D 174 -24.15 -25.20 -29.06
CA PRO D 174 -23.39 -24.62 -30.16
C PRO D 174 -23.52 -25.18 -31.55
N ARG D 175 -24.33 -26.21 -31.73
CA ARG D 175 -24.44 -26.80 -33.07
C ARG D 175 -25.84 -27.08 -33.54
N ALA D 176 -26.79 -26.26 -33.11
CA ALA D 176 -28.17 -26.44 -33.48
C ALA D 176 -28.32 -27.06 -34.88
N GLU D 177 -29.45 -27.73 -35.10
CA GLU D 177 -29.72 -28.39 -36.36
C GLU D 177 -31.07 -27.95 -36.90
N ALA D 178 -31.05 -26.92 -37.74
CA ALA D 178 -32.28 -26.39 -38.34
C ALA D 178 -32.82 -27.34 -39.41
N THR D 179 -33.84 -28.12 -39.06
CA THR D 179 -34.41 -29.08 -39.99
C THR D 179 -35.63 -28.62 -40.80
N LEU D 180 -35.38 -27.94 -41.90
CA LEU D 180 -36.47 -27.50 -42.75
C LEU D 180 -36.61 -28.53 -43.86
N GLY D 181 -37.40 -29.57 -43.58
CA GLY D 181 -37.63 -30.65 -44.53
C GLY D 181 -37.95 -30.26 -45.96
N GLY D 182 -38.45 -31.19 -46.76
CA GLY D 182 -38.78 -30.89 -48.15
C GLY D 182 -37.51 -30.39 -48.83
N PHE D 183 -36.51 -30.17 -47.99
CA PHE D 183 -35.19 -29.72 -48.34
C PHE D 183 -34.28 -30.63 -47.53
N GLY D 184 -34.26 -30.43 -46.22
CA GLY D 184 -33.43 -31.26 -45.37
C GLY D 184 -33.15 -30.71 -43.97
N SER D 185 -31.85 -30.63 -43.64
CA SER D 185 -31.39 -30.12 -42.34
C SER D 185 -30.29 -29.10 -42.53
N LEU D 186 -29.81 -28.59 -41.42
CA LEU D 186 -28.75 -27.61 -41.49
C LEU D 186 -27.82 -27.75 -40.32
N GLY D 187 -26.53 -27.72 -40.63
CA GLY D 187 -25.54 -27.83 -39.59
C GLY D 187 -25.15 -26.46 -39.07
N LEU D 188 -24.89 -26.34 -37.79
CA LEU D 188 -24.46 -25.05 -37.29
C LEU D 188 -23.36 -25.33 -36.31
N ASP D 189 -22.14 -24.88 -36.62
CA ASP D 189 -20.99 -25.07 -35.74
C ASP D 189 -20.60 -23.65 -35.28
N CYS D 190 -21.44 -23.06 -34.44
CA CYS D 190 -21.24 -21.70 -33.96
C CYS D 190 -20.36 -21.54 -32.73
N GLU D 191 -19.75 -20.36 -32.58
CA GLU D 191 -18.88 -20.11 -31.45
C GLU D 191 -19.48 -19.07 -30.52
N PRO D 192 -20.55 -19.44 -29.81
CA PRO D 192 -21.23 -18.54 -28.88
C PRO D 192 -20.26 -18.11 -27.80
N ARG D 193 -19.05 -17.75 -28.18
CA ARG D 193 -18.03 -17.32 -27.23
C ARG D 193 -17.18 -16.20 -27.80
N THR D 194 -16.74 -16.37 -29.03
CA THR D 194 -15.94 -15.35 -29.68
C THR D 194 -16.85 -14.26 -30.20
N GLY D 195 -18.01 -14.10 -29.57
CA GLY D 195 -18.99 -13.10 -29.97
C GLY D 195 -18.49 -11.66 -29.81
N LEU D 196 -19.03 -10.98 -28.82
CA LEU D 196 -18.61 -9.62 -28.54
C LEU D 196 -17.85 -9.59 -27.20
N ASP D 197 -17.21 -10.71 -26.85
CA ASP D 197 -16.44 -10.83 -25.61
C ASP D 197 -17.11 -10.14 -24.43
N PHE D 198 -18.40 -10.40 -24.23
CA PHE D 198 -19.19 -9.81 -23.14
C PHE D 198 -18.50 -9.95 -21.78
N SER D 199 -17.22 -10.33 -21.83
CA SER D 199 -16.38 -10.50 -20.66
C SER D 199 -16.31 -9.13 -20.01
N ASP D 200 -15.72 -8.19 -20.75
CA ASP D 200 -15.56 -6.82 -20.32
C ASP D 200 -16.70 -5.98 -20.89
N LEU D 201 -17.91 -6.52 -20.79
CA LEU D 201 -19.09 -5.83 -21.31
C LEU D 201 -20.20 -5.76 -20.26
N TYR D 202 -20.01 -4.88 -19.29
CA TYR D 202 -21.00 -4.71 -18.27
C TYR D 202 -22.16 -4.13 -18.99
N TYR D 203 -23.34 -4.59 -18.62
CA TYR D 203 -24.58 -4.17 -19.24
C TYR D 203 -25.20 -3.05 -18.41
N LEU D 204 -25.27 -1.85 -18.95
CA LEU D 204 -25.81 -0.74 -18.19
C LEU D 204 -27.32 -0.67 -18.12
N THR D 205 -27.83 0.19 -17.24
CA THR D 205 -29.27 0.39 -17.06
C THR D 205 -29.47 1.77 -16.48
N MET D 206 -29.35 2.80 -17.30
CA MET D 206 -29.52 4.13 -16.76
C MET D 206 -30.91 4.65 -17.02
N ASN D 207 -31.80 4.36 -16.08
CA ASN D 207 -33.15 4.84 -16.23
C ASN D 207 -33.72 4.25 -17.50
N ASN D 208 -33.92 2.94 -17.49
CA ASN D 208 -34.49 2.20 -18.62
C ASN D 208 -34.10 2.70 -20.01
N LYS D 209 -32.80 2.86 -20.21
CA LYS D 209 -32.23 3.31 -21.47
C LYS D 209 -30.85 2.69 -21.33
N HIS D 210 -30.81 1.38 -21.44
CA HIS D 210 -29.57 0.64 -21.27
C HIS D 210 -28.77 0.44 -22.53
N TRP D 211 -27.45 0.50 -22.36
CA TRP D 211 -26.49 0.33 -23.43
C TRP D 211 -25.46 -0.68 -22.93
N LEU D 212 -24.99 -1.59 -23.79
CA LEU D 212 -23.96 -2.50 -23.32
C LEU D 212 -22.74 -1.62 -23.29
N VAL D 213 -22.12 -1.53 -22.13
CA VAL D 213 -20.96 -0.67 -21.97
C VAL D 213 -19.71 -1.41 -21.57
N HIS D 214 -18.60 -0.96 -22.12
CA HIS D 214 -17.34 -1.56 -21.85
C HIS D 214 -17.08 -1.55 -20.34
N LYS D 215 -16.40 -2.59 -19.87
CA LYS D 215 -16.07 -2.76 -18.45
C LYS D 215 -15.33 -1.57 -17.90
N GLU D 216 -14.13 -1.37 -18.41
CA GLU D 216 -13.28 -0.29 -17.98
C GLU D 216 -14.12 0.91 -17.67
N TRP D 217 -14.40 1.68 -18.71
CA TRP D 217 -15.21 2.88 -18.58
C TRP D 217 -16.27 2.82 -17.45
N PHE D 218 -16.72 1.63 -17.06
CA PHE D 218 -17.72 1.49 -16.00
C PHE D 218 -17.21 1.84 -14.60
N HIS D 219 -16.07 1.26 -14.23
CA HIS D 219 -15.41 1.50 -12.92
C HIS D 219 -14.89 2.92 -12.85
N ASP D 220 -14.31 3.32 -13.99
CA ASP D 220 -13.69 4.62 -14.20
C ASP D 220 -14.45 5.91 -13.89
N ILE D 221 -15.75 5.97 -14.11
CA ILE D 221 -16.42 7.21 -13.75
C ILE D 221 -16.88 7.10 -12.29
N PRO D 222 -16.42 8.04 -11.43
CA PRO D 222 -16.72 8.13 -9.99
C PRO D 222 -17.76 9.15 -9.61
N LEU D 223 -18.66 8.74 -8.73
CA LEU D 223 -19.71 9.61 -8.23
C LEU D 223 -20.21 8.95 -6.94
N PRO D 224 -21.29 8.17 -7.02
CA PRO D 224 -21.56 7.62 -5.71
C PRO D 224 -21.35 6.18 -6.13
N TRP D 225 -21.65 5.25 -5.26
CA TRP D 225 -21.42 3.87 -5.59
C TRP D 225 -22.20 3.07 -4.54
N HIS D 226 -22.57 1.84 -4.88
CA HIS D 226 -23.28 0.95 -3.97
C HIS D 226 -23.46 -0.28 -4.77
N ALA D 227 -22.99 -1.43 -4.31
CA ALA D 227 -23.16 -2.60 -5.16
C ALA D 227 -22.78 -3.96 -4.61
N GLY D 228 -23.20 -5.01 -5.34
CA GLY D 228 -22.93 -6.39 -4.94
C GLY D 228 -23.44 -6.35 -3.53
N ALA D 229 -24.26 -5.33 -3.38
CA ALA D 229 -24.81 -4.96 -2.14
C ALA D 229 -26.27 -5.16 -2.01
N ASP D 230 -26.64 -5.55 -0.81
CA ASP D 230 -28.03 -5.73 -0.50
C ASP D 230 -28.34 -4.29 -0.31
N THR D 231 -29.32 -3.84 -1.06
CA THR D 231 -29.68 -2.44 -0.97
C THR D 231 -29.79 -2.04 0.50
N GLY D 232 -30.83 -2.50 1.19
CA GLY D 232 -30.98 -2.11 2.58
C GLY D 232 -30.78 -0.60 2.57
N THR D 233 -29.92 -0.10 3.46
CA THR D 233 -29.56 1.32 3.52
C THR D 233 -28.25 1.41 2.73
N PRO D 234 -28.36 1.69 1.43
CA PRO D 234 -27.22 1.80 0.52
C PRO D 234 -26.00 2.54 1.05
N HIS D 235 -25.14 1.83 1.75
CA HIS D 235 -23.95 2.46 2.29
C HIS D 235 -23.16 2.89 1.06
N TRP D 236 -23.16 4.18 0.73
CA TRP D 236 -22.43 4.56 -0.47
C TRP D 236 -20.92 4.59 -0.30
N ASN D 237 -20.26 4.96 -1.37
CA ASN D 237 -18.82 5.00 -1.42
C ASN D 237 -18.61 6.24 -2.28
N ASN D 238 -17.52 6.97 -2.06
CA ASN D 238 -17.20 8.23 -2.76
C ASN D 238 -18.20 9.28 -2.29
N LYS D 239 -18.86 10.01 -3.19
CA LYS D 239 -19.87 11.02 -2.84
C LYS D 239 -19.37 12.47 -2.91
N GLU D 240 -18.06 12.58 -3.08
CA GLU D 240 -17.41 13.87 -3.21
C GLU D 240 -17.89 14.47 -4.53
N ALA D 241 -17.90 13.64 -5.56
CA ALA D 241 -18.32 14.06 -6.90
C ALA D 241 -19.80 14.37 -6.97
N LEU D 242 -20.34 14.85 -5.86
CA LEU D 242 -21.73 15.24 -5.83
C LEU D 242 -21.97 16.30 -4.77
N VAL D 243 -21.52 16.07 -3.54
CA VAL D 243 -21.72 17.11 -2.53
C VAL D 243 -20.54 18.03 -2.73
N GLU D 244 -20.82 19.30 -2.93
CA GLU D 244 -19.76 20.26 -3.16
C GLU D 244 -19.47 21.15 -1.96
N PHE D 245 -18.31 20.95 -1.35
CA PHE D 245 -17.89 21.72 -0.18
C PHE D 245 -17.12 22.98 -0.48
N LYS D 246 -17.81 24.10 -0.64
CA LYS D 246 -17.13 25.34 -0.88
C LYS D 246 -17.60 26.23 0.22
N ASP D 247 -16.65 26.70 1.01
CA ASP D 247 -16.94 27.59 2.12
C ASP D 247 -16.95 29.03 1.58
N ALA D 248 -18.08 29.72 1.71
CA ALA D 248 -18.19 31.11 1.25
C ALA D 248 -17.09 31.89 2.01
N HIS D 249 -16.37 32.79 1.31
CA HIS D 249 -15.22 33.57 1.86
C HIS D 249 -14.34 32.77 2.86
N ALA D 250 -14.39 33.10 4.14
CA ALA D 250 -13.59 32.33 5.10
C ALA D 250 -14.15 32.49 6.50
N LYS D 251 -15.39 32.03 6.70
CA LYS D 251 -16.05 32.13 8.00
C LYS D 251 -17.15 31.09 8.05
N ARG D 252 -17.71 30.82 6.88
CA ARG D 252 -18.80 29.87 6.79
C ARG D 252 -18.54 28.83 5.70
N GLN D 253 -18.83 27.56 5.99
CA GLN D 253 -18.62 26.48 5.02
C GLN D 253 -19.93 25.91 4.49
N THR D 254 -20.18 26.17 3.21
CA THR D 254 -21.40 25.73 2.55
C THR D 254 -21.19 24.57 1.60
N VAL D 255 -22.24 23.75 1.49
CA VAL D 255 -22.21 22.60 0.61
C VAL D 255 -23.47 22.41 -0.24
N VAL D 256 -23.26 22.41 -1.56
CA VAL D 256 -24.34 22.23 -2.53
C VAL D 256 -24.27 20.87 -3.20
N VAL D 257 -25.42 20.38 -3.64
CA VAL D 257 -25.46 19.10 -4.32
C VAL D 257 -25.17 19.36 -5.81
N LEU D 258 -23.96 19.03 -6.25
CA LEU D 258 -23.59 19.21 -7.64
C LEU D 258 -24.74 18.59 -8.43
N GLY D 259 -24.99 19.09 -9.65
CA GLY D 259 -26.11 18.64 -10.49
C GLY D 259 -26.16 17.23 -11.12
N SER D 260 -27.31 16.55 -10.96
CA SER D 260 -27.55 15.19 -11.48
C SER D 260 -26.42 14.43 -12.24
N GLN D 261 -25.99 14.96 -13.39
CA GLN D 261 -24.97 14.31 -14.21
C GLN D 261 -25.69 13.38 -15.20
N GLU D 262 -26.98 13.21 -14.96
CA GLU D 262 -27.92 12.40 -15.74
C GLU D 262 -27.53 12.28 -17.23
N GLY D 263 -27.47 13.42 -17.92
CA GLY D 263 -27.12 13.37 -19.32
C GLY D 263 -25.63 13.49 -19.54
N ALA D 264 -24.88 13.92 -18.52
CA ALA D 264 -23.44 14.07 -18.62
C ALA D 264 -22.85 12.70 -18.52
N VAL D 265 -23.75 11.74 -18.36
CA VAL D 265 -23.34 10.34 -18.32
C VAL D 265 -23.80 9.83 -19.70
N HIS D 266 -24.62 10.63 -20.39
CA HIS D 266 -25.11 10.28 -21.74
C HIS D 266 -24.11 10.73 -22.77
N THR D 267 -23.26 11.68 -22.40
CA THR D 267 -22.24 12.20 -23.28
C THR D 267 -20.99 11.40 -22.97
N ALA D 268 -21.00 10.85 -21.78
CA ALA D 268 -19.91 10.05 -21.28
C ALA D 268 -20.04 8.81 -22.06
N LEU D 269 -21.26 8.31 -21.95
CA LEU D 269 -21.70 7.11 -22.58
C LEU D 269 -21.67 7.33 -24.08
N ALA D 270 -20.48 7.56 -24.60
CA ALA D 270 -20.32 7.77 -26.02
C ALA D 270 -19.79 6.52 -26.67
N GLY D 271 -20.10 5.39 -26.06
CA GLY D 271 -19.65 4.15 -26.65
C GLY D 271 -20.53 3.79 -27.79
N ALA D 272 -20.50 2.52 -28.16
CA ALA D 272 -21.25 2.11 -29.33
C ALA D 272 -22.60 1.35 -29.18
N LEU D 273 -22.64 0.34 -28.32
CA LEU D 273 -23.83 -0.45 -28.23
C LEU D 273 -24.94 0.12 -27.46
N GLU D 274 -26.12 -0.13 -28.02
CA GLU D 274 -27.39 0.26 -27.48
C GLU D 274 -28.07 -1.05 -27.19
N ALA D 275 -28.62 -1.16 -26.00
CA ALA D 275 -29.25 -2.38 -25.59
C ALA D 275 -30.72 -2.15 -25.32
N GLU D 276 -31.47 -3.24 -25.25
CA GLU D 276 -32.89 -3.20 -24.99
C GLU D 276 -33.10 -4.28 -23.95
N MET D 277 -34.00 -4.02 -23.03
CA MET D 277 -34.17 -5.02 -22.03
C MET D 277 -35.62 -5.43 -21.96
N ASP D 278 -35.84 -6.62 -21.42
CA ASP D 278 -37.19 -7.14 -21.21
C ASP D 278 -37.28 -7.05 -19.69
N GLY D 279 -36.10 -7.23 -19.10
CA GLY D 279 -35.91 -7.21 -17.66
C GLY D 279 -35.41 -8.61 -17.39
N ALA D 280 -36.10 -9.54 -18.03
CA ALA D 280 -35.79 -10.94 -17.92
C ALA D 280 -34.37 -11.09 -18.45
N LYS D 281 -34.25 -10.92 -19.76
CA LYS D 281 -32.98 -11.08 -20.44
C LYS D 281 -32.47 -9.85 -21.14
N GLY D 282 -31.19 -9.90 -21.48
CA GLY D 282 -30.55 -8.80 -22.16
C GLY D 282 -30.73 -8.92 -23.65
N ARG D 283 -31.86 -8.43 -24.14
CA ARG D 283 -32.13 -8.47 -25.57
C ARG D 283 -31.34 -7.33 -26.19
N LEU D 284 -30.63 -7.61 -27.26
CA LEU D 284 -29.85 -6.56 -27.88
C LEU D 284 -29.67 -6.75 -29.36
N SER D 285 -28.75 -5.98 -29.92
CA SER D 285 -28.42 -6.02 -31.33
C SER D 285 -26.91 -5.83 -31.48
N SER D 286 -26.51 -5.44 -32.67
CA SER D 286 -25.13 -5.18 -33.00
C SER D 286 -24.12 -6.12 -32.41
N GLY D 287 -23.94 -7.25 -33.08
CA GLY D 287 -22.98 -8.22 -32.61
C GLY D 287 -22.62 -9.10 -33.77
N HIS D 288 -21.75 -10.06 -33.52
CA HIS D 288 -21.42 -10.97 -34.58
C HIS D 288 -21.20 -12.35 -34.00
N LEU D 289 -21.30 -13.35 -34.86
CA LEU D 289 -21.21 -14.74 -34.46
C LEU D 289 -20.74 -15.60 -35.63
N LYS D 290 -19.62 -16.26 -35.45
CA LYS D 290 -19.05 -17.11 -36.49
C LYS D 290 -19.51 -18.56 -36.41
N CYS D 291 -20.03 -19.09 -37.52
CA CYS D 291 -20.49 -20.46 -37.58
C CYS D 291 -19.92 -21.20 -38.76
N ARG D 292 -20.54 -22.34 -39.02
CA ARG D 292 -20.21 -23.25 -40.10
C ARG D 292 -21.45 -24.12 -40.27
N LEU D 293 -21.99 -24.21 -41.50
CA LEU D 293 -23.19 -25.04 -41.75
C LEU D 293 -22.85 -26.35 -42.52
N LYS D 294 -23.80 -27.29 -42.52
CA LYS D 294 -23.65 -28.58 -43.20
C LYS D 294 -24.63 -28.57 -44.40
N MET D 295 -24.06 -28.48 -45.59
CA MET D 295 -24.79 -28.41 -46.86
C MET D 295 -25.32 -29.76 -47.32
N ASP D 296 -24.75 -30.78 -46.74
CA ASP D 296 -25.09 -32.12 -47.12
C ASP D 296 -26.55 -32.41 -47.01
N LYS D 297 -27.13 -32.17 -45.84
CA LYS D 297 -28.54 -32.46 -45.65
C LYS D 297 -29.49 -31.40 -46.18
N LEU D 298 -29.53 -31.14 -47.49
CA LEU D 298 -30.44 -30.13 -48.03
C LEU D 298 -30.81 -30.37 -49.47
N ARG D 299 -31.95 -31.02 -49.63
CA ARG D 299 -32.43 -31.40 -50.95
C ARG D 299 -33.13 -30.37 -51.84
N LEU D 300 -32.71 -30.36 -53.10
CA LEU D 300 -33.29 -29.48 -54.14
C LEU D 300 -34.57 -30.21 -54.55
N LYS D 301 -35.70 -29.75 -54.02
CA LYS D 301 -36.97 -30.37 -54.35
C LYS D 301 -37.29 -30.32 -55.85
N GLY D 302 -37.13 -29.13 -56.41
CA GLY D 302 -37.40 -28.90 -57.81
C GLY D 302 -37.02 -29.90 -58.90
N VAL D 303 -35.75 -30.27 -59.05
CA VAL D 303 -35.33 -31.16 -60.15
C VAL D 303 -36.06 -32.49 -60.29
N SER D 304 -37.28 -32.53 -59.82
CA SER D 304 -38.05 -33.75 -59.90
C SER D 304 -39.39 -33.44 -60.51
N TYR D 305 -39.65 -32.16 -60.70
CA TYR D 305 -40.91 -31.74 -61.26
C TYR D 305 -40.83 -31.49 -62.73
N SER D 306 -41.95 -31.72 -63.39
CA SER D 306 -42.04 -31.48 -64.82
C SER D 306 -42.19 -29.97 -64.92
N LEU D 307 -41.30 -29.30 -65.66
CA LEU D 307 -41.38 -27.84 -65.81
C LEU D 307 -42.80 -27.39 -66.13
N CYS D 308 -43.22 -26.28 -65.55
CA CYS D 308 -44.58 -25.80 -65.79
C CYS D 308 -44.74 -25.06 -67.10
N THR D 309 -45.83 -25.43 -67.78
CA THR D 309 -46.19 -24.86 -69.05
C THR D 309 -47.58 -24.26 -68.91
N ALA D 310 -47.73 -23.05 -69.41
CA ALA D 310 -48.96 -22.27 -69.38
C ALA D 310 -48.52 -20.82 -69.29
N ALA D 311 -49.35 -19.95 -68.74
CA ALA D 311 -48.99 -18.56 -68.66
C ALA D 311 -48.28 -18.13 -67.39
N PHE D 312 -47.49 -17.09 -67.55
CA PHE D 312 -46.78 -16.48 -66.46
C PHE D 312 -47.02 -14.98 -66.58
N THR D 313 -46.94 -14.25 -65.46
CA THR D 313 -47.19 -12.81 -65.47
C THR D 313 -46.49 -12.06 -64.32
N PHE D 314 -45.77 -10.98 -64.68
CA PHE D 314 -45.04 -10.16 -63.71
C PHE D 314 -45.88 -9.34 -62.72
N THR D 315 -46.66 -9.98 -61.86
CA THR D 315 -47.49 -9.23 -60.91
C THR D 315 -46.72 -8.05 -60.32
N LYS D 316 -45.40 -8.22 -60.17
CA LYS D 316 -44.54 -7.17 -59.63
C LYS D 316 -43.34 -6.95 -60.54
N ILE D 317 -43.41 -5.92 -61.36
CA ILE D 317 -42.34 -5.60 -62.27
C ILE D 317 -40.99 -5.67 -61.55
N PRO D 318 -39.99 -6.32 -62.18
CA PRO D 318 -38.64 -6.50 -61.66
C PRO D 318 -38.01 -5.28 -61.03
N ALA D 319 -37.45 -5.49 -59.85
CA ALA D 319 -36.81 -4.41 -59.12
C ALA D 319 -35.36 -4.77 -58.84
N GLU D 320 -34.41 -3.95 -59.31
CA GLU D 320 -33.02 -4.23 -59.06
C GLU D 320 -32.71 -3.85 -57.64
N THR D 321 -31.96 -4.69 -56.95
CA THR D 321 -31.66 -4.37 -55.55
C THR D 321 -30.25 -4.65 -55.08
N LEU D 322 -29.71 -3.61 -54.44
CA LEU D 322 -28.39 -3.68 -53.83
C LEU D 322 -27.36 -4.45 -54.58
N HIS D 323 -26.89 -3.84 -55.65
CA HIS D 323 -25.82 -4.36 -56.48
C HIS D 323 -26.13 -5.36 -57.62
N GLY D 324 -27.34 -5.36 -58.14
CA GLY D 324 -27.58 -6.21 -59.30
C GLY D 324 -28.08 -7.63 -59.18
N THR D 325 -29.08 -7.77 -58.35
CA THR D 325 -29.73 -9.04 -58.12
C THR D 325 -31.24 -8.67 -58.19
N VAL D 326 -31.88 -9.12 -59.27
CA VAL D 326 -33.26 -8.77 -59.52
C VAL D 326 -34.41 -9.67 -59.14
N THR D 327 -35.35 -9.16 -58.34
CA THR D 327 -36.51 -9.98 -57.97
C THR D 327 -37.65 -9.79 -58.93
N VAL D 328 -38.25 -10.89 -59.34
CA VAL D 328 -39.40 -10.84 -60.20
C VAL D 328 -40.42 -11.62 -59.41
N GLU D 329 -41.66 -11.17 -59.43
CA GLU D 329 -42.72 -11.91 -58.74
C GLU D 329 -43.68 -12.25 -59.82
N VAL D 330 -44.01 -13.52 -59.94
CA VAL D 330 -44.95 -13.88 -60.97
C VAL D 330 -45.99 -14.87 -60.51
N GLN D 331 -47.13 -14.88 -61.20
CA GLN D 331 -48.18 -15.84 -60.87
C GLN D 331 -48.45 -16.81 -62.01
N TYR D 332 -49.25 -17.80 -61.72
CA TYR D 332 -49.51 -18.85 -62.67
C TYR D 332 -50.91 -19.07 -63.28
N ALA D 333 -50.92 -19.59 -64.51
CA ALA D 333 -52.13 -19.90 -65.27
C ALA D 333 -53.25 -20.13 -64.28
N GLY D 334 -53.25 -21.32 -63.67
CA GLY D 334 -54.27 -21.65 -62.68
C GLY D 334 -54.93 -23.05 -62.67
N THR D 335 -54.15 -24.14 -62.81
CA THR D 335 -54.62 -25.55 -62.79
C THR D 335 -53.38 -26.43 -62.92
N ASP D 336 -52.45 -26.28 -61.98
CA ASP D 336 -51.23 -27.04 -62.08
C ASP D 336 -50.80 -27.60 -60.75
N GLY D 337 -49.78 -28.42 -60.78
CA GLY D 337 -49.31 -28.98 -59.54
C GLY D 337 -47.96 -28.39 -59.24
N PRO D 338 -47.19 -29.11 -58.42
CA PRO D 338 -45.84 -28.72 -58.00
C PRO D 338 -44.91 -28.93 -59.19
N CYS D 339 -44.66 -27.87 -59.95
CA CYS D 339 -43.79 -28.01 -61.09
C CYS D 339 -42.85 -26.81 -61.22
N LYS D 340 -41.70 -27.07 -61.86
CA LYS D 340 -40.68 -26.06 -62.06
C LYS D 340 -41.22 -24.94 -62.91
N VAL D 341 -40.65 -23.75 -62.74
CA VAL D 341 -41.05 -22.61 -63.51
C VAL D 341 -39.79 -22.20 -64.24
N PRO D 342 -39.69 -22.59 -65.52
CA PRO D 342 -38.53 -22.30 -66.37
C PRO D 342 -38.18 -20.84 -66.44
N ALA D 343 -36.89 -20.56 -66.47
CA ALA D 343 -36.45 -19.18 -66.53
C ALA D 343 -34.98 -19.00 -66.80
N GLN D 344 -34.65 -18.59 -68.02
CA GLN D 344 -33.26 -18.36 -68.40
C GLN D 344 -33.16 -16.98 -68.98
N MET D 345 -32.64 -16.06 -68.20
CA MET D 345 -32.47 -14.72 -68.66
C MET D 345 -31.25 -14.82 -69.57
N ALA D 346 -31.39 -14.38 -70.82
CA ALA D 346 -30.29 -14.52 -71.75
C ALA D 346 -29.82 -13.29 -72.48
N VAL D 347 -28.78 -13.53 -73.26
CA VAL D 347 -28.13 -12.55 -74.09
C VAL D 347 -29.14 -12.06 -75.09
N ASP D 348 -29.61 -13.01 -75.89
CA ASP D 348 -30.57 -12.76 -76.93
C ASP D 348 -31.89 -13.52 -76.74
N MET D 349 -32.55 -13.82 -77.86
CA MET D 349 -33.84 -14.49 -77.87
C MET D 349 -33.82 -15.88 -78.51
N GLN D 350 -33.25 -15.99 -79.72
CA GLN D 350 -33.18 -17.26 -80.44
C GLN D 350 -32.17 -18.23 -79.80
N THR D 351 -30.90 -17.83 -79.76
CA THR D 351 -29.82 -18.63 -79.14
C THR D 351 -29.84 -18.42 -77.62
N LEU D 352 -31.04 -18.45 -77.05
CA LEU D 352 -31.22 -18.21 -75.63
C LEU D 352 -30.47 -19.16 -74.73
N THR D 353 -29.14 -19.09 -74.83
CA THR D 353 -28.28 -19.87 -73.96
C THR D 353 -28.52 -19.25 -72.59
N PRO D 354 -28.48 -20.04 -71.51
CA PRO D 354 -28.73 -19.28 -70.28
C PRO D 354 -27.45 -18.62 -69.78
N VAL D 355 -27.44 -17.30 -69.77
CA VAL D 355 -26.28 -16.57 -69.32
C VAL D 355 -26.54 -15.73 -68.09
N GLY D 356 -25.82 -16.04 -67.02
CA GLY D 356 -26.01 -15.32 -65.78
C GLY D 356 -26.27 -16.32 -64.69
N ARG D 357 -26.78 -15.82 -63.58
CA ARG D 357 -27.04 -16.71 -62.47
C ARG D 357 -28.48 -16.72 -62.02
N LEU D 358 -28.81 -17.77 -61.31
CA LEU D 358 -30.14 -17.97 -60.84
C LEU D 358 -30.18 -18.02 -59.32
N ILE D 359 -30.00 -16.88 -58.66
CA ILE D 359 -30.03 -16.92 -57.20
C ILE D 359 -31.08 -17.94 -56.73
N THR D 360 -32.33 -17.68 -57.07
CA THR D 360 -33.46 -18.54 -56.73
C THR D 360 -33.12 -20.05 -56.59
N ALA D 361 -32.28 -20.57 -57.49
CA ALA D 361 -31.91 -21.98 -57.50
C ALA D 361 -33.07 -22.75 -58.17
N ASN D 362 -33.89 -23.42 -57.38
CA ASN D 362 -35.02 -24.12 -57.95
C ASN D 362 -36.30 -23.43 -57.62
N PRO D 363 -36.94 -22.89 -58.64
CA PRO D 363 -38.21 -22.18 -58.58
C PRO D 363 -39.31 -23.16 -58.91
N VAL D 364 -40.24 -23.37 -57.98
CA VAL D 364 -41.30 -24.34 -58.22
C VAL D 364 -42.65 -24.01 -57.60
N ILE D 365 -43.69 -23.96 -58.43
CA ILE D 365 -45.04 -23.67 -57.93
C ILE D 365 -45.32 -24.56 -56.72
N THR D 366 -46.04 -24.03 -55.76
CA THR D 366 -46.40 -24.81 -54.60
C THR D 366 -47.53 -25.62 -55.18
N GLU D 367 -47.78 -26.82 -54.68
CA GLU D 367 -48.87 -27.64 -55.24
C GLU D 367 -50.18 -26.84 -55.14
N SER D 368 -50.39 -25.95 -56.09
CA SER D 368 -51.57 -25.13 -56.09
C SER D 368 -52.31 -25.18 -57.40
N THR D 369 -53.61 -24.96 -57.28
CA THR D 369 -54.51 -24.92 -58.40
C THR D 369 -54.89 -23.47 -58.62
N GLU D 370 -54.19 -22.57 -57.92
CA GLU D 370 -54.46 -21.14 -58.03
C GLU D 370 -53.24 -20.37 -58.52
N ASN D 371 -53.45 -19.17 -59.06
CA ASN D 371 -52.33 -18.36 -59.55
C ASN D 371 -51.33 -18.10 -58.42
N SER D 372 -50.33 -18.96 -58.34
CA SER D 372 -49.30 -18.84 -57.34
C SER D 372 -48.29 -17.79 -57.73
N LYS D 373 -48.23 -16.70 -57.00
CA LYS D 373 -47.26 -15.68 -57.33
C LYS D 373 -45.91 -16.02 -56.71
N MET D 374 -45.12 -16.84 -57.40
CA MET D 374 -43.82 -17.20 -56.85
C MET D 374 -42.80 -16.08 -57.08
N MET D 375 -42.24 -15.60 -55.96
CA MET D 375 -41.25 -14.50 -55.89
C MET D 375 -39.84 -15.03 -55.94
N LEU D 376 -39.12 -14.72 -57.02
CA LEU D 376 -37.81 -15.30 -57.17
C LEU D 376 -36.76 -14.49 -57.85
N GLU D 377 -35.54 -14.69 -57.38
CA GLU D 377 -34.40 -13.95 -57.86
C GLU D 377 -33.63 -14.40 -59.10
N LEU D 378 -32.56 -13.66 -59.38
CA LEU D 378 -31.71 -13.89 -60.55
C LEU D 378 -30.62 -12.83 -60.57
N ASP D 379 -29.44 -13.22 -61.03
CA ASP D 379 -28.28 -12.31 -61.13
C ASP D 379 -27.89 -11.99 -62.59
N PRO D 380 -28.45 -10.92 -63.17
CA PRO D 380 -28.16 -10.54 -64.55
C PRO D 380 -26.71 -10.22 -64.83
N PRO D 381 -26.21 -10.62 -66.01
CA PRO D 381 -24.82 -10.28 -66.25
C PRO D 381 -24.81 -8.83 -66.64
N PHE D 382 -23.84 -8.09 -66.10
CA PHE D 382 -23.63 -6.68 -66.38
C PHE D 382 -24.04 -6.33 -67.82
N GLY D 383 -24.89 -5.33 -67.98
CA GLY D 383 -25.32 -4.95 -69.32
C GLY D 383 -26.80 -5.12 -69.58
N ASP D 384 -27.15 -5.80 -70.67
CA ASP D 384 -28.55 -6.00 -71.10
C ASP D 384 -29.02 -7.43 -71.15
N SER D 385 -29.95 -7.76 -70.27
CA SER D 385 -30.43 -9.13 -70.21
C SER D 385 -31.91 -9.21 -70.52
N TYR D 386 -32.44 -10.43 -70.49
CA TYR D 386 -33.87 -10.63 -70.70
C TYR D 386 -34.43 -11.66 -69.77
N ILE D 387 -34.88 -11.19 -68.61
CA ILE D 387 -35.49 -12.06 -67.63
C ILE D 387 -36.68 -12.70 -68.34
N VAL D 388 -36.46 -13.84 -69.00
CA VAL D 388 -37.52 -14.57 -69.70
C VAL D 388 -37.92 -15.79 -68.89
N ILE D 389 -39.17 -15.81 -68.44
CA ILE D 389 -39.63 -16.90 -67.62
C ILE D 389 -40.89 -17.56 -68.14
N GLY D 390 -40.71 -18.57 -68.99
CA GLY D 390 -41.86 -19.26 -69.54
C GLY D 390 -41.51 -20.46 -70.39
N VAL D 391 -42.56 -21.11 -70.87
CA VAL D 391 -42.43 -22.28 -71.72
C VAL D 391 -41.60 -21.99 -72.94
N GLY D 392 -42.07 -21.03 -73.75
CA GLY D 392 -41.40 -20.63 -74.97
C GLY D 392 -42.33 -20.15 -76.08
N GLU D 393 -43.60 -20.51 -75.94
CA GLU D 393 -44.63 -20.10 -76.88
C GLU D 393 -45.00 -18.72 -76.42
N LYS D 394 -45.13 -18.64 -75.10
CA LYS D 394 -45.46 -17.41 -74.41
C LYS D 394 -44.38 -17.22 -73.38
N LYS D 395 -43.38 -16.49 -73.82
CA LYS D 395 -42.24 -16.15 -72.99
C LYS D 395 -42.59 -14.77 -72.43
N ILE D 396 -42.91 -14.72 -71.16
CA ILE D 396 -43.22 -13.43 -70.56
C ILE D 396 -41.88 -12.69 -70.40
N THR D 397 -41.13 -12.60 -71.49
CA THR D 397 -39.84 -11.95 -71.46
C THR D 397 -39.86 -10.57 -70.75
N HIS D 398 -38.68 -9.96 -70.58
CA HIS D 398 -38.59 -8.64 -69.95
C HIS D 398 -37.28 -8.07 -70.36
N HIS D 399 -37.20 -6.75 -70.49
CA HIS D 399 -35.92 -6.19 -70.85
C HIS D 399 -35.29 -5.69 -69.60
N TRP D 400 -34.13 -6.24 -69.29
CA TRP D 400 -33.41 -5.83 -68.12
C TRP D 400 -32.08 -5.22 -68.47
N HIS D 401 -31.53 -4.48 -67.52
CA HIS D 401 -30.26 -3.83 -67.68
C HIS D 401 -29.48 -3.66 -66.37
N ARG D 402 -28.43 -4.46 -66.18
CA ARG D 402 -27.59 -4.32 -64.99
C ARG D 402 -26.39 -3.43 -65.38
N SER D 403 -26.32 -2.24 -64.79
CA SER D 403 -25.28 -1.23 -65.05
C SER D 403 -23.91 -1.48 -64.45
N GLY D 404 -23.72 -2.66 -63.88
CA GLY D 404 -22.44 -2.93 -63.26
C GLY D 404 -21.48 -3.79 -64.01
N SER D 405 -20.47 -3.16 -64.60
CA SER D 405 -19.42 -3.87 -65.31
C SER D 405 -18.82 -4.82 -64.28
N THR D 406 -17.97 -5.78 -64.67
CA THR D 406 -17.39 -6.70 -63.67
C THR D 406 -16.26 -6.06 -62.89
N ILE D 407 -15.55 -5.16 -63.55
CA ILE D 407 -14.46 -4.47 -62.89
C ILE D 407 -14.98 -3.51 -61.82
N GLY D 408 -16.09 -2.83 -62.13
CA GLY D 408 -16.70 -1.87 -61.21
C GLY D 408 -17.40 -2.53 -60.03
N LYS D 409 -17.46 -3.86 -60.07
CA LYS D 409 -18.06 -4.65 -59.00
C LYS D 409 -16.95 -5.05 -58.04
N ALA D 410 -15.82 -5.50 -58.61
CA ALA D 410 -14.65 -5.92 -57.84
C ALA D 410 -14.09 -4.82 -56.95
N PHE D 411 -14.12 -3.60 -57.47
CA PHE D 411 -13.65 -2.41 -56.75
C PHE D 411 -14.62 -2.07 -55.61
N GLU D 412 -15.92 -2.30 -55.83
CA GLU D 412 -16.96 -2.00 -54.82
C GLU D 412 -17.40 -3.19 -53.94
N ALA D 413 -16.86 -4.38 -54.20
CA ALA D 413 -17.16 -5.53 -53.37
C ALA D 413 -15.85 -5.79 -52.64
N THR D 414 -14.91 -4.84 -52.83
CA THR D 414 -13.58 -4.84 -52.22
C THR D 414 -13.75 -4.19 -50.87
N VAL D 415 -14.76 -3.33 -50.81
CA VAL D 415 -15.11 -2.61 -49.59
C VAL D 415 -16.16 -3.40 -48.78
N ARG D 416 -17.03 -4.14 -49.47
CA ARG D 416 -18.02 -4.98 -48.80
C ARG D 416 -17.19 -5.97 -47.97
N GLY D 417 -15.88 -5.91 -48.15
CA GLY D 417 -14.90 -6.72 -47.44
C GLY D 417 -13.98 -5.80 -46.64
N ALA D 418 -13.79 -4.58 -47.13
CA ALA D 418 -12.95 -3.59 -46.45
C ALA D 418 -13.54 -3.28 -45.08
N LYS D 419 -14.87 -3.14 -45.05
CA LYS D 419 -15.55 -2.85 -43.81
C LYS D 419 -15.82 -4.11 -42.99
N ARG D 420 -16.26 -5.19 -43.64
CA ARG D 420 -16.52 -6.46 -42.92
C ARG D 420 -15.21 -6.99 -42.32
N MET D 421 -14.15 -6.25 -42.57
CA MET D 421 -12.84 -6.58 -42.08
C MET D 421 -12.63 -5.70 -40.86
N ALA D 422 -12.58 -4.39 -41.10
CA ALA D 422 -12.38 -3.39 -40.04
C ALA D 422 -13.55 -3.25 -39.05
N VAL D 423 -14.45 -4.24 -39.02
CA VAL D 423 -15.59 -4.27 -38.10
C VAL D 423 -15.58 -5.66 -37.47
N LEU D 424 -14.85 -6.56 -38.13
CA LEU D 424 -14.69 -7.93 -37.68
C LEU D 424 -13.20 -8.24 -37.48
N GLY D 425 -12.35 -7.20 -37.54
CA GLY D 425 -10.90 -7.35 -37.37
C GLY D 425 -10.26 -8.49 -38.15
N ASP D 426 -10.03 -9.62 -37.47
CA ASP D 426 -9.45 -10.81 -38.07
C ASP D 426 -10.50 -11.93 -38.27
N THR D 427 -11.60 -11.83 -37.54
CA THR D 427 -12.68 -12.80 -37.70
C THR D 427 -13.23 -12.52 -39.12
N ALA D 428 -12.41 -11.85 -39.92
CA ALA D 428 -12.74 -11.48 -41.31
C ALA D 428 -12.19 -12.53 -42.25
N TRP D 429 -11.20 -13.27 -41.78
CA TRP D 429 -10.65 -14.31 -42.59
C TRP D 429 -11.41 -15.53 -42.20
N ASP D 430 -12.68 -15.31 -41.92
CA ASP D 430 -13.56 -16.38 -41.52
C ASP D 430 -14.67 -16.59 -42.55
N PHE D 431 -14.91 -15.59 -43.40
CA PHE D 431 -15.93 -15.73 -44.45
C PHE D 431 -15.37 -16.78 -45.43
N GLY D 432 -14.03 -16.92 -45.40
CA GLY D 432 -13.29 -17.87 -46.24
C GLY D 432 -13.63 -19.30 -45.90
N SER D 433 -14.85 -19.67 -46.28
CA SER D 433 -15.39 -20.99 -46.05
C SER D 433 -14.53 -22.09 -46.70
N VAL D 434 -13.38 -22.40 -46.09
CA VAL D 434 -12.48 -23.42 -46.63
C VAL D 434 -11.25 -23.46 -45.69
N GLY D 435 -10.34 -24.40 -45.92
CA GLY D 435 -9.14 -24.49 -45.09
C GLY D 435 -7.95 -23.98 -45.89
N GLY D 436 -8.21 -23.07 -46.81
CA GLY D 436 -7.17 -22.52 -47.65
C GLY D 436 -5.88 -22.18 -46.93
N ALA D 437 -4.81 -22.02 -47.71
CA ALA D 437 -3.50 -21.68 -47.17
C ALA D 437 -3.53 -20.23 -46.70
N LEU D 438 -4.00 -19.35 -47.58
CA LEU D 438 -4.08 -17.92 -47.28
C LEU D 438 -5.34 -17.51 -46.46
N ASN D 439 -6.40 -18.32 -46.48
CA ASN D 439 -7.59 -17.99 -45.68
C ASN D 439 -7.18 -18.28 -44.26
N SER D 440 -6.28 -19.25 -44.12
CA SER D 440 -5.76 -19.67 -42.83
C SER D 440 -4.58 -18.79 -42.44
N LEU D 441 -3.58 -18.73 -43.31
CA LEU D 441 -2.40 -17.91 -43.06
C LEU D 441 -2.82 -16.50 -42.67
N GLY D 442 -3.92 -16.03 -43.24
CA GLY D 442 -4.40 -14.69 -42.94
C GLY D 442 -4.90 -14.55 -41.54
N LYS D 443 -5.89 -15.35 -41.17
CA LYS D 443 -6.45 -15.31 -39.82
C LYS D 443 -5.27 -15.27 -38.85
N GLY D 444 -4.11 -15.73 -39.32
CA GLY D 444 -2.93 -15.75 -38.48
C GLY D 444 -1.96 -14.60 -38.64
N ILE D 445 -1.63 -14.24 -39.89
CA ILE D 445 -0.71 -13.13 -40.14
C ILE D 445 -1.37 -11.89 -39.54
N HIS D 446 -2.51 -11.48 -40.10
CA HIS D 446 -3.27 -10.33 -39.61
C HIS D 446 -3.97 -10.83 -38.34
N GLN D 447 -3.11 -11.20 -37.39
CA GLN D 447 -3.49 -11.70 -36.07
C GLN D 447 -2.54 -11.01 -35.09
N ILE D 448 -1.23 -11.13 -35.35
CA ILE D 448 -0.21 -10.48 -34.51
C ILE D 448 -0.20 -8.98 -34.86
N PHE D 449 -1.31 -8.56 -35.45
CA PHE D 449 -1.51 -7.17 -35.81
C PHE D 449 -2.80 -6.79 -35.12
N GLY D 450 -3.85 -7.58 -35.35
CA GLY D 450 -5.10 -7.30 -34.69
C GLY D 450 -4.74 -7.15 -33.23
N ALA D 451 -3.79 -7.97 -32.78
CA ALA D 451 -3.33 -7.95 -31.39
C ALA D 451 -2.41 -6.75 -31.09
N ALA D 452 -1.46 -6.48 -31.99
CA ALA D 452 -0.51 -5.38 -31.80
C ALA D 452 -1.18 -4.05 -32.06
N PHE D 453 -1.19 -3.64 -33.33
CA PHE D 453 -1.80 -2.38 -33.73
C PHE D 453 -2.99 -1.97 -32.82
N LYS D 454 -3.80 -2.93 -32.38
CA LYS D 454 -4.95 -2.60 -31.51
C LYS D 454 -4.53 -2.26 -30.09
N SER D 455 -3.65 -3.07 -29.51
CA SER D 455 -3.21 -2.81 -28.16
C SER D 455 -2.61 -1.42 -28.06
N LEU D 456 -1.70 -1.07 -28.97
CA LEU D 456 -1.07 0.26 -28.93
C LEU D 456 -1.83 1.42 -29.56
N PHE D 457 -3.09 1.22 -29.92
CA PHE D 457 -3.92 2.29 -30.52
C PHE D 457 -5.39 2.16 -30.09
N GLY D 458 -5.67 1.26 -29.15
CA GLY D 458 -7.03 1.05 -28.71
C GLY D 458 -7.58 2.08 -27.74
N GLY D 459 -7.33 3.35 -28.04
CA GLY D 459 -7.82 4.39 -27.17
C GLY D 459 -7.82 5.71 -27.90
N MET D 460 -8.84 5.93 -28.71
CA MET D 460 -8.91 7.15 -29.47
C MET D 460 -10.15 7.06 -30.36
N SER D 461 -11.07 7.98 -30.15
CA SER D 461 -12.29 8.00 -30.95
C SER D 461 -11.97 8.47 -32.37
N TRP D 462 -12.98 8.47 -33.23
CA TRP D 462 -12.83 8.87 -34.63
C TRP D 462 -11.75 9.95 -34.80
N PHE D 463 -12.14 11.19 -34.57
CA PHE D 463 -11.23 12.32 -34.68
C PHE D 463 -9.80 11.93 -34.28
N SER D 464 -9.64 11.56 -33.01
CA SER D 464 -8.35 11.21 -32.46
C SER D 464 -7.43 10.34 -33.29
N GLN D 465 -7.96 9.43 -34.11
CA GLN D 465 -7.08 8.57 -34.91
C GLN D 465 -6.68 9.11 -36.27
N ILE D 466 -7.40 10.14 -36.75
CA ILE D 466 -7.06 10.77 -38.02
C ILE D 466 -5.83 11.60 -37.65
N LEU D 467 -6.00 12.32 -36.54
CA LEU D 467 -5.00 13.21 -35.93
C LEU D 467 -3.65 12.53 -35.73
N ILE D 468 -3.65 11.21 -35.77
CA ILE D 468 -2.44 10.40 -35.58
C ILE D 468 -1.99 9.90 -36.95
N GLY D 469 -2.93 9.34 -37.70
CA GLY D 469 -2.62 8.82 -39.01
C GLY D 469 -1.99 9.87 -39.90
N THR D 470 -2.69 10.98 -40.04
CA THR D 470 -2.23 12.09 -40.87
C THR D 470 -0.86 12.56 -40.40
N LEU D 471 -0.61 12.45 -39.11
CA LEU D 471 0.66 12.86 -38.54
C LEU D 471 1.69 11.80 -39.00
N LEU D 472 1.25 10.55 -39.14
CA LEU D 472 2.12 9.44 -39.57
C LEU D 472 2.46 9.48 -41.06
N MET D 473 1.47 9.78 -41.89
CA MET D 473 1.68 9.87 -43.34
C MET D 473 2.69 10.99 -43.65
N TRP D 474 2.76 11.99 -42.77
CA TRP D 474 3.72 13.09 -42.93
C TRP D 474 5.05 12.50 -42.50
N LEU D 475 5.01 11.68 -41.46
CA LEU D 475 6.21 11.02 -40.99
C LEU D 475 6.55 10.07 -42.13
N GLY D 476 5.60 9.97 -43.06
CA GLY D 476 5.76 9.09 -44.20
C GLY D 476 6.89 9.43 -45.17
N LEU D 477 6.54 9.61 -46.43
CA LEU D 477 7.53 9.91 -47.44
C LEU D 477 8.45 11.02 -46.94
N ASN D 478 7.99 11.85 -46.01
CA ASN D 478 8.85 12.93 -45.51
C ASN D 478 9.68 12.53 -44.32
N THR D 479 10.94 12.20 -44.57
CA THR D 479 11.84 11.80 -43.50
C THR D 479 13.23 11.43 -44.04
N LYS D 480 14.16 11.22 -43.11
CA LYS D 480 15.54 10.87 -43.47
C LYS D 480 15.63 9.75 -44.52
N ASN D 481 15.03 8.59 -44.24
CA ASN D 481 15.07 7.49 -45.20
C ASN D 481 13.68 7.06 -45.69
N GLY D 482 13.65 6.11 -46.62
CA GLY D 482 12.39 5.60 -47.14
C GLY D 482 12.31 4.16 -46.65
N SER D 483 13.23 3.82 -45.75
CA SER D 483 13.32 2.49 -45.17
C SER D 483 12.30 2.34 -44.07
N ILE D 484 12.72 2.55 -42.83
CA ILE D 484 11.81 2.41 -41.71
C ILE D 484 10.80 3.57 -41.68
N SER D 485 10.61 4.20 -42.84
CA SER D 485 9.66 5.29 -42.97
C SER D 485 8.58 4.98 -43.99
N LEU D 486 8.53 3.74 -44.41
CA LEU D 486 7.51 3.34 -45.37
C LEU D 486 6.39 2.77 -44.51
N MET D 487 6.77 2.00 -43.49
CA MET D 487 5.81 1.40 -42.57
C MET D 487 5.14 2.45 -41.70
N CYS D 488 5.67 3.67 -41.74
CA CYS D 488 5.11 4.79 -40.97
C CYS D 488 3.90 5.28 -41.75
N LEU D 489 4.11 5.55 -43.04
CA LEU D 489 3.04 6.01 -43.91
C LEU D 489 2.16 4.80 -44.19
N ALA D 490 2.66 3.63 -43.79
CA ALA D 490 1.92 2.40 -43.96
C ALA D 490 0.88 2.30 -42.84
N LEU D 491 1.31 1.92 -41.63
CA LEU D 491 0.36 1.78 -40.52
C LEU D 491 -0.38 3.09 -40.30
N GLY D 492 0.25 4.19 -40.73
CA GLY D 492 -0.39 5.49 -40.59
C GLY D 492 -1.47 5.59 -41.64
N GLY D 493 -1.41 4.70 -42.61
CA GLY D 493 -2.40 4.69 -43.66
C GLY D 493 -3.59 3.89 -43.17
N VAL D 494 -3.39 3.06 -42.16
CA VAL D 494 -4.50 2.26 -41.65
C VAL D 494 -5.44 3.12 -40.84
N LEU D 495 -4.90 3.82 -39.86
CA LEU D 495 -5.66 4.69 -38.99
C LEU D 495 -6.54 5.69 -39.77
N ILE D 496 -5.91 6.45 -40.67
CA ILE D 496 -6.65 7.44 -41.47
C ILE D 496 -7.82 6.69 -42.14
N PHE D 497 -7.54 5.48 -42.61
CA PHE D 497 -8.54 4.64 -43.26
C PHE D 497 -9.62 4.16 -42.29
N LEU D 498 -9.20 3.41 -41.27
CA LEU D 498 -10.10 2.86 -40.27
C LEU D 498 -11.14 3.85 -39.77
N SER D 499 -10.73 5.10 -39.60
CA SER D 499 -11.62 6.16 -39.13
C SER D 499 -12.75 6.45 -40.13
N THR D 500 -12.35 6.63 -41.40
CA THR D 500 -13.30 6.94 -42.46
C THR D 500 -13.95 5.69 -43.04
N ALA D 501 -13.30 4.53 -42.87
CA ALA D 501 -13.79 3.25 -43.41
C ALA D 501 -14.96 2.64 -42.64
N VAL D 502 -15.17 3.11 -41.42
CA VAL D 502 -16.29 2.64 -40.60
C VAL D 502 -17.52 3.48 -40.99
N SER D 503 -17.28 4.75 -41.33
CA SER D 503 -18.33 5.70 -41.74
C SER D 503 -18.91 5.41 -43.14
N ALA D 504 -18.05 5.06 -44.09
CA ALA D 504 -18.45 4.73 -45.46
C ALA D 504 -17.27 4.16 -46.28
N ALA E 1 -20.29 16.14 -11.37
CA ALA E 1 -19.07 15.29 -11.51
C ALA E 1 -17.83 16.11 -11.91
N VAL E 2 -16.68 15.47 -11.79
CA VAL E 2 -15.35 16.01 -12.11
C VAL E 2 -14.99 15.55 -13.51
N THR E 3 -14.10 14.56 -13.52
CA THR E 3 -13.62 13.90 -14.71
C THR E 3 -14.64 12.82 -15.14
N LEU E 4 -14.96 12.81 -16.42
CA LEU E 4 -15.88 11.83 -16.93
C LEU E 4 -15.04 11.10 -17.99
N PRO E 5 -14.89 9.79 -17.89
CA PRO E 5 -14.07 9.22 -18.95
C PRO E 5 -14.90 8.83 -20.14
N SER E 6 -14.32 8.88 -21.34
CA SER E 6 -15.12 8.52 -22.51
C SER E 6 -15.14 7.03 -22.88
N HIS E 7 -16.36 6.55 -23.12
CA HIS E 7 -16.62 5.18 -23.52
C HIS E 7 -16.28 5.22 -25.02
N SER E 8 -15.97 6.44 -25.48
CA SER E 8 -15.56 6.75 -26.87
C SER E 8 -14.25 6.06 -27.14
N THR E 9 -13.30 6.33 -26.25
CA THR E 9 -11.96 5.80 -26.33
C THR E 9 -12.04 4.32 -26.62
N ARG E 10 -12.95 3.64 -25.97
CA ARG E 10 -13.10 2.22 -26.18
C ARG E 10 -14.52 1.93 -26.59
N LYS E 11 -14.80 2.16 -27.88
CA LYS E 11 -16.12 1.90 -28.43
C LYS E 11 -16.29 0.38 -28.65
N LEU E 12 -17.09 -0.02 -29.63
CA LEU E 12 -17.29 -1.46 -29.86
C LEU E 12 -17.63 -1.66 -31.30
N GLN E 13 -16.60 -1.80 -32.12
CA GLN E 13 -16.80 -1.98 -33.54
C GLN E 13 -17.79 -3.04 -33.96
N THR E 14 -18.93 -2.58 -34.44
CA THR E 14 -20.03 -3.41 -34.92
C THR E 14 -20.62 -2.75 -36.15
N ARG E 15 -21.45 -3.47 -36.89
CA ARG E 15 -22.06 -2.88 -38.06
C ARG E 15 -23.18 -1.93 -37.64
N SER E 16 -23.76 -2.15 -36.47
CA SER E 16 -24.83 -1.26 -36.00
C SER E 16 -24.16 -0.02 -35.39
N GLN E 17 -24.71 1.14 -35.72
CA GLN E 17 -24.15 2.39 -35.25
C GLN E 17 -23.96 2.49 -33.73
N THR E 18 -22.93 3.26 -33.37
CA THR E 18 -22.51 3.59 -32.01
C THR E 18 -23.63 4.42 -31.31
N TRP E 19 -23.51 4.67 -30.01
CA TRP E 19 -24.53 5.39 -29.28
C TRP E 19 -24.87 6.63 -30.05
N LEU E 20 -23.89 7.49 -30.23
CA LEU E 20 -24.18 8.72 -30.96
C LEU E 20 -23.02 9.24 -31.80
N GLU E 21 -22.55 8.45 -32.76
CA GLU E 21 -21.47 8.94 -33.60
C GLU E 21 -21.90 10.32 -34.07
N SER E 22 -23.06 10.39 -34.70
CA SER E 22 -23.48 11.70 -35.16
C SER E 22 -23.43 12.61 -33.96
N ARG E 23 -22.97 13.83 -34.21
CA ARG E 23 -22.85 14.83 -33.16
C ARG E 23 -21.60 14.53 -32.36
N GLU E 24 -20.80 13.59 -32.86
CA GLU E 24 -19.56 13.24 -32.19
C GLU E 24 -18.40 14.06 -32.78
N TYR E 25 -18.05 13.77 -34.03
CA TYR E 25 -16.97 14.44 -34.75
C TYR E 25 -17.18 15.95 -34.93
N THR E 26 -18.45 16.37 -34.94
CA THR E 26 -18.78 17.79 -35.09
C THR E 26 -18.52 18.56 -33.78
N LYS E 27 -18.43 17.86 -32.66
CA LYS E 27 -18.20 18.55 -31.39
C LYS E 27 -16.73 18.94 -31.21
N HIS E 28 -15.82 18.01 -31.40
CA HIS E 28 -14.43 18.35 -31.25
C HIS E 28 -14.13 19.54 -32.13
N LEU E 29 -14.63 19.52 -33.37
CA LEU E 29 -14.40 20.65 -34.26
C LEU E 29 -15.01 21.89 -33.56
N ILE E 30 -16.30 21.86 -33.28
CA ILE E 30 -16.97 22.99 -32.62
C ILE E 30 -16.09 23.60 -31.54
N ARG E 31 -15.67 22.78 -30.57
CA ARG E 31 -14.86 23.29 -29.48
C ARG E 31 -13.50 23.89 -29.88
N VAL E 32 -12.64 23.09 -30.50
CA VAL E 32 -11.30 23.52 -30.91
C VAL E 32 -11.19 24.78 -31.81
N GLU E 33 -12.33 25.40 -32.10
CA GLU E 33 -12.38 26.60 -32.95
C GLU E 33 -13.31 27.58 -32.25
N ASN E 34 -14.33 27.05 -31.57
CA ASN E 34 -15.28 27.86 -30.79
C ASN E 34 -14.50 28.27 -29.55
N TRP E 35 -13.20 27.98 -29.59
CA TRP E 35 -12.29 28.33 -28.51
C TRP E 35 -11.42 29.42 -29.06
N ILE E 36 -10.96 29.23 -30.29
CA ILE E 36 -10.09 30.20 -30.93
C ILE E 36 -10.91 31.41 -31.45
N PHE E 37 -12.23 31.28 -31.40
CA PHE E 37 -13.14 32.34 -31.84
C PHE E 37 -13.59 33.13 -30.61
N ARG E 38 -12.91 32.88 -29.49
CA ARG E 38 -13.19 33.52 -28.21
C ARG E 38 -11.87 34.07 -27.65
N ASN E 39 -10.87 33.18 -27.57
CA ASN E 39 -9.54 33.51 -27.07
C ASN E 39 -8.58 33.33 -28.26
N PRO E 40 -8.88 34.01 -29.38
CA PRO E 40 -8.14 33.99 -30.63
C PRO E 40 -6.74 34.49 -30.46
N GLY E 41 -6.58 35.46 -29.57
CA GLY E 41 -5.28 36.02 -29.34
C GLY E 41 -4.23 34.93 -29.18
N PHE E 42 -4.56 33.91 -28.38
CA PHE E 42 -3.67 32.80 -28.11
C PHE E 42 -3.08 32.25 -29.39
N ALA E 43 -3.74 32.57 -30.51
CA ALA E 43 -3.29 32.12 -31.81
C ALA E 43 -1.89 32.67 -32.08
N LEU E 44 -1.83 33.98 -32.36
CA LEU E 44 -0.58 34.69 -32.69
C LEU E 44 0.54 34.41 -31.66
N ALA E 45 0.19 34.41 -30.38
CA ALA E 45 1.15 34.13 -29.32
C ALA E 45 1.52 32.65 -29.41
N ALA E 46 0.52 31.79 -29.30
CA ALA E 46 0.77 30.36 -29.40
C ALA E 46 1.67 30.10 -30.61
N ALA E 47 1.44 30.84 -31.69
CA ALA E 47 2.24 30.67 -32.90
C ALA E 47 3.74 30.89 -32.65
N ALA E 48 4.08 31.97 -31.95
CA ALA E 48 5.48 32.31 -31.65
C ALA E 48 6.25 31.14 -31.07
N ILE E 49 5.71 30.57 -30.01
CA ILE E 49 6.36 29.44 -29.37
C ILE E 49 6.54 28.32 -30.38
N ALA E 50 5.61 28.16 -31.31
CA ALA E 50 5.75 27.11 -32.32
C ALA E 50 6.93 27.40 -33.23
N TRP E 51 7.42 28.65 -33.19
CA TRP E 51 8.57 29.12 -33.98
C TRP E 51 9.85 28.76 -33.24
N LEU E 52 9.84 28.98 -31.92
CA LEU E 52 10.98 28.70 -31.07
C LEU E 52 11.18 27.19 -30.84
N LEU E 53 11.31 26.41 -31.91
CA LEU E 53 11.56 24.98 -31.76
C LEU E 53 12.59 24.51 -32.81
N GLY E 54 12.49 23.28 -33.29
CA GLY E 54 13.44 22.78 -34.29
C GLY E 54 13.27 23.49 -35.62
N SER E 55 12.49 24.56 -35.57
CA SER E 55 12.11 25.44 -36.68
C SER E 55 12.26 24.83 -38.07
N SER E 56 12.13 23.51 -38.17
CA SER E 56 12.23 22.87 -39.47
C SER E 56 11.00 23.43 -40.21
N THR E 57 11.20 23.86 -41.45
CA THR E 57 10.09 24.43 -42.23
C THR E 57 8.97 23.41 -42.48
N SER E 58 9.12 22.27 -41.81
CA SER E 58 8.18 21.16 -41.87
C SER E 58 8.01 20.59 -40.45
N GLN E 59 8.67 21.24 -39.49
CA GLN E 59 8.61 20.84 -38.07
C GLN E 59 7.88 21.89 -37.28
N LYS E 60 8.34 23.14 -37.40
CA LYS E 60 7.66 24.23 -36.72
C LYS E 60 6.22 23.94 -37.10
N VAL E 61 6.07 23.49 -38.33
CA VAL E 61 4.78 23.11 -38.90
C VAL E 61 3.96 22.35 -37.86
N ILE E 62 4.45 21.18 -37.47
CA ILE E 62 3.74 20.37 -36.50
C ILE E 62 3.55 21.18 -35.21
N TYR E 63 4.64 21.45 -34.48
CA TYR E 63 4.54 22.20 -33.24
C TYR E 63 3.44 23.24 -33.17
N LEU E 64 3.31 24.03 -34.23
CA LEU E 64 2.27 25.04 -34.26
C LEU E 64 0.95 24.35 -33.96
N VAL E 65 0.73 23.21 -34.60
CA VAL E 65 -0.50 22.49 -34.36
C VAL E 65 -0.56 21.89 -32.97
N MET E 66 0.54 21.29 -32.51
CA MET E 66 0.56 20.66 -31.19
C MET E 66 0.10 21.57 -30.06
N ILE E 67 0.34 22.86 -30.21
CA ILE E 67 -0.03 23.83 -29.20
C ILE E 67 -1.49 24.25 -29.31
N LEU E 68 -1.92 24.66 -30.50
CA LEU E 68 -3.30 25.07 -30.68
C LEU E 68 -4.26 23.92 -30.48
N LEU E 69 -3.77 22.68 -30.62
CA LEU E 69 -4.60 21.49 -30.46
C LEU E 69 -4.87 21.17 -29.00
N ILE E 70 -3.90 21.51 -28.17
CA ILE E 70 -3.95 21.25 -26.73
C ILE E 70 -4.66 22.34 -25.92
N ALA E 71 -4.29 23.60 -26.14
CA ALA E 71 -4.90 24.73 -25.43
C ALA E 71 -6.39 24.57 -25.26
N PRO E 72 -7.11 24.44 -26.38
CA PRO E 72 -8.55 24.28 -26.49
C PRO E 72 -9.17 23.28 -25.56
N ALA E 73 -8.53 22.12 -25.53
CA ALA E 73 -9.05 21.06 -24.72
C ALA E 73 -8.14 20.72 -23.54
N TYR E 74 -7.84 21.73 -22.72
CA TYR E 74 -7.10 21.57 -21.47
C TYR E 74 -6.08 20.42 -21.25
N SER E 75 -5.23 20.05 -22.21
CA SER E 75 -4.28 18.95 -21.93
C SER E 75 -3.03 18.89 -22.80
N ALA F 1 14.72 -0.57 26.32
CA ALA F 1 13.63 0.23 25.75
C ALA F 1 13.61 -0.08 24.28
N VAL F 2 14.67 0.34 23.57
CA VAL F 2 14.77 0.03 22.12
C VAL F 2 14.72 -1.43 21.86
N THR F 3 13.78 -1.86 21.01
CA THR F 3 13.68 -3.29 20.65
C THR F 3 14.31 -3.25 19.28
N LEU F 4 15.62 -3.44 19.28
CA LEU F 4 16.45 -3.39 18.06
C LEU F 4 16.28 -4.60 17.11
N PRO F 5 15.60 -5.68 17.55
CA PRO F 5 15.50 -6.76 16.57
C PRO F 5 14.63 -6.36 15.35
N SER F 6 14.92 -6.92 14.19
CA SER F 6 14.14 -6.58 13.02
C SER F 6 14.02 -7.84 12.20
N HIS F 7 13.24 -8.78 12.69
CA HIS F 7 13.08 -10.04 11.99
C HIS F 7 12.76 -9.89 10.53
N SER F 8 12.14 -8.78 10.18
CA SER F 8 11.78 -8.51 8.81
C SER F 8 13.08 -8.46 8.02
N THR F 9 14.18 -8.65 8.76
CA THR F 9 15.49 -8.67 8.15
C THR F 9 15.75 -10.11 7.81
N ARG F 10 15.40 -10.98 8.74
CA ARG F 10 15.56 -12.42 8.55
C ARG F 10 14.27 -13.04 8.04
N LYS F 11 13.85 -12.65 6.85
CA LYS F 11 12.62 -13.20 6.30
C LYS F 11 12.69 -14.68 6.00
N LEU F 12 11.52 -15.29 6.03
CA LEU F 12 11.35 -16.71 5.73
C LEU F 12 10.62 -16.67 4.37
N GLN F 13 10.99 -17.53 3.43
CA GLN F 13 10.31 -17.49 2.13
C GLN F 13 9.33 -18.60 1.92
N THR F 14 8.06 -18.32 2.11
CA THR F 14 7.06 -19.34 1.90
C THR F 14 5.83 -18.80 1.20
N ARG F 15 4.91 -19.70 0.94
CA ARG F 15 3.66 -19.34 0.31
C ARG F 15 2.75 -18.77 1.37
N SER F 16 3.22 -17.68 1.98
CA SER F 16 2.46 -16.97 2.99
C SER F 16 3.02 -15.60 3.35
N GLN F 17 2.16 -14.85 4.02
CA GLN F 17 2.45 -13.53 4.48
C GLN F 17 3.39 -13.60 5.67
N THR F 18 4.55 -12.97 5.55
CA THR F 18 5.48 -12.98 6.66
C THR F 18 4.89 -12.01 7.70
N TRP F 19 4.11 -12.57 8.64
CA TRP F 19 3.40 -11.85 9.71
C TRP F 19 2.75 -10.53 9.32
N LEU F 20 3.39 -9.42 9.66
CA LEU F 20 2.88 -8.09 9.36
C LEU F 20 3.66 -7.60 8.15
N GLU F 21 3.33 -8.16 7.00
CA GLU F 21 4.02 -7.86 5.76
C GLU F 21 3.30 -6.79 4.96
N SER F 22 1.98 -6.81 5.07
CA SER F 22 1.13 -5.87 4.37
C SER F 22 1.84 -4.54 4.17
N ARG F 23 2.00 -3.79 5.25
CA ARG F 23 2.64 -2.48 5.21
C ARG F 23 4.12 -2.52 5.54
N GLU F 24 4.80 -3.59 5.15
CA GLU F 24 6.22 -3.69 5.42
C GLU F 24 6.91 -2.74 4.44
N TYR F 25 6.94 -3.17 3.19
CA TYR F 25 7.57 -2.44 2.11
C TYR F 25 7.33 -0.95 2.06
N THR F 26 6.22 -0.50 2.64
CA THR F 26 5.90 0.91 2.64
C THR F 26 6.51 1.65 3.84
N LYS F 27 6.34 1.09 5.03
CA LYS F 27 6.83 1.72 6.24
C LYS F 27 8.17 2.39 6.10
N HIS F 28 9.24 1.62 5.99
CA HIS F 28 10.56 2.21 5.87
C HIS F 28 10.59 3.56 5.18
N LEU F 29 9.63 3.80 4.28
CA LEU F 29 9.57 5.04 3.53
C LEU F 29 8.90 6.19 4.26
N ILE F 30 7.59 6.07 4.43
CA ILE F 30 6.81 7.12 5.09
C ILE F 30 7.47 7.70 6.34
N ARG F 31 8.59 7.15 6.80
CA ARG F 31 9.25 7.70 7.99
C ARG F 31 10.42 8.54 7.54
N VAL F 32 10.66 8.53 6.24
CA VAL F 32 11.72 9.33 5.63
C VAL F 32 11.02 10.60 5.17
N GLU F 33 9.69 10.51 5.06
CA GLU F 33 8.84 11.63 4.65
C GLU F 33 8.41 12.34 5.91
N ASN F 34 8.00 11.56 6.90
CA ASN F 34 7.59 12.15 8.15
C ASN F 34 8.79 12.89 8.69
N TRP F 35 10.00 12.54 8.20
CA TRP F 35 11.22 13.21 8.65
C TRP F 35 11.48 14.50 7.87
N ILE F 36 11.79 14.35 6.60
CA ILE F 36 12.08 15.53 5.80
C ILE F 36 11.00 16.64 5.85
N PHE F 37 9.71 16.31 5.69
CA PHE F 37 8.65 17.35 5.73
C PHE F 37 8.71 18.18 6.99
N ARG F 38 9.00 17.55 8.10
CA ARG F 38 9.09 18.23 9.38
C ARG F 38 10.51 18.81 9.55
N ASN F 39 11.43 18.44 8.65
CA ASN F 39 12.80 18.94 8.72
C ASN F 39 13.25 19.37 7.33
N PRO F 40 12.40 20.15 6.61
CA PRO F 40 12.76 20.61 5.27
C PRO F 40 14.14 21.24 5.20
N GLY F 41 14.58 21.78 6.33
CA GLY F 41 15.88 22.41 6.36
C GLY F 41 16.94 21.50 5.78
N PHE F 42 17.11 20.31 6.36
CA PHE F 42 18.15 19.39 5.90
C PHE F 42 18.13 19.11 4.41
N ALA F 43 17.05 19.50 3.76
CA ALA F 43 16.93 19.28 2.32
C ALA F 43 18.19 19.76 1.59
N LEU F 44 18.43 21.07 1.59
CA LEU F 44 19.59 21.66 0.91
C LEU F 44 20.89 21.34 1.61
N ALA F 45 20.80 21.06 2.89
CA ALA F 45 21.96 20.73 3.67
C ALA F 45 22.76 19.63 2.97
N ALA F 46 22.16 18.45 2.88
CA ALA F 46 22.80 17.31 2.23
C ALA F 46 22.91 17.48 0.72
N ALA F 47 22.65 18.69 0.23
CA ALA F 47 22.74 18.97 -1.21
C ALA F 47 24.20 19.28 -1.59
N ALA F 48 24.89 20.01 -0.72
CA ALA F 48 26.28 20.36 -0.95
C ALA F 48 27.14 19.53 0.00
N ILE F 49 26.63 19.29 1.21
CA ILE F 49 27.35 18.48 2.18
C ILE F 49 27.81 17.25 1.38
N ALA F 50 26.98 16.88 0.41
CA ALA F 50 27.24 15.76 -0.47
C ALA F 50 27.95 16.27 -1.73
N TRP F 51 27.33 17.22 -2.42
CA TRP F 51 27.90 17.80 -3.64
C TRP F 51 29.40 17.96 -3.43
N LEU F 52 29.76 18.62 -2.34
CA LEU F 52 31.15 18.79 -1.99
C LEU F 52 31.69 17.40 -1.72
N LEU F 53 32.76 17.07 -2.42
CA LEU F 53 33.39 15.77 -2.30
C LEU F 53 32.48 14.64 -2.72
N GLY F 54 31.85 14.84 -3.87
CA GLY F 54 30.98 13.84 -4.48
C GLY F 54 31.92 13.35 -5.57
N SER F 55 32.76 14.27 -6.02
CA SER F 55 33.77 14.03 -7.04
C SER F 55 33.26 13.44 -8.36
N SER F 56 32.00 13.71 -8.70
CA SER F 56 31.42 13.19 -9.95
C SER F 56 30.05 13.70 -10.33
N THR F 57 29.64 13.34 -11.55
CA THR F 57 28.35 13.72 -12.09
C THR F 57 27.30 13.10 -11.20
N SER F 58 27.19 11.79 -11.36
CA SER F 58 26.22 11.00 -10.64
C SER F 58 26.55 10.84 -9.17
N GLN F 59 27.81 10.57 -8.86
CA GLN F 59 28.22 10.38 -7.48
C GLN F 59 27.56 11.38 -6.57
N LYS F 60 27.41 12.61 -7.03
CA LYS F 60 26.77 13.62 -6.20
C LYS F 60 25.50 13.01 -5.60
N VAL F 61 24.68 12.43 -6.48
CA VAL F 61 23.42 11.84 -6.06
C VAL F 61 23.60 10.65 -5.11
N ILE F 62 24.37 9.65 -5.53
CA ILE F 62 24.59 8.48 -4.69
C ILE F 62 25.16 8.85 -3.31
N TYR F 63 25.26 10.14 -3.08
CA TYR F 63 25.73 10.68 -1.83
C TYR F 63 24.51 11.35 -1.29
N LEU F 64 24.16 12.46 -1.94
CA LEU F 64 22.99 13.27 -1.61
C LEU F 64 21.83 12.36 -1.19
N VAL F 65 21.76 11.20 -1.82
CA VAL F 65 20.72 10.22 -1.55
C VAL F 65 21.14 9.28 -0.42
N MET F 66 22.35 8.73 -0.49
CA MET F 66 22.78 7.82 0.57
C MET F 66 23.10 8.53 1.88
N ILE F 67 22.72 9.81 1.95
CA ILE F 67 22.88 10.66 3.12
C ILE F 67 21.49 10.87 3.63
N LEU F 68 20.62 11.27 2.72
CA LEU F 68 19.23 11.48 3.04
C LEU F 68 18.59 10.13 3.31
N LEU F 69 19.43 9.17 3.68
CA LEU F 69 18.97 7.83 3.99
C LEU F 69 19.55 7.40 5.33
N ILE F 70 20.29 8.32 5.94
CA ILE F 70 20.90 8.12 7.23
C ILE F 70 20.08 8.98 8.16
N ALA F 71 20.14 10.29 7.92
CA ALA F 71 19.42 11.25 8.72
C ALA F 71 18.05 10.76 9.12
N PRO F 72 17.27 10.28 8.16
CA PRO F 72 15.95 9.81 8.54
C PRO F 72 15.96 8.71 9.58
N ALA F 73 16.90 7.79 9.45
CA ALA F 73 16.95 6.70 10.41
C ALA F 73 17.91 6.98 11.55
N TYR F 74 19.19 6.73 11.31
CA TYR F 74 20.18 6.94 12.36
C TYR F 74 20.36 8.36 12.73
N SER F 75 19.32 8.85 13.38
CA SER F 75 19.24 10.21 13.83
C SER F 75 17.85 10.42 14.43
#